data_8QD1
#
_entry.id   8QD1
#
_cell.length_a   85.830
_cell.length_b   108.480
_cell.length_c   91.890
_cell.angle_alpha   90.00
_cell.angle_beta   90.03
_cell.angle_gamma   90.00
#
_symmetry.space_group_name_H-M   'P 1 21 1'
#
loop_
_entity.id
_entity.type
_entity.pdbx_description
1 polymer 'Pigment biosynthesis protein yellowish-green 1'
2 water water
#
_entity_poly.entity_id   1
_entity_poly.type   'polypeptide(L)'
_entity_poly.pdbx_seq_one_letter_code
;MRGSHHHHHHENLYFQGSPRWILGDKFDTVFPHKGSLKVLWESRWKFACSKSVYPFHDGSIEDFEPIFNHLISKNINDAA
SDEYTQAFLPTASALEEKAAQALQAGKHEEASNLLCRAAVVYRISRFPYVDITKPNSIKRVAFERQKQAYLKATSLWTQP
IREVTVPHTYRTGNDGAHIPIYIRTPAGADQSNPVPIVLIMTGLDGYRPDNSQRTHEILARGWAAVVAEIPGTADCPADP
ADPASPDRLWDSVLSYLDQRPELNTAKMVVWGLSAGGYYAIRAAHTHRDRLLGAIAHGPGCHYYLDPEWLAKVNDHEYPF
EITAAWATKHGYKTVEEFVAGAQKKFSLVETGIVDQPSCRLLLLNGVDDGVVPIEDCLVLFEHGSPKEGRFYKGLPHMGY
PNSLPVSYEWLEQVLASPSKTKN
;
_entity_poly.pdbx_strand_id   A,B,C,D
#
# COMPACT_ATOMS: atom_id res chain seq x y z
N ARG A 20 -2.82 -17.82 13.05
CA ARG A 20 -3.11 -16.43 13.54
C ARG A 20 -2.33 -15.40 12.71
N TRP A 21 -1.26 -15.80 12.04
CA TRP A 21 -0.33 -14.90 11.30
C TRP A 21 -0.31 -15.27 9.81
N ILE A 22 -0.05 -14.29 8.93
CA ILE A 22 0.06 -14.49 7.46
C ILE A 22 1.21 -15.46 7.16
N LEU A 23 2.27 -15.43 7.97
CA LEU A 23 3.40 -16.39 7.94
C LEU A 23 2.86 -17.83 7.98
N GLY A 24 1.71 -18.04 8.62
CA GLY A 24 0.96 -19.31 8.61
C GLY A 24 1.66 -20.39 9.41
N ASP A 25 1.68 -21.62 8.87
CA ASP A 25 2.26 -22.81 9.55
C ASP A 25 3.76 -22.57 9.83
N LYS A 26 4.45 -21.81 8.98
CA LYS A 26 5.90 -21.51 9.11
C LYS A 26 6.17 -20.78 10.43
N PHE A 27 5.18 -20.08 10.99
CA PHE A 27 5.24 -19.46 12.34
C PHE A 27 5.67 -20.51 13.38
N ASP A 28 5.17 -21.74 13.26
CA ASP A 28 5.38 -22.81 14.26
C ASP A 28 6.60 -23.66 13.91
N THR A 29 7.22 -23.45 12.75
CA THR A 29 8.46 -24.14 12.32
C THR A 29 9.61 -23.68 13.22
N VAL A 30 10.35 -24.64 13.80
CA VAL A 30 11.67 -24.39 14.44
C VAL A 30 12.73 -24.49 13.32
N PHE A 31 13.35 -23.37 12.97
CA PHE A 31 14.29 -23.28 11.82
C PHE A 31 15.54 -24.09 12.18
N PRO A 32 16.16 -24.78 11.19
CA PRO A 32 17.20 -25.77 11.47
C PRO A 32 18.49 -25.19 12.05
N HIS A 33 18.75 -23.90 11.82
CA HIS A 33 19.98 -23.18 12.27
C HIS A 33 19.86 -22.70 13.73
N LYS A 34 18.68 -22.87 14.36
CA LYS A 34 18.47 -22.42 15.76
C LYS A 34 19.43 -23.16 16.68
N GLY A 35 20.26 -22.42 17.43
CA GLY A 35 21.28 -22.94 18.35
C GLY A 35 22.40 -23.69 17.64
N SER A 36 22.51 -23.56 16.31
CA SER A 36 23.49 -24.31 15.47
C SER A 36 24.19 -23.37 14.50
N LEU A 37 25.38 -22.88 14.89
CA LEU A 37 26.25 -22.03 14.02
C LEU A 37 26.69 -22.85 12.80
N LYS A 38 26.92 -24.15 12.97
CA LYS A 38 27.28 -25.10 11.87
C LYS A 38 26.22 -24.99 10.75
N VAL A 39 24.95 -25.18 11.09
CA VAL A 39 23.81 -25.16 10.12
C VAL A 39 23.67 -23.74 9.55
N LEU A 40 23.77 -22.70 10.39
CA LEU A 40 23.70 -21.29 9.94
C LEU A 40 24.73 -21.09 8.81
N TRP A 41 25.99 -21.46 9.06
CA TRP A 41 27.10 -21.33 8.09
C TRP A 41 26.82 -22.19 6.86
N GLU A 42 26.63 -23.50 7.05
CA GLU A 42 26.60 -24.49 5.94
C GLU A 42 25.37 -24.28 5.05
N SER A 43 24.27 -23.72 5.58
CA SER A 43 22.96 -23.66 4.88
C SER A 43 22.62 -22.26 4.36
N ARG A 44 23.22 -21.19 4.91
N ARG A 44 23.25 -21.20 4.88
CA ARG A 44 22.86 -19.79 4.56
CA ARG A 44 22.85 -19.79 4.60
C ARG A 44 24.11 -18.90 4.48
C ARG A 44 24.07 -18.87 4.51
N TRP A 45 24.83 -18.74 5.59
CA TRP A 45 25.89 -17.70 5.72
C TRP A 45 27.07 -17.97 4.77
N LYS A 46 27.47 -19.24 4.60
CA LYS A 46 28.56 -19.60 3.64
C LYS A 46 28.22 -19.00 2.26
N PHE A 47 26.97 -19.12 1.83
CA PHE A 47 26.48 -18.69 0.49
C PHE A 47 26.41 -17.16 0.43
N ALA A 48 25.88 -16.52 1.49
CA ALA A 48 25.79 -15.04 1.61
C ALA A 48 27.19 -14.45 1.53
N CYS A 49 28.15 -15.08 2.22
CA CYS A 49 29.58 -14.71 2.26
C CYS A 49 30.18 -14.87 0.85
N SER A 50 30.00 -16.04 0.23
CA SER A 50 30.44 -16.36 -1.15
C SER A 50 29.94 -15.29 -2.12
N LYS A 51 28.68 -14.86 -2.00
CA LYS A 51 28.01 -13.88 -2.90
C LYS A 51 28.34 -12.44 -2.48
N SER A 52 28.97 -12.25 -1.32
CA SER A 52 29.27 -10.92 -0.72
C SER A 52 28.00 -10.08 -0.62
N VAL A 53 26.94 -10.66 -0.03
CA VAL A 53 25.65 -9.97 0.25
C VAL A 53 25.41 -10.00 1.77
N TYR A 54 24.53 -9.13 2.25
CA TYR A 54 24.24 -8.92 3.69
C TYR A 54 24.15 -10.28 4.40
N PRO A 55 24.80 -10.48 5.58
CA PRO A 55 25.59 -9.44 6.26
C PRO A 55 27.08 -9.35 5.86
N PHE A 56 27.48 -10.01 4.78
CA PHE A 56 28.90 -10.15 4.35
C PHE A 56 29.22 -9.21 3.18
N HIS A 57 28.40 -8.17 3.00
CA HIS A 57 28.65 -7.19 1.93
C HIS A 57 30.02 -6.55 2.22
N ASP A 58 30.83 -6.34 1.16
CA ASP A 58 32.21 -5.77 1.10
C ASP A 58 33.22 -6.82 1.55
N GLY A 59 32.74 -8.03 1.84
CA GLY A 59 33.56 -9.09 2.46
C GLY A 59 34.00 -10.15 1.47
N SER A 60 34.88 -11.06 1.89
CA SER A 60 35.47 -12.14 1.06
C SER A 60 35.44 -13.46 1.85
N ILE A 61 34.98 -14.53 1.21
CA ILE A 61 34.90 -15.92 1.76
C ILE A 61 36.27 -16.36 2.28
N GLU A 62 37.37 -15.98 1.61
CA GLU A 62 38.75 -16.37 2.01
C GLU A 62 39.02 -15.94 3.46
N ASP A 63 38.42 -14.82 3.90
CA ASP A 63 38.63 -14.26 5.27
C ASP A 63 37.82 -15.04 6.30
N PHE A 64 36.66 -15.60 5.92
CA PHE A 64 35.65 -16.16 6.86
C PHE A 64 35.67 -17.69 6.93
N GLU A 65 35.99 -18.38 5.83
CA GLU A 65 35.94 -19.87 5.79
C GLU A 65 36.80 -20.43 6.93
N PRO A 66 38.05 -19.95 7.14
CA PRO A 66 38.89 -20.47 8.22
C PRO A 66 38.28 -20.20 9.61
N ILE A 67 37.67 -19.03 9.81
CA ILE A 67 37.08 -18.62 11.12
C ILE A 67 35.91 -19.55 11.47
N PHE A 68 34.98 -19.77 10.53
CA PHE A 68 33.77 -20.59 10.77
C PHE A 68 34.16 -22.06 10.92
N ASN A 69 35.15 -22.53 10.15
CA ASN A 69 35.74 -23.88 10.31
C ASN A 69 36.22 -24.05 11.76
N HIS A 70 36.89 -23.04 12.31
CA HIS A 70 37.38 -23.02 13.72
C HIS A 70 36.19 -23.07 14.68
N LEU A 71 35.22 -22.16 14.52
CA LEU A 71 34.01 -22.08 15.39
C LEU A 71 33.26 -23.41 15.38
N ILE A 72 33.13 -24.05 14.21
CA ILE A 72 32.38 -25.32 14.02
C ILE A 72 33.13 -26.45 14.73
N SER A 73 34.45 -26.51 14.57
CA SER A 73 35.33 -27.55 15.20
C SER A 73 35.26 -27.45 16.73
N LYS A 74 35.12 -26.23 17.27
CA LYS A 74 35.07 -25.94 18.73
C LYS A 74 33.62 -26.02 19.25
N ASN A 75 32.65 -26.29 18.37
CA ASN A 75 31.20 -26.33 18.67
C ASN A 75 30.78 -25.05 19.41
N ILE A 76 31.25 -23.89 18.94
CA ILE A 76 30.82 -22.54 19.42
C ILE A 76 29.55 -22.16 18.65
N ASN A 77 28.43 -21.95 19.36
CA ASN A 77 27.09 -21.67 18.77
C ASN A 77 26.57 -20.30 19.25
N ASP A 78 26.94 -19.86 20.45
CA ASP A 78 26.43 -18.63 21.10
C ASP A 78 27.23 -17.42 20.59
N ALA A 79 26.67 -16.67 19.64
CA ALA A 79 27.29 -15.46 19.05
C ALA A 79 27.61 -14.42 20.14
N ALA A 80 26.82 -14.40 21.22
CA ALA A 80 26.97 -13.43 22.35
C ALA A 80 28.21 -13.75 23.19
N SER A 81 28.80 -14.93 23.04
CA SER A 81 29.98 -15.40 23.82
C SER A 81 31.27 -14.76 23.29
N ASP A 82 32.26 -14.57 24.17
CA ASP A 82 33.59 -14.00 23.83
C ASP A 82 34.36 -14.97 22.91
N GLU A 83 34.12 -16.27 23.07
CA GLU A 83 34.79 -17.34 22.29
C GLU A 83 34.45 -17.16 20.81
N TYR A 84 33.23 -16.71 20.51
CA TYR A 84 32.76 -16.38 19.14
C TYR A 84 33.54 -15.17 18.62
N THR A 85 33.46 -14.04 19.32
CA THR A 85 34.01 -12.74 18.86
C THR A 85 35.52 -12.83 18.64
N GLN A 86 36.25 -13.49 19.56
CA GLN A 86 37.74 -13.51 19.56
C GLN A 86 38.27 -14.32 18.38
N ALA A 87 37.46 -15.24 17.83
CA ALA A 87 37.84 -16.12 16.69
C ALA A 87 38.15 -15.26 15.45
N PHE A 88 37.60 -14.05 15.38
CA PHE A 88 37.64 -13.15 14.20
C PHE A 88 38.85 -12.21 14.27
N LEU A 89 39.33 -11.89 15.47
CA LEU A 89 40.20 -10.71 15.71
C LEU A 89 41.56 -10.87 15.04
N PRO A 90 42.27 -12.01 15.15
CA PRO A 90 43.55 -12.18 14.47
C PRO A 90 43.46 -11.96 12.94
N THR A 91 42.43 -12.50 12.29
CA THR A 91 42.18 -12.33 10.84
C THR A 91 42.08 -10.83 10.51
N ALA A 92 41.29 -10.09 11.29
CA ALA A 92 41.08 -8.63 11.12
C ALA A 92 42.44 -7.91 11.22
N SER A 93 43.25 -8.25 12.22
CA SER A 93 44.61 -7.67 12.46
C SER A 93 45.52 -7.94 11.25
N ALA A 94 45.50 -9.17 10.74
CA ALA A 94 46.31 -9.61 9.58
C ALA A 94 45.94 -8.78 8.35
N LEU A 95 44.65 -8.53 8.14
CA LEU A 95 44.15 -7.71 7.00
C LEU A 95 44.61 -6.25 7.18
N GLU A 96 44.57 -5.72 8.40
CA GLU A 96 45.03 -4.35 8.72
C GLU A 96 46.53 -4.23 8.39
N GLU A 97 47.34 -5.23 8.73
CA GLU A 97 48.80 -5.22 8.44
C GLU A 97 49.02 -5.32 6.92
N LYS A 98 48.26 -6.18 6.23
CA LYS A 98 48.34 -6.32 4.74
C LYS A 98 48.01 -4.96 4.10
N ALA A 99 47.00 -4.25 4.63
CA ALA A 99 46.58 -2.91 4.15
C ALA A 99 47.74 -1.91 4.32
N ALA A 100 48.37 -1.91 5.50
CA ALA A 100 49.54 -1.07 5.85
C ALA A 100 50.67 -1.31 4.84
N GLN A 101 50.93 -2.57 4.48
CA GLN A 101 51.97 -2.98 3.49
C GLN A 101 51.56 -2.45 2.10
N ALA A 102 50.30 -2.63 1.71
CA ALA A 102 49.73 -2.13 0.43
C ALA A 102 49.92 -0.61 0.35
N LEU A 103 49.55 0.09 1.42
CA LEU A 103 49.61 1.57 1.53
C LEU A 103 51.07 2.05 1.43
N GLN A 104 52.00 1.29 2.02
CA GLN A 104 53.46 1.58 1.98
C GLN A 104 53.95 1.56 0.52
N ALA A 105 53.41 0.64 -0.29
CA ALA A 105 53.76 0.44 -1.71
C ALA A 105 52.99 1.40 -2.63
N GLY A 106 52.15 2.26 -2.05
CA GLY A 106 51.35 3.24 -2.81
C GLY A 106 50.16 2.62 -3.53
N LYS A 107 49.77 1.41 -3.13
CA LYS A 107 48.60 0.67 -3.67
C LYS A 107 47.36 1.02 -2.83
N HIS A 108 46.79 2.20 -3.06
CA HIS A 108 45.68 2.77 -2.25
C HIS A 108 44.41 1.94 -2.42
N GLU A 109 44.08 1.53 -3.66
CA GLU A 109 42.89 0.70 -3.98
C GLU A 109 42.95 -0.62 -3.19
N GLU A 110 44.08 -1.32 -3.26
CA GLU A 110 44.30 -2.61 -2.55
C GLU A 110 44.19 -2.38 -1.03
N ALA A 111 44.78 -1.30 -0.51
CA ALA A 111 44.76 -0.95 0.94
C ALA A 111 43.30 -0.72 1.37
N SER A 112 42.55 0.07 0.62
CA SER A 112 41.12 0.37 0.85
C SER A 112 40.33 -0.95 0.94
N ASN A 113 40.51 -1.82 -0.06
CA ASN A 113 39.77 -3.11 -0.18
C ASN A 113 40.09 -4.00 1.04
N LEU A 114 41.36 -4.05 1.45
CA LEU A 114 41.83 -4.87 2.60
C LEU A 114 41.21 -4.34 3.89
N LEU A 115 41.19 -3.03 4.10
CA LEU A 115 40.62 -2.39 5.32
C LEU A 115 39.09 -2.63 5.36
N CYS A 116 38.41 -2.55 4.21
CA CYS A 116 36.96 -2.85 4.12
C CYS A 116 36.71 -4.31 4.53
N ARG A 117 37.55 -5.23 4.07
CA ARG A 117 37.48 -6.68 4.40
C ARG A 117 37.65 -6.86 5.92
N ALA A 118 38.61 -6.15 6.54
CA ALA A 118 38.83 -6.16 8.00
C ALA A 118 37.58 -5.67 8.72
N ALA A 119 36.95 -4.61 8.19
CA ALA A 119 35.71 -4.02 8.74
C ALA A 119 34.58 -5.06 8.75
N VAL A 120 34.46 -5.87 7.70
CA VAL A 120 33.39 -6.92 7.60
C VAL A 120 33.70 -8.02 8.62
N VAL A 121 34.97 -8.40 8.77
CA VAL A 121 35.40 -9.41 9.78
C VAL A 121 34.98 -8.90 11.18
N TYR A 122 35.22 -7.62 11.49
CA TYR A 122 34.81 -7.00 12.77
C TYR A 122 33.27 -7.02 12.88
N ARG A 123 32.58 -6.66 11.80
CA ARG A 123 31.10 -6.60 11.71
C ARG A 123 30.50 -7.95 12.13
N ILE A 124 30.98 -9.05 11.55
CA ILE A 124 30.41 -10.41 11.80
C ILE A 124 30.80 -10.83 13.23
N SER A 125 31.99 -10.44 13.71
CA SER A 125 32.49 -10.77 15.08
C SER A 125 31.55 -10.18 16.13
N ARG A 126 30.87 -9.07 15.83
CA ARG A 126 29.99 -8.35 16.80
C ARG A 126 28.50 -8.61 16.50
N PHE A 127 28.19 -9.49 15.55
CA PHE A 127 26.81 -9.96 15.28
C PHE A 127 26.31 -10.69 16.52
N PRO A 128 25.02 -10.52 16.94
CA PRO A 128 24.08 -9.61 16.29
C PRO A 128 23.98 -8.20 16.87
N TYR A 129 24.57 -7.95 18.06
CA TYR A 129 24.26 -6.75 18.86
C TYR A 129 25.43 -6.35 19.76
N VAL A 130 25.86 -5.10 19.66
CA VAL A 130 26.78 -4.45 20.64
C VAL A 130 25.92 -4.00 21.83
N ASP A 131 26.18 -4.57 23.01
CA ASP A 131 25.41 -4.25 24.23
C ASP A 131 25.81 -2.84 24.70
N ILE A 132 24.89 -1.88 24.57
CA ILE A 132 25.09 -0.44 24.89
C ILE A 132 25.38 -0.26 26.39
N THR A 133 25.08 -1.26 27.23
CA THR A 133 25.28 -1.23 28.71
C THR A 133 26.57 -1.95 29.11
N LYS A 134 27.38 -2.40 28.14
CA LYS A 134 28.64 -3.16 28.42
C LYS A 134 29.80 -2.54 27.64
N PRO A 135 30.37 -1.41 28.11
CA PRO A 135 31.40 -0.70 27.35
C PRO A 135 32.76 -1.43 27.26
N ASN A 136 32.95 -2.49 28.06
CA ASN A 136 34.19 -3.32 28.08
C ASN A 136 33.98 -4.61 27.31
N SER A 137 32.79 -4.83 26.71
CA SER A 137 32.47 -6.06 25.96
C SER A 137 33.39 -6.16 24.74
N ILE A 138 33.78 -7.38 24.37
CA ILE A 138 34.68 -7.60 23.19
C ILE A 138 33.96 -7.12 21.91
N LYS A 139 32.63 -7.26 21.84
CA LYS A 139 31.84 -6.78 20.66
C LYS A 139 31.97 -5.25 20.54
N ARG A 140 31.97 -4.52 21.66
CA ARG A 140 32.20 -3.05 21.66
C ARG A 140 33.60 -2.78 21.12
N VAL A 141 34.60 -3.50 21.63
CA VAL A 141 36.02 -3.37 21.16
C VAL A 141 36.04 -3.59 19.64
N ALA A 142 35.34 -4.61 19.15
CA ALA A 142 35.30 -4.99 17.71
C ALA A 142 34.67 -3.85 16.89
N PHE A 143 33.58 -3.27 17.39
CA PHE A 143 32.86 -2.15 16.72
C PHE A 143 33.80 -0.94 16.62
N GLU A 144 34.53 -0.62 17.70
CA GLU A 144 35.48 0.52 17.72
C GLU A 144 36.56 0.29 16.65
N ARG A 145 37.11 -0.92 16.56
CA ARG A 145 38.17 -1.26 15.58
C ARG A 145 37.58 -1.19 14.16
N GLN A 146 36.33 -1.65 13.99
CA GLN A 146 35.62 -1.62 12.69
C GLN A 146 35.55 -0.18 12.18
N LYS A 147 35.15 0.76 13.04
CA LYS A 147 34.96 2.18 12.67
C LYS A 147 36.30 2.79 12.26
N GLN A 148 37.38 2.48 12.98
CA GLN A 148 38.75 2.97 12.68
C GLN A 148 39.16 2.45 11.29
N ALA A 149 39.03 1.14 11.05
CA ALA A 149 39.40 0.47 9.78
C ALA A 149 38.54 1.03 8.64
N TYR A 150 37.23 1.22 8.86
CA TYR A 150 36.27 1.69 7.83
C TYR A 150 36.62 3.12 7.42
N LEU A 151 36.83 4.02 8.38
CA LEU A 151 37.17 5.45 8.11
C LEU A 151 38.51 5.53 7.36
N LYS A 152 39.48 4.69 7.71
CA LYS A 152 40.79 4.62 7.01
C LYS A 152 40.56 4.18 5.56
N ALA A 153 39.74 3.15 5.36
CA ALA A 153 39.41 2.55 4.04
C ALA A 153 38.75 3.60 3.14
N THR A 154 37.76 4.33 3.67
CA THR A 154 36.90 5.27 2.90
C THR A 154 37.58 6.64 2.74
N SER A 155 38.64 6.93 3.49
CA SER A 155 39.46 8.17 3.34
C SER A 155 40.21 8.13 2.01
N LEU A 156 40.42 6.94 1.44
CA LEU A 156 41.13 6.67 0.18
C LEU A 156 40.17 6.73 -1.02
N TRP A 157 38.86 6.85 -0.77
CA TRP A 157 37.81 7.01 -1.82
C TRP A 157 37.86 8.44 -2.37
N THR A 158 37.63 8.60 -3.68
CA THR A 158 37.55 9.91 -4.38
C THR A 158 36.53 10.79 -3.66
N GLN A 159 35.36 10.22 -3.34
CA GLN A 159 34.30 10.83 -2.50
C GLN A 159 34.31 10.11 -1.15
N PRO A 160 35.09 10.60 -0.15
CA PRO A 160 35.26 9.88 1.10
C PRO A 160 34.04 10.00 2.04
N ILE A 161 33.84 8.96 2.85
CA ILE A 161 32.89 9.00 4.01
C ILE A 161 33.60 9.79 5.13
N ARG A 162 32.98 10.87 5.57
CA ARG A 162 33.48 11.71 6.69
C ARG A 162 32.55 11.51 7.88
N GLU A 163 33.11 11.37 9.08
CA GLU A 163 32.33 11.35 10.33
C GLU A 163 32.17 12.79 10.82
N VAL A 164 30.94 13.16 11.19
CA VAL A 164 30.62 14.43 11.91
C VAL A 164 29.96 14.04 13.24
N THR A 165 30.46 14.60 14.34
CA THR A 165 29.82 14.51 15.67
C THR A 165 28.88 15.72 15.81
N VAL A 166 27.59 15.49 15.53
CA VAL A 166 26.51 16.53 15.60
C VAL A 166 26.18 16.74 17.07
N PRO A 167 26.32 17.97 17.61
CA PRO A 167 25.94 18.23 18.98
C PRO A 167 24.43 17.99 19.10
N HIS A 168 24.02 17.30 20.15
CA HIS A 168 22.59 16.97 20.38
C HIS A 168 21.94 18.15 21.11
N THR A 169 21.66 19.22 20.39
CA THR A 169 21.09 20.45 21.00
C THR A 169 19.71 20.19 21.59
N TYR A 170 18.97 19.23 21.03
CA TYR A 170 17.57 18.91 21.43
C TYR A 170 17.56 17.83 22.53
N ARG A 171 18.73 17.45 23.05
CA ARG A 171 18.87 16.43 24.15
C ARG A 171 18.05 16.89 25.37
N THR A 172 17.35 15.95 26.00
CA THR A 172 16.67 16.12 27.31
C THR A 172 16.82 14.83 28.11
N GLY A 173 16.59 14.91 29.43
CA GLY A 173 16.61 13.76 30.36
C GLY A 173 17.93 12.99 30.28
N ASN A 174 17.86 11.71 29.92
CA ASN A 174 19.01 10.76 29.95
C ASN A 174 19.74 10.74 28.60
N ASP A 175 19.32 11.55 27.62
CA ASP A 175 19.96 11.64 26.28
C ASP A 175 21.45 12.01 26.45
N GLY A 176 22.32 11.36 25.66
CA GLY A 176 23.74 11.75 25.51
C GLY A 176 23.90 13.03 24.71
N ALA A 177 25.12 13.57 24.63
CA ALA A 177 25.42 14.93 24.11
C ALA A 177 25.81 14.89 22.62
N HIS A 178 26.24 13.73 22.11
CA HIS A 178 26.95 13.60 20.80
C HIS A 178 26.24 12.59 19.89
N ILE A 179 25.98 12.97 18.63
CA ILE A 179 25.41 12.10 17.57
C ILE A 179 26.44 11.94 16.47
N PRO A 180 27.26 10.86 16.50
CA PRO A 180 28.17 10.59 15.38
C PRO A 180 27.39 10.07 14.16
N ILE A 181 27.51 10.77 13.02
CA ILE A 181 26.88 10.37 11.73
C ILE A 181 27.97 10.31 10.66
N TYR A 182 27.77 9.48 9.63
CA TYR A 182 28.58 9.48 8.39
C TYR A 182 27.87 10.32 7.34
N ILE A 183 28.63 11.15 6.63
CA ILE A 183 28.15 11.96 5.47
C ILE A 183 29.10 11.67 4.30
N ARG A 184 28.51 11.41 3.13
CA ARG A 184 29.24 11.24 1.85
C ARG A 184 28.51 12.06 0.78
N THR A 185 29.22 12.99 0.12
CA THR A 185 28.62 13.92 -0.88
C THR A 185 29.15 13.58 -2.27
N PRO A 186 28.32 13.69 -3.32
CA PRO A 186 28.74 13.37 -4.68
C PRO A 186 29.73 14.43 -5.21
N ALA A 187 30.53 14.03 -6.21
CA ALA A 187 31.42 14.92 -6.98
C ALA A 187 30.64 16.18 -7.39
N GLY A 188 31.11 17.36 -6.98
CA GLY A 188 30.59 18.67 -7.42
C GLY A 188 29.55 19.26 -6.48
N ALA A 189 29.12 18.52 -5.45
CA ALA A 189 28.12 18.98 -4.46
C ALA A 189 28.55 20.35 -3.91
N ASP A 190 27.77 21.40 -4.18
CA ASP A 190 28.14 22.82 -3.92
C ASP A 190 26.92 23.58 -3.39
N GLN A 191 27.17 24.66 -2.64
CA GLN A 191 26.15 25.58 -2.07
C GLN A 191 25.38 26.31 -3.19
N SER A 192 25.95 26.42 -4.39
CA SER A 192 25.31 27.07 -5.58
C SER A 192 24.12 26.24 -6.07
N ASN A 193 24.17 24.91 -5.87
CA ASN A 193 23.09 23.99 -6.29
C ASN A 193 23.02 22.82 -5.30
N PRO A 194 22.55 23.04 -4.06
CA PRO A 194 22.55 22.01 -3.03
C PRO A 194 21.87 20.71 -3.47
N VAL A 195 22.45 19.56 -3.12
CA VAL A 195 22.08 18.21 -3.64
C VAL A 195 21.03 17.59 -2.72
N PRO A 196 20.14 16.71 -3.25
CA PRO A 196 19.23 15.94 -2.41
C PRO A 196 19.97 15.04 -1.41
N ILE A 197 19.27 14.68 -0.32
CA ILE A 197 19.82 13.91 0.83
C ILE A 197 19.02 12.62 0.98
N VAL A 198 19.70 11.48 1.07
CA VAL A 198 19.11 10.20 1.59
C VAL A 198 19.73 9.92 2.96
N LEU A 199 18.92 10.00 4.02
CA LEU A 199 19.34 9.72 5.42
C LEU A 199 19.00 8.27 5.75
N ILE A 200 20.03 7.44 5.91
CA ILE A 200 19.88 6.00 6.28
C ILE A 200 19.83 5.90 7.81
N MET A 201 18.77 5.27 8.33
CA MET A 201 18.61 4.92 9.76
C MET A 201 18.91 3.42 9.90
N THR A 202 20.01 3.08 10.57
CA THR A 202 20.56 1.69 10.63
C THR A 202 19.73 0.88 11.65
N GLY A 203 20.13 -0.35 11.95
CA GLY A 203 19.28 -1.30 12.69
C GLY A 203 19.97 -1.92 13.89
N LEU A 204 19.57 -3.15 14.24
CA LEU A 204 20.04 -3.85 15.46
C LEU A 204 21.48 -4.33 15.30
N ASP A 205 21.83 -4.85 14.10
CA ASP A 205 23.13 -5.50 13.79
C ASP A 205 23.92 -4.70 12.73
N GLY A 206 23.26 -3.80 12.00
CA GLY A 206 23.91 -2.93 11.01
C GLY A 206 24.02 -1.52 11.56
N TYR A 207 25.24 -0.97 11.61
CA TYR A 207 25.53 0.39 12.15
C TYR A 207 26.13 1.22 11.01
N ARG A 208 26.69 2.39 11.31
CA ARG A 208 26.99 3.40 10.26
C ARG A 208 28.03 2.85 9.27
N PRO A 209 29.01 2.00 9.65
CA PRO A 209 29.97 1.48 8.67
C PRO A 209 29.48 0.38 7.71
N ASP A 210 28.21 -0.02 7.79
CA ASP A 210 27.68 -1.26 7.15
C ASP A 210 26.83 -0.93 5.90
N ASN A 211 27.10 0.18 5.21
CA ASN A 211 26.18 0.71 4.16
C ASN A 211 26.94 1.20 2.93
N SER A 212 28.10 0.64 2.62
CA SER A 212 28.98 1.11 1.51
C SER A 212 28.20 1.17 0.19
N GLN A 213 27.59 0.06 -0.24
CA GLN A 213 26.93 -0.03 -1.57
C GLN A 213 25.75 0.96 -1.63
N ARG A 214 24.99 1.12 -0.55
CA ARG A 214 23.89 2.12 -0.50
C ARG A 214 24.47 3.51 -0.79
N THR A 215 25.61 3.88 -0.18
CA THR A 215 26.23 5.21 -0.40
C THR A 215 26.66 5.33 -1.86
N HIS A 216 27.26 4.28 -2.45
CA HIS A 216 27.67 4.23 -3.88
C HIS A 216 26.47 4.57 -4.77
N GLU A 217 25.34 3.88 -4.55
CA GLU A 217 24.10 4.00 -5.36
C GLU A 217 23.50 5.40 -5.21
N ILE A 218 23.49 5.94 -3.98
CA ILE A 218 22.92 7.28 -3.66
C ILE A 218 23.77 8.34 -4.38
N LEU A 219 25.10 8.27 -4.26
CA LEU A 219 26.04 9.22 -4.91
C LEU A 219 25.95 9.12 -6.44
N ALA A 220 25.81 7.90 -6.98
CA ALA A 220 25.75 7.64 -8.44
C ALA A 220 24.55 8.37 -9.05
N ARG A 221 23.53 8.66 -8.24
CA ARG A 221 22.28 9.35 -8.66
C ARG A 221 22.37 10.85 -8.34
N GLY A 222 23.53 11.32 -7.86
CA GLY A 222 23.83 12.74 -7.62
C GLY A 222 23.31 13.23 -6.28
N TRP A 223 23.10 12.31 -5.34
CA TRP A 223 22.55 12.63 -3.98
C TRP A 223 23.65 12.44 -2.92
N ALA A 224 23.49 13.12 -1.79
CA ALA A 224 24.30 12.94 -0.56
C ALA A 224 23.72 11.78 0.24
N ALA A 225 24.59 10.95 0.83
CA ALA A 225 24.22 9.86 1.76
C ALA A 225 24.62 10.29 3.17
N VAL A 226 23.66 10.27 4.10
CA VAL A 226 23.89 10.47 5.56
C VAL A 226 23.47 9.19 6.27
N VAL A 227 24.25 8.74 7.25
CA VAL A 227 24.00 7.46 7.99
C VAL A 227 24.01 7.76 9.49
N ALA A 228 22.95 7.35 10.20
CA ALA A 228 22.77 7.56 11.65
C ALA A 228 22.19 6.29 12.27
N GLU A 229 22.70 5.93 13.46
CA GLU A 229 22.24 4.74 14.22
C GLU A 229 20.96 5.11 14.97
N ILE A 230 20.18 4.09 15.33
CA ILE A 230 18.83 4.27 15.97
C ILE A 230 18.98 4.13 17.48
N PRO A 231 17.99 4.62 18.25
CA PRO A 231 18.02 4.49 19.71
C PRO A 231 18.28 3.06 20.18
N GLY A 232 19.06 2.92 21.25
CA GLY A 232 19.38 1.63 21.89
C GLY A 232 20.42 0.84 21.10
N THR A 233 21.15 1.48 20.19
CA THR A 233 22.22 0.80 19.39
C THR A 233 23.47 1.66 19.32
N ALA A 234 24.61 1.00 19.11
CA ALA A 234 25.88 1.60 18.66
C ALA A 234 26.17 2.89 19.45
N ASP A 235 26.28 4.02 18.77
CA ASP A 235 26.73 5.31 19.37
C ASP A 235 25.57 6.31 19.39
N CYS A 236 24.33 5.84 19.25
CA CYS A 236 23.13 6.72 19.34
C CYS A 236 22.99 7.22 20.78
N PRO A 237 22.94 8.55 21.01
CA PRO A 237 22.80 9.10 22.36
C PRO A 237 21.36 9.11 22.90
N ALA A 238 20.37 8.79 22.06
CA ALA A 238 18.93 8.81 22.40
C ALA A 238 18.67 7.86 23.58
N ASP A 239 17.93 8.33 24.59
CA ASP A 239 17.46 7.48 25.73
C ASP A 239 16.67 6.32 25.14
N PRO A 240 17.16 5.06 25.21
CA PRO A 240 16.45 3.93 24.61
C PRO A 240 15.08 3.71 25.25
N ALA A 241 14.93 4.05 26.54
CA ALA A 241 13.74 3.79 27.37
C ALA A 241 12.68 4.88 27.18
N ASP A 242 13.00 5.98 26.49
CA ASP A 242 12.05 7.10 26.22
C ASP A 242 11.57 7.00 24.77
N PRO A 243 10.28 6.65 24.53
CA PRO A 243 9.76 6.54 23.16
C PRO A 243 9.82 7.83 22.34
N ALA A 244 9.93 8.98 23.01
CA ALA A 244 10.01 10.32 22.37
C ALA A 244 11.46 10.66 21.97
N SER A 245 12.46 9.88 22.42
CA SER A 245 13.90 10.17 22.23
C SER A 245 14.28 10.27 20.75
N PRO A 246 13.76 9.41 19.81
CA PRO A 246 14.09 9.56 18.40
C PRO A 246 13.63 10.89 17.80
N ASP A 247 12.50 11.42 18.27
CA ASP A 247 11.95 12.73 17.83
C ASP A 247 13.01 13.82 18.08
N ARG A 248 13.60 13.82 19.27
CA ARG A 248 14.64 14.80 19.68
C ARG A 248 15.90 14.56 18.83
N LEU A 249 16.24 13.30 18.59
CA LEU A 249 17.44 12.88 17.82
C LEU A 249 17.37 13.48 16.41
N TRP A 250 16.25 13.28 15.69
CA TRP A 250 16.11 13.72 14.28
C TRP A 250 16.00 15.25 14.22
N ASP A 251 15.44 15.89 15.25
CA ASP A 251 15.45 17.37 15.41
C ASP A 251 16.89 17.88 15.35
N SER A 252 17.81 17.25 16.08
CA SER A 252 19.26 17.62 16.09
C SER A 252 19.88 17.35 14.71
N VAL A 253 19.66 16.15 14.16
CA VAL A 253 20.30 15.70 12.89
C VAL A 253 19.79 16.59 11.75
N LEU A 254 18.48 16.76 11.61
CA LEU A 254 17.86 17.52 10.49
C LEU A 254 18.29 18.99 10.59
N SER A 255 18.34 19.55 11.81
CA SER A 255 18.74 20.96 12.08
C SER A 255 20.20 21.17 11.66
N TYR A 256 21.07 20.18 11.88
CA TYR A 256 22.47 20.19 11.39
C TYR A 256 22.47 20.22 9.85
N LEU A 257 21.71 19.32 9.22
CA LEU A 257 21.69 19.17 7.73
C LEU A 257 21.13 20.45 7.10
N ASP A 258 20.18 21.12 7.78
CA ASP A 258 19.57 22.40 7.33
C ASP A 258 20.67 23.44 7.12
N GLN A 259 21.69 23.45 8.00
CA GLN A 259 22.77 24.47 8.04
C GLN A 259 23.92 24.12 7.07
N ARG A 260 23.99 22.87 6.60
CA ARG A 260 25.03 22.43 5.61
C ARG A 260 24.71 23.06 4.25
N PRO A 261 25.56 23.98 3.73
CA PRO A 261 25.24 24.71 2.50
C PRO A 261 24.98 23.85 1.26
N GLU A 262 25.69 22.72 1.11
CA GLU A 262 25.69 21.92 -0.15
C GLU A 262 24.58 20.86 -0.13
N LEU A 263 23.87 20.71 0.99
CA LEU A 263 22.80 19.67 1.17
C LEU A 263 21.42 20.36 1.15
N ASN A 264 20.50 19.83 0.33
CA ASN A 264 19.14 20.38 0.14
C ASN A 264 18.16 19.57 1.00
N THR A 265 17.80 20.07 2.18
CA THR A 265 16.85 19.39 3.10
C THR A 265 15.41 19.55 2.59
N ALA A 266 15.19 20.36 1.55
CA ALA A 266 13.89 20.46 0.84
C ALA A 266 13.68 19.23 -0.06
N LYS A 267 14.75 18.47 -0.35
CA LYS A 267 14.68 17.21 -1.15
C LYS A 267 15.37 16.10 -0.37
N MET A 268 14.71 15.63 0.71
CA MET A 268 15.30 14.68 1.67
C MET A 268 14.35 13.50 1.88
N VAL A 269 14.90 12.29 1.85
CA VAL A 269 14.18 11.01 2.11
C VAL A 269 14.93 10.26 3.21
N VAL A 270 14.19 9.64 4.13
CA VAL A 270 14.77 8.75 5.18
C VAL A 270 14.60 7.30 4.71
N TRP A 271 15.58 6.46 5.06
CA TRP A 271 15.65 5.04 4.66
C TRP A 271 15.98 4.21 5.91
N GLY A 272 14.96 3.57 6.49
CA GLY A 272 15.07 2.74 7.71
C GLY A 272 15.30 1.29 7.37
N LEU A 273 16.39 0.70 7.86
CA LEU A 273 16.78 -0.70 7.55
C LEU A 273 16.51 -1.59 8.76
N SER A 274 15.62 -2.58 8.58
CA SER A 274 15.26 -3.62 9.57
C SER A 274 14.75 -2.91 10.83
N ALA A 275 15.46 -2.97 11.97
CA ALA A 275 15.09 -2.26 13.21
C ALA A 275 14.96 -0.75 12.95
N GLY A 276 15.71 -0.21 11.98
CA GLY A 276 15.61 1.19 11.53
C GLY A 276 14.27 1.53 10.88
N GLY A 277 13.59 0.53 10.30
CA GLY A 277 12.27 0.69 9.67
C GLY A 277 11.27 1.37 10.59
N TYR A 278 11.19 0.93 11.85
CA TYR A 278 10.36 1.55 12.92
C TYR A 278 10.58 3.06 12.93
N TYR A 279 11.84 3.50 12.88
CA TYR A 279 12.24 4.93 13.05
C TYR A 279 11.92 5.70 11.76
N ALA A 280 12.04 5.06 10.59
CA ALA A 280 11.65 5.65 9.30
C ALA A 280 10.12 5.89 9.30
N ILE A 281 9.34 4.89 9.72
CA ILE A 281 7.86 5.03 9.85
C ILE A 281 7.55 6.19 10.79
N ARG A 282 8.16 6.20 11.98
CA ARG A 282 7.89 7.22 13.02
C ARG A 282 8.19 8.62 12.47
N ALA A 283 9.37 8.82 11.86
CA ALA A 283 9.84 10.12 11.34
C ALA A 283 8.96 10.59 10.17
N ALA A 284 8.43 9.65 9.37
CA ALA A 284 7.46 9.92 8.27
C ALA A 284 6.25 10.68 8.82
N HIS A 285 5.87 10.44 10.08
CA HIS A 285 4.75 11.10 10.79
C HIS A 285 5.25 12.35 11.53
N THR A 286 6.26 12.19 12.39
CA THR A 286 6.72 13.22 13.37
C THR A 286 7.44 14.36 12.63
N HIS A 287 8.08 14.08 11.50
CA HIS A 287 8.89 15.05 10.71
C HIS A 287 8.39 15.13 9.27
N ARG A 288 7.07 14.95 9.07
CA ARG A 288 6.43 14.90 7.73
C ARG A 288 6.69 16.21 6.96
N ASP A 289 6.75 17.35 7.65
CA ASP A 289 6.91 18.69 7.02
C ASP A 289 8.39 18.96 6.66
N ARG A 290 9.29 18.02 6.96
CA ARG A 290 10.75 18.16 6.69
C ARG A 290 11.27 17.05 5.77
N LEU A 291 10.40 16.16 5.29
CA LEU A 291 10.78 15.01 4.44
C LEU A 291 9.87 14.93 3.20
N LEU A 292 10.45 14.62 2.04
CA LEU A 292 9.71 14.31 0.80
C LEU A 292 9.21 12.86 0.85
N GLY A 293 9.89 12.00 1.62
CA GLY A 293 9.57 10.56 1.62
C GLY A 293 10.32 9.79 2.68
N ALA A 294 9.85 8.56 2.93
CA ALA A 294 10.48 7.57 3.83
C ALA A 294 10.37 6.19 3.20
N ILE A 295 11.42 5.39 3.29
CA ILE A 295 11.39 3.94 2.97
C ILE A 295 11.60 3.19 4.30
N ALA A 296 10.69 2.27 4.62
CA ALA A 296 10.82 1.35 5.78
C ALA A 296 11.06 -0.06 5.23
N HIS A 297 12.29 -0.54 5.36
CA HIS A 297 12.76 -1.83 4.81
C HIS A 297 12.72 -2.89 5.91
N GLY A 298 11.80 -3.86 5.80
CA GLY A 298 11.58 -4.92 6.79
C GLY A 298 11.22 -4.35 8.17
N PRO A 299 10.20 -3.47 8.27
CA PRO A 299 9.91 -2.76 9.51
C PRO A 299 9.00 -3.49 10.50
N GLY A 300 9.20 -3.24 11.79
CA GLY A 300 8.22 -3.49 12.86
C GLY A 300 7.65 -2.17 13.35
N CYS A 301 6.40 -2.14 13.82
CA CYS A 301 5.80 -0.93 14.43
C CYS A 301 4.75 -1.25 15.50
N HIS A 302 4.25 -2.49 15.60
CA HIS A 302 3.14 -2.85 16.52
C HIS A 302 3.15 -4.34 16.87
N TYR A 303 2.86 -5.21 15.90
CA TYR A 303 2.69 -6.68 16.12
C TYR A 303 4.03 -7.36 16.39
N TYR A 304 5.18 -6.74 16.06
CA TYR A 304 6.51 -7.34 16.35
C TYR A 304 6.73 -7.42 17.87
N LEU A 305 6.00 -6.63 18.66
CA LEU A 305 6.10 -6.60 20.15
C LEU A 305 4.94 -7.36 20.79
N ASP A 306 4.07 -7.99 20.00
CA ASP A 306 2.95 -8.82 20.52
C ASP A 306 3.59 -10.00 21.24
N PRO A 307 3.21 -10.28 22.52
CA PRO A 307 3.76 -11.43 23.25
C PRO A 307 3.68 -12.76 22.50
N GLU A 308 2.61 -12.99 21.74
CA GLU A 308 2.40 -14.24 20.95
C GLU A 308 3.45 -14.31 19.83
N TRP A 309 3.82 -13.17 19.23
CA TRP A 309 4.87 -13.08 18.19
C TRP A 309 6.25 -13.29 18.82
N LEU A 310 6.52 -12.62 19.95
CA LEU A 310 7.82 -12.69 20.67
C LEU A 310 8.06 -14.13 21.17
N ALA A 311 6.99 -14.88 21.45
CA ALA A 311 7.05 -16.27 21.96
C ALA A 311 7.82 -17.18 20.99
N LYS A 312 7.81 -16.87 19.69
CA LYS A 312 8.37 -17.76 18.63
C LYS A 312 9.43 -17.04 17.78
N VAL A 313 9.69 -15.75 18.01
CA VAL A 313 10.56 -14.93 17.11
C VAL A 313 11.97 -15.54 17.06
N ASN A 314 12.43 -16.17 18.14
CA ASN A 314 13.80 -16.75 18.23
C ASN A 314 13.91 -18.05 17.40
N ASP A 315 12.80 -18.57 16.89
CA ASP A 315 12.76 -19.89 16.18
C ASP A 315 12.83 -19.70 14.66
N HIS A 316 12.89 -18.45 14.18
CA HIS A 316 12.73 -18.11 12.74
C HIS A 316 14.09 -17.77 12.13
N GLU A 317 14.14 -16.93 11.09
CA GLU A 317 15.29 -16.83 10.17
C GLU A 317 16.44 -16.00 10.77
N TYR A 318 16.24 -15.25 11.86
CA TYR A 318 17.35 -14.44 12.43
C TYR A 318 18.47 -15.39 12.85
N PRO A 319 19.74 -15.13 12.49
CA PRO A 319 20.83 -16.10 12.68
C PRO A 319 21.03 -16.61 14.12
N PHE A 320 20.73 -15.78 15.12
CA PHE A 320 20.89 -16.08 16.56
C PHE A 320 19.66 -15.57 17.32
N GLU A 321 19.60 -15.84 18.62
CA GLU A 321 18.52 -15.34 19.52
C GLU A 321 18.50 -13.82 19.43
N ILE A 322 17.30 -13.22 19.31
CA ILE A 322 17.12 -11.76 19.05
C ILE A 322 16.47 -11.06 20.26
N THR A 323 15.70 -11.76 21.10
CA THR A 323 14.83 -11.12 22.12
C THR A 323 15.69 -10.42 23.19
N ALA A 324 16.80 -11.02 23.61
CA ALA A 324 17.74 -10.43 24.60
C ALA A 324 18.24 -9.07 24.08
N ALA A 325 18.74 -9.02 22.83
CA ALA A 325 19.22 -7.79 22.14
C ALA A 325 18.07 -6.76 22.06
N TRP A 326 16.90 -7.21 21.63
CA TRP A 326 15.68 -6.36 21.51
C TRP A 326 15.37 -5.73 22.87
N ALA A 327 15.41 -6.51 23.94
CA ALA A 327 15.10 -6.05 25.32
C ALA A 327 16.01 -4.85 25.63
N THR A 328 17.32 -5.00 25.41
CA THR A 328 18.34 -3.96 25.70
C THR A 328 18.10 -2.74 24.80
N LYS A 329 17.86 -2.95 23.50
CA LYS A 329 17.67 -1.87 22.49
C LYS A 329 16.43 -1.03 22.82
N HIS A 330 15.40 -1.64 23.45
CA HIS A 330 14.16 -0.96 23.88
C HIS A 330 14.30 -0.42 25.32
N GLY A 331 15.49 -0.51 25.92
CA GLY A 331 15.83 0.15 27.20
C GLY A 331 15.35 -0.64 28.41
N TYR A 332 15.16 -1.95 28.28
CA TYR A 332 14.68 -2.84 29.38
C TYR A 332 15.86 -3.53 30.05
N LYS A 333 15.83 -3.60 31.37
CA LYS A 333 16.88 -4.25 32.21
C LYS A 333 16.75 -5.78 32.10
N THR A 334 15.55 -6.29 31.78
CA THR A 334 15.27 -7.74 31.67
C THR A 334 14.39 -8.01 30.44
N VAL A 335 14.46 -9.25 29.93
CA VAL A 335 13.63 -9.71 28.76
C VAL A 335 12.17 -9.85 29.21
N GLU A 336 11.92 -10.29 30.45
CA GLU A 336 10.56 -10.44 31.03
C GLU A 336 9.80 -9.11 30.92
N GLU A 337 10.43 -8.01 31.35
CA GLU A 337 9.87 -6.63 31.33
C GLU A 337 9.55 -6.22 29.89
N PHE A 338 10.49 -6.45 28.98
CA PHE A 338 10.36 -6.16 27.52
C PHE A 338 9.11 -6.85 26.97
N VAL A 339 9.01 -8.16 27.16
CA VAL A 339 7.89 -9.00 26.63
C VAL A 339 6.56 -8.48 27.21
N ALA A 340 6.56 -8.14 28.51
CA ALA A 340 5.34 -7.72 29.26
C ALA A 340 4.89 -6.31 28.86
N GLY A 341 5.83 -5.39 28.61
CA GLY A 341 5.57 -3.94 28.60
C GLY A 341 5.77 -3.25 27.25
N ALA A 342 6.58 -3.83 26.35
CA ALA A 342 7.14 -3.12 25.17
C ALA A 342 6.03 -2.65 24.23
N GLN A 343 5.06 -3.50 23.91
CA GLN A 343 4.05 -3.19 22.86
C GLN A 343 3.29 -1.92 23.22
N LYS A 344 2.77 -1.82 24.45
CA LYS A 344 1.91 -0.66 24.85
C LYS A 344 2.77 0.60 24.93
N LYS A 345 4.06 0.46 25.21
CA LYS A 345 4.99 1.61 25.38
C LYS A 345 5.51 2.12 24.03
N PHE A 346 5.85 1.23 23.08
CA PHE A 346 6.61 1.60 21.85
C PHE A 346 5.79 1.45 20.57
N SER A 347 4.69 0.68 20.56
CA SER A 347 3.85 0.49 19.35
C SER A 347 3.45 1.86 18.79
N LEU A 348 3.71 2.12 17.51
CA LEU A 348 3.29 3.37 16.83
C LEU A 348 1.76 3.38 16.69
N VAL A 349 1.13 2.20 16.75
CA VAL A 349 -0.36 2.04 16.68
C VAL A 349 -0.94 2.35 18.06
N GLU A 350 -0.46 1.68 19.11
CA GLU A 350 -0.99 1.83 20.49
C GLU A 350 -0.80 3.26 20.99
N THR A 351 0.31 3.92 20.63
CA THR A 351 0.69 5.27 21.13
C THR A 351 0.06 6.35 20.24
N GLY A 352 -0.49 5.97 19.08
CA GLY A 352 -1.30 6.85 18.23
C GLY A 352 -0.47 7.67 17.26
N ILE A 353 0.81 7.35 17.09
CA ILE A 353 1.71 8.06 16.13
C ILE A 353 1.14 7.92 14.72
N VAL A 354 0.55 6.76 14.40
CA VAL A 354 0.03 6.42 13.04
C VAL A 354 -1.24 7.23 12.75
N ASP A 355 -1.86 7.85 13.74
CA ASP A 355 -3.16 8.56 13.61
C ASP A 355 -2.92 10.03 13.26
N GLN A 356 -1.88 10.32 12.47
CA GLN A 356 -1.64 11.65 11.87
C GLN A 356 -1.18 11.46 10.44
N PRO A 357 -1.18 12.52 9.60
CA PRO A 357 -0.64 12.40 8.25
C PRO A 357 0.86 12.07 8.26
N SER A 358 1.37 11.59 7.13
CA SER A 358 2.80 11.25 6.93
C SER A 358 3.21 11.68 5.53
N CYS A 359 4.50 11.94 5.31
CA CYS A 359 5.08 12.08 3.96
C CYS A 359 4.91 10.74 3.25
N ARG A 360 5.18 10.68 1.95
CA ARG A 360 5.14 9.40 1.19
C ARG A 360 5.97 8.37 1.97
N LEU A 361 5.41 7.18 2.20
CA LEU A 361 6.05 6.09 2.96
C LEU A 361 5.98 4.82 2.12
N LEU A 362 7.15 4.33 1.68
CA LEU A 362 7.28 3.05 0.95
C LEU A 362 7.65 1.95 1.95
N LEU A 363 6.80 0.93 2.03
CA LEU A 363 6.97 -0.26 2.88
C LEU A 363 7.46 -1.43 2.01
N LEU A 364 8.61 -2.01 2.33
CA LEU A 364 9.21 -3.13 1.57
C LEU A 364 9.48 -4.29 2.53
N ASN A 365 9.05 -5.50 2.17
CA ASN A 365 9.35 -6.70 3.01
C ASN A 365 8.96 -7.99 2.29
N GLY A 366 9.56 -9.09 2.73
CA GLY A 366 9.09 -10.46 2.44
C GLY A 366 7.80 -10.72 3.20
N VAL A 367 6.83 -11.35 2.53
CA VAL A 367 5.52 -11.73 3.15
C VAL A 367 5.78 -12.71 4.29
N ASP A 368 6.76 -13.59 4.14
CA ASP A 368 7.06 -14.70 5.09
C ASP A 368 8.14 -14.27 6.08
N ASP A 369 8.15 -13.00 6.47
CA ASP A 369 9.06 -12.46 7.52
C ASP A 369 8.67 -13.11 8.85
N GLY A 370 9.63 -13.78 9.50
CA GLY A 370 9.47 -14.39 10.84
C GLY A 370 10.17 -13.58 11.93
N VAL A 371 10.79 -12.45 11.57
CA VAL A 371 11.50 -11.55 12.53
C VAL A 371 10.52 -10.46 12.97
N VAL A 372 9.96 -9.73 12.00
CA VAL A 372 8.82 -8.78 12.21
C VAL A 372 7.69 -9.21 11.28
N PRO A 373 6.42 -9.20 11.72
CA PRO A 373 5.33 -9.74 10.91
C PRO A 373 4.98 -8.79 9.75
N ILE A 374 4.63 -9.34 8.59
CA ILE A 374 4.17 -8.55 7.41
C ILE A 374 2.94 -7.72 7.81
N GLU A 375 2.20 -8.13 8.84
CA GLU A 375 1.06 -7.37 9.43
C GLU A 375 1.50 -5.95 9.84
N ASP A 376 2.77 -5.73 10.17
CA ASP A 376 3.28 -4.42 10.64
C ASP A 376 3.43 -3.46 9.45
N CYS A 377 3.54 -3.98 8.22
CA CYS A 377 3.36 -3.19 6.98
C CYS A 377 1.86 -2.99 6.73
N LEU A 378 1.07 -4.07 6.76
CA LEU A 378 -0.35 -4.07 6.34
C LEU A 378 -1.18 -3.14 7.24
N VAL A 379 -0.92 -3.13 8.54
CA VAL A 379 -1.71 -2.32 9.53
C VAL A 379 -1.60 -0.83 9.19
N LEU A 380 -0.51 -0.38 8.56
CA LEU A 380 -0.27 1.06 8.31
C LEU A 380 -1.21 1.60 7.22
N PHE A 381 -1.82 0.73 6.41
CA PHE A 381 -2.80 1.13 5.36
C PHE A 381 -4.16 1.48 6.01
N GLU A 382 -4.34 1.19 7.30
CA GLU A 382 -5.63 1.39 8.02
C GLU A 382 -5.57 2.63 8.92
N HIS A 383 -4.55 3.49 8.75
CA HIS A 383 -4.33 4.71 9.56
C HIS A 383 -3.83 5.85 8.67
N GLY A 384 -4.15 7.09 9.04
CA GLY A 384 -3.56 8.33 8.52
C GLY A 384 -3.60 8.39 7.00
N SER A 385 -2.47 8.78 6.39
CA SER A 385 -2.31 9.01 4.94
C SER A 385 -2.19 7.67 4.23
N PRO A 386 -2.51 7.61 2.91
CA PRO A 386 -2.21 6.43 2.11
C PRO A 386 -0.71 6.10 2.19
N LYS A 387 -0.41 4.81 2.29
CA LYS A 387 0.98 4.28 2.30
C LYS A 387 1.24 3.58 0.97
N GLU A 388 2.51 3.44 0.60
N GLU A 388 2.51 3.45 0.59
CA GLU A 388 2.96 2.70 -0.61
CA GLU A 388 2.98 2.71 -0.60
C GLU A 388 3.68 1.44 -0.14
C GLU A 388 3.67 1.42 -0.13
N GLY A 389 3.58 0.35 -0.92
CA GLY A 389 4.11 -0.96 -0.51
C GLY A 389 4.43 -1.85 -1.69
N ARG A 390 5.44 -2.70 -1.51
CA ARG A 390 5.68 -3.91 -2.34
C ARG A 390 6.13 -5.01 -1.39
N PHE A 391 5.39 -6.12 -1.34
CA PHE A 391 5.63 -7.27 -0.43
C PHE A 391 5.90 -8.51 -1.28
N TYR A 392 6.97 -9.24 -0.95
CA TYR A 392 7.54 -10.32 -1.79
C TYR A 392 7.05 -11.69 -1.30
N LYS A 393 6.24 -12.36 -2.13
CA LYS A 393 5.66 -13.70 -1.85
C LYS A 393 6.79 -14.67 -1.46
N GLY A 394 6.61 -15.39 -0.35
CA GLY A 394 7.45 -16.54 0.04
C GLY A 394 8.82 -16.15 0.54
N LEU A 395 9.13 -14.85 0.65
CA LEU A 395 10.48 -14.36 1.04
C LEU A 395 10.51 -14.01 2.53
N PRO A 396 11.63 -14.28 3.23
CA PRO A 396 11.79 -13.92 4.64
C PRO A 396 12.19 -12.47 4.86
N HIS A 397 12.65 -12.17 6.07
CA HIS A 397 12.91 -10.77 6.49
C HIS A 397 13.78 -10.04 5.46
N MET A 398 13.31 -8.85 5.07
CA MET A 398 13.87 -7.80 4.16
C MET A 398 13.50 -8.06 2.70
N GLY A 399 13.11 -9.28 2.35
CA GLY A 399 12.78 -9.61 0.96
C GLY A 399 13.94 -9.40 0.00
N TYR A 400 15.18 -9.59 0.45
CA TYR A 400 16.40 -9.50 -0.40
C TYR A 400 16.51 -10.75 -1.28
N PRO A 401 17.09 -10.66 -2.50
CA PRO A 401 17.60 -9.41 -3.06
C PRO A 401 16.56 -8.56 -3.81
N ASN A 402 15.33 -9.07 -3.94
CA ASN A 402 14.25 -8.52 -4.81
C ASN A 402 13.93 -7.08 -4.43
N SER A 403 13.95 -6.75 -3.14
CA SER A 403 13.45 -5.49 -2.55
C SER A 403 14.45 -4.33 -2.75
N LEU A 404 15.68 -4.59 -3.21
CA LEU A 404 16.72 -3.53 -3.26
C LEU A 404 16.51 -2.63 -4.49
N PRO A 405 16.45 -3.17 -5.74
CA PRO A 405 16.34 -2.30 -6.92
C PRO A 405 15.15 -1.33 -6.90
N VAL A 406 13.98 -1.78 -6.44
CA VAL A 406 12.74 -0.95 -6.38
C VAL A 406 12.98 0.26 -5.46
N SER A 407 13.78 0.10 -4.38
CA SER A 407 14.16 1.20 -3.46
C SER A 407 14.67 2.40 -4.28
N TYR A 408 15.59 2.15 -5.22
CA TYR A 408 16.25 3.22 -6.02
C TYR A 408 15.26 3.79 -7.05
N GLU A 409 14.46 2.94 -7.69
CA GLU A 409 13.41 3.38 -8.65
C GLU A 409 12.49 4.38 -7.94
N TRP A 410 12.09 4.06 -6.70
CA TRP A 410 11.20 4.92 -5.89
C TRP A 410 11.91 6.22 -5.49
N LEU A 411 13.15 6.12 -5.02
CA LEU A 411 13.96 7.31 -4.65
C LEU A 411 14.08 8.25 -5.86
N GLU A 412 14.32 7.70 -7.06
CA GLU A 412 14.42 8.49 -8.32
C GLU A 412 13.10 9.22 -8.57
N GLN A 413 11.96 8.53 -8.38
CA GLN A 413 10.61 9.12 -8.61
CA GLN A 413 10.60 9.11 -8.59
C GLN A 413 10.41 10.27 -7.61
N VAL A 414 10.69 10.04 -6.32
CA VAL A 414 10.41 11.01 -5.22
C VAL A 414 11.36 12.21 -5.33
N LEU A 415 12.64 12.00 -5.61
CA LEU A 415 13.66 13.08 -5.67
C LEU A 415 13.79 13.64 -7.09
N ALA A 416 12.84 13.33 -7.99
CA ALA A 416 12.84 13.77 -9.41
C ALA A 416 12.81 15.30 -9.47
N SER A 417 13.62 15.90 -10.35
CA SER A 417 13.68 17.36 -10.61
C SER A 417 12.71 17.72 -11.75
N ARG B 20 -11.65 -17.44 6.84
CA ARG B 20 -11.03 -17.46 5.49
C ARG B 20 -10.83 -16.03 4.98
N TRP B 21 -11.93 -15.27 4.86
CA TRP B 21 -11.94 -13.88 4.32
C TRP B 21 -11.73 -12.88 5.47
N ILE B 22 -11.08 -11.74 5.17
CA ILE B 22 -10.84 -10.64 6.14
C ILE B 22 -12.19 -10.08 6.62
N LEU B 23 -13.23 -10.15 5.78
CA LEU B 23 -14.62 -9.75 6.14
C LEU B 23 -15.05 -10.49 7.41
N GLY B 24 -14.56 -11.71 7.61
CA GLY B 24 -14.70 -12.47 8.87
C GLY B 24 -16.14 -12.90 9.12
N ASP B 25 -16.68 -12.57 10.30
CA ASP B 25 -18.02 -13.00 10.77
C ASP B 25 -19.10 -12.54 9.78
N LYS B 26 -18.96 -11.33 9.22
CA LYS B 26 -19.95 -10.69 8.31
C LYS B 26 -20.13 -11.52 7.03
N PHE B 27 -19.10 -12.27 6.60
CA PHE B 27 -19.11 -13.07 5.35
C PHE B 27 -20.28 -14.08 5.37
N ASP B 28 -20.38 -14.86 6.46
CA ASP B 28 -21.38 -15.96 6.61
C ASP B 28 -22.65 -15.42 7.29
N THR B 29 -23.12 -14.23 6.87
CA THR B 29 -24.40 -13.63 7.34
C THR B 29 -25.23 -13.19 6.12
N VAL B 30 -26.55 -13.16 6.31
CA VAL B 30 -27.54 -12.59 5.35
C VAL B 30 -27.97 -11.24 5.91
N PHE B 31 -27.57 -10.15 5.25
CA PHE B 31 -27.84 -8.76 5.70
C PHE B 31 -29.35 -8.53 5.72
N PRO B 32 -29.87 -7.67 6.62
CA PRO B 32 -31.32 -7.58 6.86
C PRO B 32 -32.16 -7.13 5.65
N HIS B 33 -31.56 -6.35 4.74
CA HIS B 33 -32.25 -5.75 3.57
C HIS B 33 -32.37 -6.76 2.41
N LYS B 34 -31.75 -7.93 2.51
CA LYS B 34 -31.78 -8.92 1.39
C LYS B 34 -33.23 -9.33 1.12
N GLY B 35 -33.71 -9.07 -0.11
CA GLY B 35 -35.08 -9.40 -0.56
C GLY B 35 -36.13 -8.48 0.06
N SER B 36 -35.72 -7.35 0.65
CA SER B 36 -36.62 -6.40 1.35
C SER B 36 -36.25 -4.95 1.00
N LEU B 37 -36.91 -4.39 -0.02
CA LEU B 37 -36.82 -2.95 -0.39
C LEU B 37 -37.26 -2.09 0.80
N LYS B 38 -38.23 -2.56 1.61
CA LYS B 38 -38.72 -1.82 2.80
C LYS B 38 -37.55 -1.59 3.77
N VAL B 39 -36.82 -2.66 4.11
CA VAL B 39 -35.67 -2.61 5.06
C VAL B 39 -34.54 -1.79 4.41
N LEU B 40 -34.26 -1.99 3.13
CA LEU B 40 -33.25 -1.19 2.39
C LEU B 40 -33.54 0.30 2.60
N TRP B 41 -34.77 0.72 2.32
CA TRP B 41 -35.22 2.14 2.44
C TRP B 41 -35.16 2.60 3.91
N GLU B 42 -35.81 1.87 4.81
CA GLU B 42 -35.98 2.28 6.24
C GLU B 42 -34.64 2.31 6.96
N SER B 43 -33.71 1.40 6.63
CA SER B 43 -32.45 1.18 7.39
C SER B 43 -31.24 1.89 6.77
N ARG B 44 -31.26 2.20 5.47
N ARG B 44 -31.27 2.22 5.48
CA ARG B 44 -30.09 2.79 4.76
CA ARG B 44 -30.08 2.73 4.73
C ARG B 44 -30.51 3.91 3.80
C ARG B 44 -30.44 3.85 3.77
N TRP B 45 -31.25 3.57 2.73
CA TRP B 45 -31.46 4.47 1.57
C TRP B 45 -32.19 5.76 1.97
N LYS B 46 -33.14 5.72 2.91
CA LYS B 46 -33.87 6.93 3.37
C LYS B 46 -32.87 7.96 3.89
N PHE B 47 -31.87 7.50 4.64
CA PHE B 47 -30.80 8.34 5.26
C PHE B 47 -29.87 8.86 4.15
N ALA B 48 -29.40 7.98 3.27
CA ALA B 48 -28.55 8.34 2.11
C ALA B 48 -29.26 9.40 1.26
N CYS B 49 -30.57 9.24 1.05
CA CYS B 49 -31.40 10.17 0.26
C CYS B 49 -31.48 11.53 0.95
N SER B 50 -31.74 11.54 2.27
CA SER B 50 -31.81 12.75 3.12
C SER B 50 -30.49 13.53 3.03
N LYS B 51 -29.35 12.83 3.09
CA LYS B 51 -27.99 13.44 3.06
C LYS B 51 -27.57 13.76 1.62
N SER B 52 -28.35 13.33 0.62
CA SER B 52 -28.01 13.51 -0.82
CA SER B 52 -28.01 13.51 -0.82
C SER B 52 -26.62 12.93 -1.09
N VAL B 53 -26.37 11.70 -0.60
CA VAL B 53 -25.12 10.94 -0.87
C VAL B 53 -25.47 9.71 -1.71
N TYR B 54 -24.46 9.09 -2.32
CA TYR B 54 -24.59 7.94 -3.26
C TYR B 54 -25.57 6.93 -2.68
N PRO B 55 -26.53 6.37 -3.46
CA PRO B 55 -26.71 6.69 -4.88
C PRO B 55 -27.64 7.89 -5.19
N PHE B 56 -27.95 8.71 -4.18
CA PHE B 56 -28.94 9.82 -4.24
C PHE B 56 -28.24 11.17 -4.36
N HIS B 57 -26.96 11.15 -4.73
CA HIS B 57 -26.21 12.41 -4.88
C HIS B 57 -26.94 13.21 -5.96
N ASP B 58 -27.12 14.52 -5.74
CA ASP B 58 -27.81 15.58 -6.55
C ASP B 58 -29.33 15.51 -6.32
N GLY B 59 -29.80 14.56 -5.51
CA GLY B 59 -31.23 14.25 -5.31
C GLY B 59 -31.83 14.93 -4.10
N SER B 60 -33.15 14.86 -4.03
CA SER B 60 -33.97 15.44 -2.92
C SER B 60 -34.91 14.38 -2.35
N ILE B 61 -34.95 14.24 -1.02
CA ILE B 61 -35.84 13.29 -0.30
C ILE B 61 -37.31 13.56 -0.66
N GLU B 62 -37.70 14.80 -0.91
CA GLU B 62 -39.11 15.16 -1.25
C GLU B 62 -39.55 14.43 -2.52
N ASP B 63 -38.61 14.11 -3.42
CA ASP B 63 -38.90 13.41 -4.69
C ASP B 63 -39.10 11.90 -4.44
N PHE B 64 -38.38 11.32 -3.48
CA PHE B 64 -38.25 9.84 -3.31
C PHE B 64 -39.18 9.29 -2.23
N GLU B 65 -39.48 10.07 -1.20
CA GLU B 65 -40.33 9.62 -0.06
C GLU B 65 -41.65 9.07 -0.60
N PRO B 66 -42.39 9.82 -1.46
CA PRO B 66 -43.67 9.32 -1.98
C PRO B 66 -43.51 8.03 -2.80
N ILE B 67 -42.42 7.92 -3.56
CA ILE B 67 -42.15 6.75 -4.47
C ILE B 67 -41.90 5.51 -3.60
N PHE B 68 -41.00 5.58 -2.61
CA PHE B 68 -40.65 4.42 -1.75
C PHE B 68 -41.83 4.07 -0.84
N ASN B 69 -42.60 5.06 -0.40
CA ASN B 69 -43.86 4.84 0.35
C ASN B 69 -44.82 4.02 -0.54
N HIS B 70 -44.92 4.37 -1.83
CA HIS B 70 -45.77 3.66 -2.82
C HIS B 70 -45.25 2.22 -3.01
N LEU B 71 -43.94 2.06 -3.24
CA LEU B 71 -43.30 0.74 -3.49
C LEU B 71 -43.53 -0.18 -2.29
N ILE B 72 -43.38 0.35 -1.08
CA ILE B 72 -43.52 -0.41 0.19
C ILE B 72 -44.99 -0.81 0.40
N SER B 73 -45.94 0.08 0.05
CA SER B 73 -47.40 -0.14 0.24
C SER B 73 -47.90 -1.25 -0.70
N LYS B 74 -47.21 -1.47 -1.83
CA LYS B 74 -47.56 -2.53 -2.82
C LYS B 74 -46.66 -3.75 -2.63
N ASN B 75 -45.75 -3.71 -1.65
CA ASN B 75 -44.75 -4.77 -1.31
C ASN B 75 -43.98 -5.17 -2.58
N ILE B 76 -43.38 -4.18 -3.26
CA ILE B 76 -42.48 -4.38 -4.44
C ILE B 76 -41.03 -4.43 -3.92
N ASN B 77 -40.32 -5.53 -4.17
CA ASN B 77 -38.94 -5.80 -3.66
C ASN B 77 -37.94 -5.97 -4.80
N ASP B 78 -38.28 -6.77 -5.81
CA ASP B 78 -37.40 -7.05 -6.99
C ASP B 78 -37.23 -5.76 -7.81
N ALA B 79 -36.07 -5.10 -7.68
CA ALA B 79 -35.71 -3.88 -8.44
C ALA B 79 -35.73 -4.15 -9.94
N ALA B 80 -35.59 -5.41 -10.37
CA ALA B 80 -35.55 -5.83 -11.80
C ALA B 80 -36.97 -5.85 -12.40
N SER B 81 -38.02 -5.65 -11.59
CA SER B 81 -39.44 -5.68 -12.02
C SER B 81 -39.83 -4.34 -12.65
N ASP B 82 -40.67 -4.37 -13.69
CA ASP B 82 -41.19 -3.17 -14.40
C ASP B 82 -41.94 -2.27 -13.41
N GLU B 83 -42.69 -2.87 -12.48
CA GLU B 83 -43.48 -2.17 -11.43
C GLU B 83 -42.57 -1.23 -10.64
N TYR B 84 -41.32 -1.64 -10.39
CA TYR B 84 -40.32 -0.84 -9.66
C TYR B 84 -40.01 0.43 -10.45
N THR B 85 -39.51 0.29 -11.68
CA THR B 85 -39.01 1.40 -12.53
C THR B 85 -40.16 2.38 -12.80
N GLN B 86 -41.35 1.89 -13.15
CA GLN B 86 -42.51 2.72 -13.57
C GLN B 86 -43.03 3.57 -12.40
N ALA B 87 -42.73 3.20 -11.15
CA ALA B 87 -43.16 3.94 -9.93
C ALA B 87 -42.48 5.32 -9.87
N PHE B 88 -41.36 5.50 -10.59
CA PHE B 88 -40.51 6.72 -10.56
C PHE B 88 -40.89 7.69 -11.69
N LEU B 89 -41.49 7.19 -12.77
CA LEU B 89 -41.61 7.94 -14.05
C LEU B 89 -42.54 9.14 -13.89
N PRO B 90 -43.72 9.03 -13.23
CA PRO B 90 -44.58 10.20 -13.03
C PRO B 90 -43.86 11.37 -12.32
N THR B 91 -43.12 11.08 -11.25
CA THR B 91 -42.31 12.06 -10.47
C THR B 91 -41.32 12.74 -11.41
N ALA B 92 -40.59 11.96 -12.21
CA ALA B 92 -39.60 12.46 -13.20
C ALA B 92 -40.31 13.40 -14.18
N SER B 93 -41.44 12.98 -14.74
CA SER B 93 -42.25 13.78 -15.69
C SER B 93 -42.66 15.10 -15.02
N ALA B 94 -43.14 15.04 -13.79
CA ALA B 94 -43.60 16.21 -12.99
C ALA B 94 -42.43 17.19 -12.82
N LEU B 95 -41.23 16.69 -12.53
CA LEU B 95 -40.03 17.53 -12.33
C LEU B 95 -39.63 18.18 -13.66
N GLU B 96 -39.71 17.44 -14.78
CA GLU B 96 -39.41 17.97 -16.14
C GLU B 96 -40.38 19.13 -16.44
N GLU B 97 -41.66 19.01 -16.08
CA GLU B 97 -42.69 20.06 -16.33
C GLU B 97 -42.37 21.30 -15.49
N LYS B 98 -42.07 21.12 -14.21
CA LYS B 98 -41.66 22.21 -13.28
C LYS B 98 -40.42 22.94 -13.83
N ALA B 99 -39.48 22.19 -14.43
CA ALA B 99 -38.25 22.75 -15.05
C ALA B 99 -38.62 23.62 -16.25
N ALA B 100 -39.55 23.14 -17.09
CA ALA B 100 -40.07 23.85 -18.29
C ALA B 100 -40.74 25.16 -17.85
N GLN B 101 -41.48 25.13 -16.74
CA GLN B 101 -42.15 26.32 -16.15
C GLN B 101 -41.10 27.30 -15.62
N ALA B 102 -40.07 26.78 -14.94
CA ALA B 102 -38.93 27.56 -14.39
C ALA B 102 -38.16 28.25 -15.53
N LEU B 103 -37.90 27.53 -16.63
CA LEU B 103 -37.15 28.04 -17.80
C LEU B 103 -37.93 29.19 -18.44
N GLN B 104 -39.26 29.05 -18.56
CA GLN B 104 -40.17 30.04 -19.19
C GLN B 104 -40.22 31.33 -18.35
N ALA B 105 -39.98 31.22 -17.05
CA ALA B 105 -39.98 32.35 -16.08
C ALA B 105 -38.58 32.98 -15.98
N GLY B 106 -37.60 32.44 -16.73
CA GLY B 106 -36.21 32.94 -16.77
C GLY B 106 -35.40 32.54 -15.53
N LYS B 107 -35.85 31.50 -14.81
CA LYS B 107 -35.17 30.97 -13.59
C LYS B 107 -34.31 29.77 -14.00
N HIS B 108 -33.13 30.03 -14.60
CA HIS B 108 -32.23 29.01 -15.20
C HIS B 108 -31.65 28.09 -14.11
N GLU B 109 -31.27 28.65 -12.96
CA GLU B 109 -30.69 27.88 -11.82
C GLU B 109 -31.73 26.88 -11.32
N GLU B 110 -32.98 27.29 -11.19
CA GLU B 110 -34.10 26.46 -10.67
C GLU B 110 -34.41 25.32 -11.67
N ALA B 111 -34.47 25.64 -12.97
CA ALA B 111 -34.73 24.65 -14.05
C ALA B 111 -33.63 23.58 -14.05
N SER B 112 -32.36 24.02 -13.94
CA SER B 112 -31.17 23.13 -13.84
C SER B 112 -31.31 22.21 -12.63
N ASN B 113 -31.64 22.77 -11.46
CA ASN B 113 -31.80 22.02 -10.19
C ASN B 113 -32.90 20.97 -10.36
N LEU B 114 -34.02 21.34 -10.98
CA LEU B 114 -35.20 20.43 -11.15
C LEU B 114 -34.86 19.30 -12.12
N LEU B 115 -34.11 19.60 -13.18
CA LEU B 115 -33.72 18.59 -14.20
C LEU B 115 -32.67 17.64 -13.60
N CYS B 116 -31.78 18.15 -12.76
CA CYS B 116 -30.79 17.33 -12.01
C CYS B 116 -31.53 16.38 -11.06
N ARG B 117 -32.60 16.85 -10.41
CA ARG B 117 -33.44 16.02 -9.50
C ARG B 117 -34.17 14.93 -10.30
N ALA B 118 -34.76 15.29 -11.44
CA ALA B 118 -35.41 14.34 -12.38
C ALA B 118 -34.41 13.23 -12.77
N ALA B 119 -33.16 13.61 -13.07
CA ALA B 119 -32.08 12.66 -13.48
C ALA B 119 -31.85 11.65 -12.36
N VAL B 120 -31.86 12.08 -11.11
CA VAL B 120 -31.61 11.19 -9.94
C VAL B 120 -32.80 10.22 -9.79
N VAL B 121 -34.02 10.72 -10.01
CA VAL B 121 -35.26 9.88 -10.01
C VAL B 121 -35.06 8.76 -11.05
N TYR B 122 -34.67 9.09 -12.27
CA TYR B 122 -34.41 8.10 -13.35
C TYR B 122 -33.29 7.16 -12.91
N ARG B 123 -32.20 7.70 -12.36
CA ARG B 123 -31.03 6.93 -11.89
C ARG B 123 -31.48 5.81 -10.95
N ILE B 124 -32.27 6.14 -9.93
CA ILE B 124 -32.71 5.14 -8.91
C ILE B 124 -33.69 4.15 -9.55
N SER B 125 -34.49 4.61 -10.53
CA SER B 125 -35.50 3.78 -11.24
C SER B 125 -34.80 2.64 -12.01
N ARG B 126 -33.56 2.85 -12.46
CA ARG B 126 -32.80 1.88 -13.29
C ARG B 126 -31.76 1.14 -12.44
N PHE B 127 -31.73 1.38 -11.13
CA PHE B 127 -30.84 0.68 -10.17
C PHE B 127 -31.27 -0.78 -10.11
N PRO B 128 -30.32 -1.75 -10.08
CA PRO B 128 -28.89 -1.48 -10.16
C PRO B 128 -28.31 -1.39 -11.59
N TYR B 129 -28.88 -2.11 -12.55
CA TYR B 129 -28.22 -2.42 -13.84
C TYR B 129 -29.18 -2.28 -15.02
N VAL B 130 -28.76 -1.54 -16.06
CA VAL B 130 -29.42 -1.52 -17.39
C VAL B 130 -28.90 -2.74 -18.17
N ASP B 131 -29.78 -3.70 -18.45
CA ASP B 131 -29.43 -4.94 -19.19
C ASP B 131 -29.11 -4.54 -20.64
N ILE B 132 -27.82 -4.59 -21.01
CA ILE B 132 -27.29 -4.20 -22.35
C ILE B 132 -27.85 -5.12 -23.45
N THR B 133 -28.47 -6.27 -23.09
CA THR B 133 -29.05 -7.25 -24.04
C THR B 133 -30.56 -7.04 -24.20
N LYS B 134 -31.14 -6.04 -23.51
CA LYS B 134 -32.59 -5.75 -23.51
C LYS B 134 -32.82 -4.26 -23.81
N PRO B 135 -32.69 -3.82 -25.08
CA PRO B 135 -32.85 -2.41 -25.43
C PRO B 135 -34.28 -1.86 -25.27
N ASN B 136 -35.28 -2.75 -25.15
CA ASN B 136 -36.70 -2.37 -24.94
C ASN B 136 -37.03 -2.34 -23.44
N SER B 137 -36.08 -2.70 -22.57
CA SER B 137 -36.26 -2.74 -21.10
C SER B 137 -36.65 -1.34 -20.60
N ILE B 138 -37.50 -1.28 -19.58
CA ILE B 138 -37.97 0.02 -19.00
C ILE B 138 -36.77 0.73 -18.36
N LYS B 139 -35.81 -0.01 -17.80
CA LYS B 139 -34.59 0.57 -17.18
C LYS B 139 -33.77 1.29 -18.27
N ARG B 140 -33.69 0.74 -19.48
CA ARG B 140 -33.02 1.41 -20.64
C ARG B 140 -33.78 2.69 -20.98
N VAL B 141 -35.11 2.65 -21.01
CA VAL B 141 -35.96 3.85 -21.29
C VAL B 141 -35.62 4.95 -20.27
N ALA B 142 -35.56 4.59 -18.99
CA ALA B 142 -35.25 5.50 -17.86
C ALA B 142 -33.86 6.12 -18.06
N PHE B 143 -32.88 5.32 -18.49
CA PHE B 143 -31.48 5.78 -18.70
C PHE B 143 -31.46 6.80 -19.84
N GLU B 144 -32.17 6.54 -20.94
CA GLU B 144 -32.23 7.46 -22.11
C GLU B 144 -32.81 8.80 -21.63
N ARG B 145 -33.90 8.77 -20.86
CA ARG B 145 -34.55 10.00 -20.34
C ARG B 145 -33.60 10.71 -19.35
N GLN B 146 -32.87 9.95 -18.54
CA GLN B 146 -31.90 10.53 -17.56
C GLN B 146 -30.85 11.37 -18.30
N LYS B 147 -30.23 10.80 -19.32
CA LYS B 147 -29.17 11.47 -20.13
C LYS B 147 -29.73 12.76 -20.73
N GLN B 148 -30.92 12.72 -21.33
CA GLN B 148 -31.57 13.90 -21.97
C GLN B 148 -31.76 15.00 -20.92
N ALA B 149 -32.32 14.65 -19.75
CA ALA B 149 -32.58 15.58 -18.62
C ALA B 149 -31.26 16.15 -18.09
N TYR B 150 -30.25 15.30 -17.95
CA TYR B 150 -28.92 15.70 -17.39
C TYR B 150 -28.22 16.70 -18.32
N LEU B 151 -28.16 16.41 -19.62
CA LEU B 151 -27.52 17.31 -20.62
C LEU B 151 -28.23 18.67 -20.62
N LYS B 152 -29.57 18.67 -20.54
CA LYS B 152 -30.39 19.91 -20.47
C LYS B 152 -29.99 20.69 -19.21
N ALA B 153 -29.95 20.01 -18.07
CA ALA B 153 -29.60 20.59 -16.73
C ALA B 153 -28.22 21.23 -16.79
N THR B 154 -27.24 20.53 -17.37
CA THR B 154 -25.79 20.91 -17.34
C THR B 154 -25.45 21.85 -18.50
N SER B 155 -26.35 22.03 -19.47
CA SER B 155 -26.14 22.91 -20.66
C SER B 155 -26.01 24.38 -20.23
N LEU B 156 -26.60 24.75 -19.09
CA LEU B 156 -26.66 26.13 -18.56
C LEU B 156 -25.41 26.44 -17.72
N TRP B 157 -24.69 25.42 -17.26
CA TRP B 157 -23.45 25.59 -16.44
C TRP B 157 -22.44 26.42 -17.21
N THR B 158 -21.70 27.31 -16.53
CA THR B 158 -20.66 28.19 -17.12
C THR B 158 -19.68 27.34 -17.93
N GLN B 159 -19.22 26.24 -17.33
CA GLN B 159 -18.46 25.15 -18.01
C GLN B 159 -19.40 23.96 -18.13
N PRO B 160 -20.18 23.88 -19.21
CA PRO B 160 -21.18 22.82 -19.35
C PRO B 160 -20.62 21.42 -19.63
N ILE B 161 -21.37 20.41 -19.22
CA ILE B 161 -20.97 19.02 -19.56
C ILE B 161 -21.39 18.83 -21.03
N ARG B 162 -20.51 18.27 -21.84
CA ARG B 162 -20.87 18.03 -23.26
C ARG B 162 -20.65 16.55 -23.59
N GLU B 163 -21.56 15.96 -24.35
CA GLU B 163 -21.38 14.58 -24.84
C GLU B 163 -20.62 14.65 -26.17
N VAL B 164 -19.56 13.84 -26.30
CA VAL B 164 -18.84 13.61 -27.57
C VAL B 164 -18.96 12.13 -27.91
N THR B 165 -19.35 11.83 -29.15
CA THR B 165 -19.38 10.46 -29.70
C THR B 165 -18.01 10.22 -30.38
N VAL B 166 -17.10 9.54 -29.66
CA VAL B 166 -15.75 9.20 -30.18
C VAL B 166 -15.89 7.98 -31.08
N PRO B 167 -15.43 8.05 -32.35
CA PRO B 167 -15.45 6.87 -33.21
C PRO B 167 -14.51 5.83 -32.57
N HIS B 168 -14.98 4.58 -32.50
CA HIS B 168 -14.16 3.48 -31.92
C HIS B 168 -13.24 2.93 -33.00
N THR B 169 -12.20 3.68 -33.32
CA THR B 169 -11.25 3.32 -34.42
C THR B 169 -10.54 1.98 -34.15
N TYR B 170 -10.31 1.67 -32.88
CA TYR B 170 -9.56 0.46 -32.45
C TYR B 170 -10.49 -0.74 -32.26
N ARG B 171 -11.76 -0.63 -32.66
CA ARG B 171 -12.76 -1.71 -32.53
C ARG B 171 -12.28 -2.97 -33.28
N THR B 172 -12.54 -4.15 -32.71
CA THR B 172 -12.40 -5.48 -33.40
C THR B 172 -13.52 -6.40 -32.91
N GLY B 173 -13.75 -7.52 -33.61
CA GLY B 173 -14.74 -8.55 -33.25
C GLY B 173 -16.14 -7.97 -33.08
N ASN B 174 -16.75 -8.19 -31.92
CA ASN B 174 -18.15 -7.81 -31.61
C ASN B 174 -18.26 -6.34 -31.15
N ASP B 175 -17.13 -5.61 -31.07
CA ASP B 175 -17.10 -4.20 -30.61
C ASP B 175 -18.03 -3.34 -31.48
N GLY B 176 -18.74 -2.39 -30.85
CA GLY B 176 -19.58 -1.39 -31.54
C GLY B 176 -18.75 -0.24 -32.08
N ALA B 177 -19.42 0.72 -32.75
CA ALA B 177 -18.79 1.80 -33.55
C ALA B 177 -18.50 3.05 -32.70
N HIS B 178 -19.31 3.31 -31.67
CA HIS B 178 -19.42 4.65 -31.03
C HIS B 178 -19.12 4.56 -29.53
N ILE B 179 -18.29 5.48 -29.03
CA ILE B 179 -17.97 5.65 -27.57
C ILE B 179 -18.51 7.00 -27.11
N PRO B 180 -19.72 7.06 -26.52
CA PRO B 180 -20.22 8.30 -25.94
C PRO B 180 -19.49 8.61 -24.62
N ILE B 181 -18.82 9.77 -24.57
CA ILE B 181 -18.13 10.27 -23.34
C ILE B 181 -18.69 11.66 -22.99
N TYR B 182 -18.68 11.99 -21.70
CA TYR B 182 -18.92 13.36 -21.19
C TYR B 182 -17.57 14.03 -21.00
N ILE B 183 -17.46 15.28 -21.46
CA ILE B 183 -16.25 16.13 -21.25
C ILE B 183 -16.72 17.44 -20.63
N ARG B 184 -15.96 17.90 -19.64
CA ARG B 184 -16.12 19.24 -19.01
C ARG B 184 -14.73 19.83 -18.88
N THR B 185 -14.54 21.05 -19.38
CA THR B 185 -13.22 21.74 -19.43
C THR B 185 -13.32 23.05 -18.64
N PRO B 186 -12.27 23.41 -17.86
CA PRO B 186 -12.27 24.66 -17.12
C PRO B 186 -12.08 25.86 -18.05
N ALA B 187 -12.52 27.04 -17.60
CA ALA B 187 -12.41 28.32 -18.35
C ALA B 187 -10.92 28.57 -18.67
N GLY B 188 -10.62 28.85 -19.95
CA GLY B 188 -9.27 29.24 -20.40
C GLY B 188 -8.45 28.06 -20.89
N ALA B 189 -9.01 26.86 -20.91
CA ALA B 189 -8.37 25.67 -21.51
C ALA B 189 -8.32 25.86 -23.03
N ASP B 190 -7.14 26.13 -23.58
CA ASP B 190 -6.93 26.36 -25.04
C ASP B 190 -5.59 25.76 -25.46
N GLN B 191 -5.21 25.91 -26.72
CA GLN B 191 -3.98 25.29 -27.28
C GLN B 191 -2.73 25.82 -26.56
N SER B 192 -2.73 27.10 -26.23
CA SER B 192 -1.59 27.78 -25.55
C SER B 192 -1.48 27.31 -24.09
N ASN B 193 -2.61 26.98 -23.46
CA ASN B 193 -2.71 26.66 -22.01
C ASN B 193 -3.53 25.40 -21.81
N PRO B 194 -3.06 24.23 -22.29
CA PRO B 194 -3.78 22.98 -22.10
C PRO B 194 -3.72 22.55 -20.62
N VAL B 195 -4.71 21.77 -20.19
CA VAL B 195 -4.94 21.43 -18.76
C VAL B 195 -4.84 19.92 -18.56
N PRO B 196 -4.49 19.47 -17.34
CA PRO B 196 -4.53 18.04 -17.00
C PRO B 196 -5.94 17.43 -17.18
N ILE B 197 -5.98 16.09 -17.30
CA ILE B 197 -7.23 15.32 -17.55
C ILE B 197 -7.42 14.30 -16.42
N VAL B 198 -8.60 14.26 -15.82
CA VAL B 198 -9.04 13.13 -14.95
C VAL B 198 -10.15 12.38 -15.70
N LEU B 199 -9.88 11.13 -16.10
CA LEU B 199 -10.84 10.25 -16.81
C LEU B 199 -11.50 9.34 -15.77
N ILE B 200 -12.80 9.54 -15.54
CA ILE B 200 -13.63 8.69 -14.66
C ILE B 200 -14.15 7.50 -15.47
N MET B 201 -13.86 6.29 -14.99
CA MET B 201 -14.43 5.01 -15.50
C MET B 201 -15.50 4.57 -14.52
N THR B 202 -16.76 4.55 -14.99
CA THR B 202 -17.96 4.37 -14.13
C THR B 202 -18.17 2.86 -13.90
N GLY B 203 -19.25 2.49 -13.22
CA GLY B 203 -19.45 1.13 -12.68
C GLY B 203 -20.71 0.45 -13.17
N LEU B 204 -21.21 -0.51 -12.39
CA LEU B 204 -22.34 -1.38 -12.76
C LEU B 204 -23.65 -0.59 -12.71
N ASP B 205 -23.76 0.35 -11.75
CA ASP B 205 -25.02 1.12 -11.48
C ASP B 205 -24.80 2.63 -11.69
N GLY B 206 -23.55 3.10 -11.67
CA GLY B 206 -23.21 4.51 -11.95
C GLY B 206 -22.69 4.64 -13.38
N TYR B 207 -23.33 5.47 -14.21
CA TYR B 207 -22.96 5.73 -15.62
C TYR B 207 -22.59 7.21 -15.77
N ARG B 208 -22.44 7.70 -17.00
CA ARG B 208 -21.76 9.00 -17.23
C ARG B 208 -22.52 10.16 -16.59
N PRO B 209 -23.87 10.18 -16.48
CA PRO B 209 -24.56 11.30 -15.83
C PRO B 209 -24.49 11.34 -14.30
N ASP B 210 -23.78 10.41 -13.65
CA ASP B 210 -23.88 10.19 -12.19
C ASP B 210 -22.64 10.71 -11.45
N ASN B 211 -21.96 11.76 -11.96
CA ASN B 211 -20.63 12.18 -11.45
C ASN B 211 -20.50 13.71 -11.35
N SER B 212 -21.61 14.43 -11.16
CA SER B 212 -21.66 15.91 -11.14
C SER B 212 -20.60 16.45 -10.18
N GLN B 213 -20.63 16.04 -8.91
CA GLN B 213 -19.75 16.62 -7.85
C GLN B 213 -18.28 16.35 -8.19
N ARG B 214 -17.97 15.16 -8.72
CA ARG B 214 -16.57 14.82 -9.11
C ARG B 214 -16.10 15.80 -10.20
N THR B 215 -16.96 16.15 -11.16
CA THR B 215 -16.59 17.11 -12.23
C THR B 215 -16.38 18.51 -11.61
N HIS B 216 -17.22 18.92 -10.66
CA HIS B 216 -17.10 20.21 -9.92
C HIS B 216 -15.71 20.30 -9.27
N GLU B 217 -15.31 19.23 -8.57
CA GLU B 217 -14.04 19.17 -7.79
C GLU B 217 -12.85 19.17 -8.75
N ILE B 218 -12.95 18.44 -9.86
CA ILE B 218 -11.87 18.31 -10.88
C ILE B 218 -11.67 19.68 -11.55
N LEU B 219 -12.74 20.35 -11.95
CA LEU B 219 -12.67 21.70 -12.60
C LEU B 219 -12.21 22.76 -11.59
N ALA B 220 -12.65 22.69 -10.34
CA ALA B 220 -12.23 23.60 -9.23
C ALA B 220 -10.71 23.61 -9.11
N ARG B 221 -10.05 22.47 -9.39
CA ARG B 221 -8.58 22.28 -9.28
C ARG B 221 -7.89 22.59 -10.63
N GLY B 222 -8.65 23.04 -11.63
CA GLY B 222 -8.13 23.54 -12.92
C GLY B 222 -7.89 22.44 -13.94
N TRP B 223 -8.57 21.29 -13.77
CA TRP B 223 -8.40 20.10 -14.65
C TRP B 223 -9.69 19.86 -15.44
N ALA B 224 -9.56 19.19 -16.60
CA ALA B 224 -10.68 18.68 -17.40
C ALA B 224 -11.17 17.37 -16.78
N ALA B 225 -12.48 17.16 -16.78
CA ALA B 225 -13.15 15.89 -16.39
C ALA B 225 -13.63 15.21 -17.68
N VAL B 226 -13.25 13.94 -17.86
CA VAL B 226 -13.81 13.04 -18.90
C VAL B 226 -14.48 11.87 -18.18
N VAL B 227 -15.64 11.44 -18.65
CA VAL B 227 -16.44 10.35 -18.05
C VAL B 227 -16.78 9.34 -19.14
N ALA B 228 -16.45 8.07 -18.92
CA ALA B 228 -16.66 6.96 -19.88
C ALA B 228 -17.17 5.75 -19.11
N GLU B 229 -18.11 5.00 -19.72
CA GLU B 229 -18.64 3.75 -19.14
C GLU B 229 -17.70 2.60 -19.50
N ILE B 230 -17.82 1.51 -18.74
CA ILE B 230 -16.93 0.32 -18.80
C ILE B 230 -17.62 -0.77 -19.62
N PRO B 231 -16.86 -1.75 -20.16
CA PRO B 231 -17.42 -2.88 -20.88
C PRO B 231 -18.58 -3.57 -20.14
N GLY B 232 -19.65 -3.91 -20.88
CA GLY B 232 -20.81 -4.64 -20.34
C GLY B 232 -21.79 -3.74 -19.62
N THR B 233 -21.66 -2.41 -19.77
CA THR B 233 -22.58 -1.43 -19.15
C THR B 233 -23.01 -0.35 -20.16
N ALA B 234 -24.19 0.22 -19.91
CA ALA B 234 -24.66 1.51 -20.48
C ALA B 234 -24.44 1.52 -21.99
N ASP B 235 -23.66 2.47 -22.52
CA ASP B 235 -23.48 2.68 -23.98
C ASP B 235 -22.04 2.36 -24.37
N CYS B 236 -21.32 1.62 -23.53
CA CYS B 236 -19.95 1.14 -23.83
C CYS B 236 -20.01 0.15 -25.00
N PRO B 237 -19.26 0.40 -26.09
CA PRO B 237 -19.30 -0.48 -27.27
C PRO B 237 -18.35 -1.69 -27.18
N ALA B 238 -17.56 -1.79 -26.11
CA ALA B 238 -16.58 -2.89 -25.90
C ALA B 238 -17.32 -4.23 -25.81
N ASP B 239 -16.82 -5.26 -26.49
CA ASP B 239 -17.33 -6.65 -26.37
C ASP B 239 -17.15 -7.08 -24.92
N PRO B 240 -18.25 -7.24 -24.13
CA PRO B 240 -18.12 -7.55 -22.70
C PRO B 240 -17.41 -8.88 -22.46
N ALA B 241 -17.54 -9.82 -23.40
CA ALA B 241 -17.07 -11.22 -23.29
C ALA B 241 -15.59 -11.34 -23.65
N ASP B 242 -14.99 -10.30 -24.24
CA ASP B 242 -13.57 -10.29 -24.68
C ASP B 242 -12.75 -9.49 -23.66
N PRO B 243 -11.90 -10.15 -22.84
CA PRO B 243 -11.11 -9.44 -21.84
C PRO B 243 -10.18 -8.34 -22.38
N ALA B 244 -9.85 -8.38 -23.68
CA ALA B 244 -8.97 -7.39 -24.34
C ALA B 244 -9.75 -6.12 -24.74
N SER B 245 -11.08 -6.17 -24.76
CA SER B 245 -11.95 -5.08 -25.28
C SER B 245 -11.70 -3.75 -24.56
N PRO B 246 -11.48 -3.68 -23.23
CA PRO B 246 -11.17 -2.41 -22.58
C PRO B 246 -9.90 -1.76 -23.13
N ASP B 247 -8.88 -2.55 -23.46
CA ASP B 247 -7.58 -2.06 -24.00
C ASP B 247 -7.84 -1.30 -25.31
N ARG B 248 -8.68 -1.87 -26.18
CA ARG B 248 -9.10 -1.27 -27.47
C ARG B 248 -9.90 0.01 -27.17
N LEU B 249 -10.83 -0.07 -26.22
CA LEU B 249 -11.70 1.06 -25.80
C LEU B 249 -10.84 2.27 -25.41
N TRP B 250 -9.82 2.06 -24.57
CA TRP B 250 -9.00 3.18 -24.03
C TRP B 250 -8.04 3.68 -25.12
N ASP B 251 -7.59 2.80 -26.03
CA ASP B 251 -6.80 3.22 -27.22
C ASP B 251 -7.61 4.29 -27.98
N SER B 252 -8.90 4.06 -28.22
CA SER B 252 -9.78 4.99 -28.96
C SER B 252 -9.97 6.28 -28.17
N VAL B 253 -10.26 6.18 -26.87
CA VAL B 253 -10.58 7.35 -26.01
C VAL B 253 -9.31 8.20 -25.85
N LEU B 254 -8.18 7.60 -25.47
CA LEU B 254 -6.91 8.34 -25.21
C LEU B 254 -6.41 8.97 -26.52
N SER B 255 -6.53 8.27 -27.64
CA SER B 255 -6.16 8.79 -28.99
C SER B 255 -7.01 10.01 -29.32
N TYR B 256 -8.30 10.02 -28.95
CA TYR B 256 -9.19 11.19 -29.13
C TYR B 256 -8.67 12.35 -28.28
N LEU B 257 -8.40 12.10 -26.99
CA LEU B 257 -7.95 13.14 -26.03
C LEU B 257 -6.57 13.69 -26.46
N ASP B 258 -5.72 12.83 -27.05
CA ASP B 258 -4.38 13.21 -27.56
C ASP B 258 -4.51 14.34 -28.59
N GLN B 259 -5.56 14.31 -29.43
CA GLN B 259 -5.75 15.23 -30.58
C GLN B 259 -6.55 16.48 -30.15
N ARG B 260 -7.02 16.53 -28.89
CA ARG B 260 -7.71 17.72 -28.33
C ARG B 260 -6.66 18.73 -27.90
N PRO B 261 -6.54 19.90 -28.58
CA PRO B 261 -5.50 20.88 -28.26
C PRO B 261 -5.50 21.40 -26.82
N GLU B 262 -6.68 21.48 -26.19
CA GLU B 262 -6.86 22.09 -24.85
C GLU B 262 -6.57 21.08 -23.73
N LEU B 263 -6.40 19.79 -24.05
CA LEU B 263 -6.23 18.70 -23.05
C LEU B 263 -4.79 18.15 -23.08
N ASN B 264 -4.11 18.16 -21.93
CA ASN B 264 -2.70 17.71 -21.81
C ASN B 264 -2.69 16.25 -21.36
N THR B 265 -2.56 15.32 -22.30
CA THR B 265 -2.58 13.85 -22.04
C THR B 265 -1.26 13.39 -21.41
N ALA B 266 -0.26 14.27 -21.32
CA ALA B 266 1.00 14.02 -20.57
C ALA B 266 0.74 14.17 -19.07
N LYS B 267 -0.38 14.79 -18.68
CA LYS B 267 -0.79 14.94 -17.26
C LYS B 267 -2.21 14.38 -17.08
N MET B 268 -2.34 13.06 -17.12
CA MET B 268 -3.65 12.36 -17.12
C MET B 268 -3.67 11.28 -16.04
N VAL B 269 -4.79 11.21 -15.31
CA VAL B 269 -5.07 10.20 -14.25
C VAL B 269 -6.41 9.55 -14.57
N VAL B 270 -6.52 8.22 -14.38
CA VAL B 270 -7.81 7.50 -14.52
C VAL B 270 -8.36 7.23 -13.13
N TRP B 271 -9.69 7.23 -13.00
CA TRP B 271 -10.41 7.10 -11.70
C TRP B 271 -11.55 6.10 -11.91
N GLY B 272 -11.35 4.86 -11.46
CA GLY B 272 -12.31 3.74 -11.59
C GLY B 272 -13.19 3.63 -10.36
N LEU B 273 -14.52 3.69 -10.55
CA LEU B 273 -15.50 3.70 -9.44
C LEU B 273 -16.21 2.35 -9.36
N SER B 274 -16.04 1.64 -8.25
CA SER B 274 -16.63 0.32 -7.96
C SER B 274 -16.24 -0.67 -9.08
N ALA B 275 -17.19 -1.15 -9.90
CA ALA B 275 -16.89 -2.05 -11.05
C ALA B 275 -15.84 -1.38 -11.97
N GLY B 276 -15.83 -0.05 -12.03
CA GLY B 276 -14.81 0.74 -12.77
C GLY B 276 -13.40 0.55 -12.23
N GLY B 277 -13.27 0.21 -10.95
CA GLY B 277 -11.97 -0.02 -10.28
C GLY B 277 -11.10 -1.01 -11.05
N TYR B 278 -11.68 -2.16 -11.41
CA TYR B 278 -11.05 -3.21 -12.25
C TYR B 278 -10.36 -2.56 -13.46
N TYR B 279 -11.07 -1.66 -14.14
CA TYR B 279 -10.64 -1.07 -15.43
C TYR B 279 -9.56 -0.02 -15.16
N ALA B 280 -9.61 0.68 -14.03
CA ALA B 280 -8.55 1.63 -13.61
C ALA B 280 -7.26 0.86 -13.29
N ILE B 281 -7.37 -0.27 -12.57
CA ILE B 281 -6.22 -1.16 -12.25
C ILE B 281 -5.63 -1.67 -13.56
N ARG B 282 -6.46 -2.25 -14.44
CA ARG B 282 -6.00 -2.84 -15.72
C ARG B 282 -5.29 -1.75 -16.53
N ALA B 283 -5.90 -0.57 -16.67
CA ALA B 283 -5.38 0.56 -17.48
C ALA B 283 -4.03 1.04 -16.91
N ALA B 284 -3.90 1.04 -15.58
CA ALA B 284 -2.65 1.41 -14.86
C ALA B 284 -1.47 0.55 -15.36
N HIS B 285 -1.75 -0.68 -15.80
CA HIS B 285 -0.76 -1.64 -16.36
C HIS B 285 -0.66 -1.46 -17.88
N THR B 286 -1.78 -1.68 -18.59
CA THR B 286 -1.83 -1.77 -20.07
C THR B 286 -1.46 -0.43 -20.70
N HIS B 287 -1.81 0.69 -20.06
CA HIS B 287 -1.61 2.07 -20.60
C HIS B 287 -0.71 2.87 -19.67
N ARG B 288 0.21 2.21 -18.95
CA ARG B 288 1.14 2.85 -17.98
C ARG B 288 1.96 3.95 -18.66
N ASP B 289 2.27 3.78 -19.96
CA ASP B 289 3.09 4.72 -20.77
C ASP B 289 2.29 6.00 -21.08
N ARG B 290 0.98 6.02 -20.81
CA ARG B 290 0.07 7.14 -21.18
C ARG B 290 -0.62 7.76 -19.95
N LEU B 291 -0.29 7.32 -18.73
CA LEU B 291 -0.97 7.79 -17.49
C LEU B 291 0.08 8.18 -16.42
N LEU B 292 -0.16 9.29 -15.71
CA LEU B 292 0.63 9.71 -14.52
C LEU B 292 0.15 8.92 -13.30
N GLY B 293 -1.09 8.43 -13.31
CA GLY B 293 -1.63 7.69 -12.17
C GLY B 293 -3.03 7.13 -12.42
N ALA B 294 -3.49 6.31 -11.49
CA ALA B 294 -4.82 5.66 -11.51
C ALA B 294 -5.31 5.57 -10.06
N ILE B 295 -6.59 5.88 -9.85
CA ILE B 295 -7.30 5.60 -8.57
C ILE B 295 -8.29 4.46 -8.85
N ALA B 296 -8.25 3.43 -8.02
CA ALA B 296 -9.25 2.33 -8.09
C ALA B 296 -10.03 2.38 -6.78
N HIS B 297 -11.31 2.71 -6.86
CA HIS B 297 -12.17 2.90 -5.67
C HIS B 297 -13.10 1.69 -5.53
N GLY B 298 -13.00 0.94 -4.43
CA GLY B 298 -13.80 -0.29 -4.24
C GLY B 298 -13.58 -1.28 -5.37
N PRO B 299 -12.31 -1.60 -5.75
CA PRO B 299 -12.08 -2.47 -6.91
C PRO B 299 -12.12 -3.97 -6.62
N GLY B 300 -12.58 -4.74 -7.61
CA GLY B 300 -12.33 -6.19 -7.73
C GLY B 300 -11.30 -6.43 -8.82
N CYS B 301 -10.49 -7.48 -8.74
CA CYS B 301 -9.52 -7.83 -9.81
C CYS B 301 -9.23 -9.33 -9.88
N HIS B 302 -9.64 -10.13 -8.89
CA HIS B 302 -9.31 -11.59 -8.83
C HIS B 302 -10.28 -12.33 -7.91
N TYR B 303 -10.19 -12.12 -6.60
CA TYR B 303 -10.98 -12.85 -5.58
C TYR B 303 -12.48 -12.52 -5.68
N TYR B 304 -12.88 -11.41 -6.29
CA TYR B 304 -14.31 -11.05 -6.44
C TYR B 304 -15.02 -12.11 -7.32
N LEU B 305 -14.26 -12.83 -8.16
CA LEU B 305 -14.79 -13.87 -9.08
C LEU B 305 -14.56 -15.29 -8.53
N ASP B 306 -14.00 -15.40 -7.32
CA ASP B 306 -13.85 -16.70 -6.59
C ASP B 306 -15.25 -17.28 -6.38
N PRO B 307 -15.53 -18.52 -6.83
CA PRO B 307 -16.85 -19.14 -6.63
C PRO B 307 -17.35 -19.07 -5.18
N GLU B 308 -16.44 -19.22 -4.20
CA GLU B 308 -16.74 -19.15 -2.74
C GLU B 308 -17.26 -17.75 -2.39
N TRP B 309 -16.63 -16.71 -2.95
CA TRP B 309 -17.04 -15.30 -2.76
C TRP B 309 -18.40 -15.06 -3.43
N LEU B 310 -18.57 -15.53 -4.67
CA LEU B 310 -19.79 -15.34 -5.49
C LEU B 310 -20.98 -16.06 -4.86
N ALA B 311 -20.74 -17.11 -4.06
CA ALA B 311 -21.78 -17.90 -3.36
C ALA B 311 -22.52 -17.04 -2.34
N LYS B 312 -21.84 -16.06 -1.72
CA LYS B 312 -22.34 -15.24 -0.59
C LYS B 312 -22.45 -13.75 -0.95
N VAL B 313 -21.98 -13.33 -2.12
CA VAL B 313 -21.88 -11.88 -2.50
C VAL B 313 -23.28 -11.24 -2.49
N ASN B 314 -24.32 -11.97 -2.91
CA ASN B 314 -25.72 -11.45 -2.97
C ASN B 314 -26.27 -11.21 -1.56
N ASP B 315 -25.61 -11.73 -0.51
CA ASP B 315 -26.12 -11.71 0.89
C ASP B 315 -25.55 -10.52 1.67
N HIS B 316 -24.78 -9.63 1.05
CA HIS B 316 -24.06 -8.52 1.74
C HIS B 316 -24.70 -7.16 1.41
N GLU B 317 -23.92 -6.08 1.39
CA GLU B 317 -24.44 -4.69 1.50
C GLU B 317 -25.00 -4.17 0.16
N TYR B 318 -24.75 -4.82 -0.97
CA TYR B 318 -25.32 -4.32 -2.25
C TYR B 318 -26.84 -4.30 -2.11
N PRO B 319 -27.52 -3.19 -2.47
CA PRO B 319 -28.96 -3.04 -2.19
C PRO B 319 -29.86 -4.17 -2.73
N PHE B 320 -29.50 -4.76 -3.87
CA PHE B 320 -30.25 -5.84 -4.56
C PHE B 320 -29.29 -6.94 -5.00
N GLU B 321 -29.82 -8.01 -5.60
CA GLU B 321 -29.01 -9.14 -6.15
C GLU B 321 -28.03 -8.57 -7.18
N ILE B 322 -26.79 -9.04 -7.19
CA ILE B 322 -25.71 -8.49 -8.07
C ILE B 322 -25.25 -9.54 -9.10
N THR B 323 -25.35 -10.85 -8.81
CA THR B 323 -24.68 -11.90 -9.64
C THR B 323 -25.28 -11.96 -11.06
N ALA B 324 -26.61 -11.76 -11.22
CA ALA B 324 -27.29 -11.72 -12.54
C ALA B 324 -26.70 -10.55 -13.37
N ALA B 325 -26.59 -9.37 -12.78
CA ALA B 325 -26.03 -8.17 -13.45
C ALA B 325 -24.56 -8.42 -13.80
N TRP B 326 -23.79 -8.97 -12.86
CA TRP B 326 -22.35 -9.31 -13.05
C TRP B 326 -22.20 -10.28 -14.22
N ALA B 327 -23.02 -11.34 -14.27
CA ALA B 327 -23.01 -12.35 -15.35
C ALA B 327 -23.09 -11.63 -16.71
N THR B 328 -24.10 -10.76 -16.86
CA THR B 328 -24.40 -10.05 -18.12
C THR B 328 -23.25 -9.09 -18.45
N LYS B 329 -22.73 -8.36 -17.45
CA LYS B 329 -21.65 -7.37 -17.62
C LYS B 329 -20.35 -8.06 -18.06
N HIS B 330 -20.15 -9.32 -17.66
CA HIS B 330 -18.97 -10.15 -18.01
C HIS B 330 -19.21 -10.96 -19.30
N GLY B 331 -20.36 -10.75 -19.97
CA GLY B 331 -20.65 -11.28 -21.31
C GLY B 331 -21.16 -12.72 -21.29
N TYR B 332 -21.66 -13.19 -20.15
CA TYR B 332 -22.18 -14.58 -19.97
C TYR B 332 -23.71 -14.61 -20.13
N LYS B 333 -24.21 -15.69 -20.72
CA LYS B 333 -25.65 -15.92 -21.00
C LYS B 333 -26.36 -16.37 -19.71
N THR B 334 -25.64 -17.02 -18.80
CA THR B 334 -26.18 -17.52 -17.50
C THR B 334 -25.21 -17.19 -16.35
N VAL B 335 -25.75 -17.09 -15.14
CA VAL B 335 -24.98 -16.90 -13.87
C VAL B 335 -24.10 -18.15 -13.65
N GLU B 336 -24.65 -19.34 -13.93
CA GLU B 336 -23.96 -20.64 -13.71
C GLU B 336 -22.64 -20.65 -14.49
N GLU B 337 -22.65 -20.17 -15.73
CA GLU B 337 -21.44 -20.15 -16.60
C GLU B 337 -20.48 -19.05 -16.12
N PHE B 338 -21.01 -17.90 -15.69
CA PHE B 338 -20.23 -16.77 -15.11
C PHE B 338 -19.45 -17.27 -13.89
N VAL B 339 -20.15 -17.88 -12.93
CA VAL B 339 -19.55 -18.41 -11.67
C VAL B 339 -18.45 -19.43 -12.01
N ALA B 340 -18.70 -20.31 -12.98
CA ALA B 340 -17.77 -21.40 -13.38
C ALA B 340 -16.52 -20.85 -14.06
N GLY B 341 -16.65 -19.83 -14.91
CA GLY B 341 -15.64 -19.48 -15.92
C GLY B 341 -14.95 -18.14 -15.70
N ALA B 342 -15.57 -17.21 -14.97
CA ALA B 342 -15.22 -15.77 -14.98
C ALA B 342 -13.80 -15.54 -14.44
N GLN B 343 -13.43 -16.16 -13.31
CA GLN B 343 -12.14 -15.86 -12.63
C GLN B 343 -10.98 -16.13 -13.59
N LYS B 344 -10.87 -17.35 -14.13
CA LYS B 344 -9.72 -17.73 -14.99
C LYS B 344 -9.68 -16.80 -16.21
N LYS B 345 -10.83 -16.32 -16.68
CA LYS B 345 -10.95 -15.53 -17.93
C LYS B 345 -10.63 -14.04 -17.68
N PHE B 346 -11.10 -13.46 -16.57
CA PHE B 346 -11.06 -11.99 -16.34
C PHE B 346 -10.07 -11.58 -15.24
N SER B 347 -9.66 -12.49 -14.34
CA SER B 347 -8.73 -12.15 -13.24
C SER B 347 -7.47 -11.47 -13.82
N LEU B 348 -7.14 -10.28 -13.32
CA LEU B 348 -5.87 -9.58 -13.65
C LEU B 348 -4.68 -10.35 -13.08
N VAL B 349 -4.91 -11.16 -12.03
CA VAL B 349 -3.86 -12.01 -11.40
C VAL B 349 -3.64 -13.27 -12.25
N GLU B 350 -4.71 -14.01 -12.57
CA GLU B 350 -4.61 -15.30 -13.30
C GLU B 350 -4.06 -15.07 -14.71
N THR B 351 -4.50 -13.99 -15.38
CA THR B 351 -4.09 -13.67 -16.78
C THR B 351 -2.74 -12.94 -16.79
N GLY B 352 -2.25 -12.49 -15.63
CA GLY B 352 -0.87 -12.01 -15.45
C GLY B 352 -0.70 -10.55 -15.79
N ILE B 353 -1.79 -9.79 -15.92
CA ILE B 353 -1.74 -8.31 -16.12
C ILE B 353 -0.94 -7.68 -14.97
N VAL B 354 -1.11 -8.18 -13.74
CA VAL B 354 -0.51 -7.60 -12.50
C VAL B 354 1.01 -7.79 -12.49
N ASP B 355 1.54 -8.72 -13.30
CA ASP B 355 2.98 -9.04 -13.32
C ASP B 355 3.74 -8.04 -14.21
N GLN B 356 3.02 -7.17 -14.92
CA GLN B 356 3.59 -6.01 -15.64
C GLN B 356 3.76 -4.85 -14.66
N PRO B 357 4.64 -3.87 -14.97
CA PRO B 357 4.70 -2.64 -14.19
C PRO B 357 3.43 -1.81 -14.40
N SER B 358 3.21 -0.81 -13.56
CA SER B 358 2.04 0.11 -13.63
C SER B 358 2.51 1.54 -13.30
N CYS B 359 1.74 2.53 -13.74
CA CYS B 359 1.82 3.92 -13.23
C CYS B 359 1.43 3.88 -11.74
N ARG B 360 1.59 4.99 -11.03
CA ARG B 360 1.14 5.08 -9.62
C ARG B 360 -0.33 4.65 -9.56
N LEU B 361 -0.66 3.79 -8.61
CA LEU B 361 -2.03 3.22 -8.44
C LEU B 361 -2.44 3.38 -6.98
N LEU B 362 -3.46 4.21 -6.73
CA LEU B 362 -4.09 4.40 -5.40
C LEU B 362 -5.28 3.45 -5.27
N LEU B 363 -5.26 2.60 -4.25
CA LEU B 363 -6.35 1.66 -3.91
C LEU B 363 -7.08 2.18 -2.67
N LEU B 364 -8.39 2.40 -2.79
CA LEU B 364 -9.27 2.90 -1.69
C LEU B 364 -10.43 1.92 -1.52
N ASN B 365 -10.73 1.54 -0.28
CA ASN B 365 -11.92 0.70 0.03
C ASN B 365 -12.12 0.60 1.54
N GLY B 366 -13.34 0.22 1.94
CA GLY B 366 -13.61 -0.32 3.29
C GLY B 366 -13.03 -1.71 3.45
N VAL B 367 -12.46 -2.01 4.62
CA VAL B 367 -11.84 -3.33 4.94
C VAL B 367 -12.95 -4.40 4.88
N ASP B 368 -14.15 -4.06 5.36
CA ASP B 368 -15.29 -5.01 5.49
C ASP B 368 -16.18 -4.90 4.24
N ASP B 369 -15.59 -4.75 3.06
CA ASP B 369 -16.30 -4.79 1.76
C ASP B 369 -16.83 -6.22 1.56
N GLY B 370 -18.15 -6.35 1.36
CA GLY B 370 -18.84 -7.65 1.12
C GLY B 370 -19.30 -7.80 -0.32
N VAL B 371 -18.98 -6.83 -1.18
CA VAL B 371 -19.31 -6.85 -2.63
C VAL B 371 -18.07 -7.32 -3.40
N VAL B 372 -16.92 -6.70 -3.14
CA VAL B 372 -15.59 -7.14 -3.64
C VAL B 372 -14.67 -7.23 -2.43
N PRO B 373 -13.87 -8.32 -2.29
CA PRO B 373 -13.11 -8.53 -1.06
C PRO B 373 -11.93 -7.55 -0.96
N ILE B 374 -11.61 -7.09 0.26
CA ILE B 374 -10.41 -6.22 0.49
C ILE B 374 -9.16 -6.95 -0.01
N GLU B 375 -9.17 -8.29 -0.02
CA GLU B 375 -8.06 -9.13 -0.55
C GLU B 375 -7.67 -8.69 -1.97
N ASP B 376 -8.62 -8.13 -2.74
CA ASP B 376 -8.39 -7.73 -4.15
C ASP B 376 -7.59 -6.41 -4.21
N CYS B 377 -7.58 -5.63 -3.14
CA CYS B 377 -6.62 -4.51 -2.95
C CYS B 377 -5.26 -5.08 -2.49
N LEU B 378 -5.26 -5.91 -1.45
CA LEU B 378 -4.04 -6.37 -0.75
C LEU B 378 -3.16 -7.20 -1.70
N VAL B 379 -3.77 -8.02 -2.57
CA VAL B 379 -3.04 -8.94 -3.48
C VAL B 379 -2.13 -8.13 -4.42
N LEU B 380 -2.54 -6.91 -4.79
CA LEU B 380 -1.81 -6.08 -5.80
C LEU B 380 -0.45 -5.63 -5.26
N PHE B 381 -0.26 -5.63 -3.94
CA PHE B 381 1.04 -5.28 -3.30
C PHE B 381 2.06 -6.40 -3.50
N GLU B 382 1.62 -7.58 -3.94
CA GLU B 382 2.47 -8.79 -4.07
C GLU B 382 2.89 -9.00 -5.54
N HIS B 383 2.62 -8.02 -6.40
CA HIS B 383 2.89 -8.10 -7.87
C HIS B 383 3.43 -6.78 -8.40
N GLY B 384 4.26 -6.84 -9.43
CA GLY B 384 4.65 -5.70 -10.28
C GLY B 384 5.22 -4.55 -9.48
N SER B 385 4.79 -3.32 -9.80
CA SER B 385 5.26 -2.05 -9.19
C SER B 385 4.65 -1.88 -7.81
N PRO B 386 5.28 -1.09 -6.91
CA PRO B 386 4.66 -0.75 -5.63
C PRO B 386 3.31 -0.05 -5.88
N LYS B 387 2.33 -0.36 -5.03
CA LYS B 387 0.97 0.22 -5.05
C LYS B 387 0.82 1.13 -3.83
N GLU B 388 -0.15 2.04 -3.88
N GLU B 388 -0.15 2.05 -3.90
CA GLU B 388 -0.51 2.95 -2.76
CA GLU B 388 -0.52 2.95 -2.78
C GLU B 388 -1.94 2.62 -2.33
C GLU B 388 -1.93 2.57 -2.32
N GLY B 389 -2.22 2.71 -1.03
CA GLY B 389 -3.53 2.31 -0.48
C GLY B 389 -3.88 3.02 0.81
N ARG B 390 -5.18 3.09 1.06
CA ARG B 390 -5.79 3.48 2.35
C ARG B 390 -7.09 2.68 2.46
N PHE B 391 -7.19 1.85 3.51
CA PHE B 391 -8.30 0.90 3.72
C PHE B 391 -8.93 1.22 5.07
N TYR B 392 -10.26 1.38 5.09
CA TYR B 392 -11.02 1.95 6.22
C TYR B 392 -11.61 0.82 7.07
N LYS B 393 -11.09 0.70 8.31
CA LYS B 393 -11.53 -0.30 9.32
C LYS B 393 -13.05 -0.27 9.43
N GLY B 394 -13.68 -1.45 9.39
CA GLY B 394 -15.09 -1.65 9.76
C GLY B 394 -16.06 -1.14 8.71
N LEU B 395 -15.58 -0.58 7.60
CA LEU B 395 -16.44 0.08 6.58
C LEU B 395 -16.74 -0.89 5.43
N PRO B 396 -17.97 -0.84 4.88
CA PRO B 396 -18.34 -1.67 3.73
C PRO B 396 -17.87 -1.07 2.40
N HIS B 397 -18.35 -1.61 1.28
CA HIS B 397 -17.95 -1.27 -0.11
C HIS B 397 -17.79 0.25 -0.28
N MET B 398 -16.62 0.68 -0.79
CA MET B 398 -16.22 2.05 -1.19
C MET B 398 -15.64 2.84 -0.01
N GLY B 399 -15.99 2.50 1.24
CA GLY B 399 -15.52 3.17 2.46
C GLY B 399 -15.89 4.65 2.48
N TYR B 400 -17.08 4.98 1.96
CA TYR B 400 -17.61 6.38 1.96
C TYR B 400 -18.07 6.72 3.38
N PRO B 401 -18.11 8.02 3.78
CA PRO B 401 -17.56 9.12 2.99
C PRO B 401 -16.04 9.35 3.16
N ASN B 402 -15.41 8.54 4.02
CA ASN B 402 -13.99 8.71 4.47
C ASN B 402 -13.07 8.78 3.25
N SER B 403 -13.34 7.95 2.24
CA SER B 403 -12.46 7.68 1.06
C SER B 403 -12.53 8.79 0.01
N LEU B 404 -13.45 9.74 0.13
CA LEU B 404 -13.66 10.79 -0.92
C LEU B 404 -12.57 11.86 -0.82
N PRO B 405 -12.37 12.54 0.34
CA PRO B 405 -11.39 13.64 0.42
C PRO B 405 -9.96 13.23 0.02
N VAL B 406 -9.49 12.07 0.48
CA VAL B 406 -8.12 11.55 0.21
C VAL B 406 -7.88 11.42 -1.30
N SER B 407 -8.92 11.12 -2.09
CA SER B 407 -8.85 11.04 -3.57
C SER B 407 -8.27 12.34 -4.13
N TYR B 408 -8.80 13.49 -3.69
CA TYR B 408 -8.43 14.83 -4.20
C TYR B 408 -7.03 15.21 -3.72
N GLU B 409 -6.69 14.90 -2.47
CA GLU B 409 -5.32 15.10 -1.93
C GLU B 409 -4.32 14.38 -2.85
N TRP B 410 -4.59 13.12 -3.18
CA TRP B 410 -3.71 12.28 -4.02
C TRP B 410 -3.61 12.87 -5.43
N LEU B 411 -4.76 13.20 -6.04
CA LEU B 411 -4.81 13.83 -7.39
C LEU B 411 -3.96 15.10 -7.40
N GLU B 412 -4.09 15.95 -6.37
CA GLU B 412 -3.34 17.23 -6.27
C GLU B 412 -1.84 16.95 -6.27
N GLN B 413 -1.40 15.90 -5.58
CA GLN B 413 0.04 15.52 -5.49
CA GLN B 413 0.03 15.51 -5.48
C GLN B 413 0.52 15.03 -6.86
N VAL B 414 -0.25 14.16 -7.53
CA VAL B 414 0.15 13.51 -8.80
C VAL B 414 0.16 14.54 -9.94
N LEU B 415 -0.79 15.47 -9.97
CA LEU B 415 -0.96 16.45 -11.07
C LEU B 415 -0.30 17.80 -10.71
N ALA B 416 0.51 17.83 -9.65
CA ALA B 416 1.19 19.06 -9.15
C ALA B 416 2.07 19.66 -10.23
N SER B 417 2.16 21.00 -10.27
CA SER B 417 3.04 21.79 -11.17
C SER B 417 4.30 22.22 -10.43
N ARG C 20 40.42 -13.30 -42.97
CA ARG C 20 39.90 -14.28 -43.96
C ARG C 20 39.10 -15.37 -43.22
N TRP C 21 37.77 -15.37 -43.39
CA TRP C 21 36.83 -16.38 -42.83
C TRP C 21 36.31 -17.27 -43.97
N ILE C 22 35.95 -18.52 -43.65
CA ILE C 22 35.33 -19.48 -44.62
C ILE C 22 34.00 -18.91 -45.10
N LEU C 23 33.27 -18.22 -44.23
CA LEU C 23 32.01 -17.49 -44.56
C LEU C 23 32.22 -16.66 -45.83
N GLY C 24 33.42 -16.08 -45.99
CA GLY C 24 33.89 -15.44 -47.23
C GLY C 24 33.20 -14.12 -47.49
N ASP C 25 32.68 -13.94 -48.72
CA ASP C 25 32.06 -12.68 -49.20
C ASP C 25 30.86 -12.30 -48.31
N LYS C 26 30.18 -13.28 -47.73
CA LYS C 26 28.98 -13.09 -46.86
C LYS C 26 29.37 -12.38 -45.55
N PHE C 27 30.63 -12.53 -45.10
CA PHE C 27 31.13 -11.95 -43.83
C PHE C 27 31.01 -10.41 -43.87
N ASP C 28 31.51 -9.80 -44.93
CA ASP C 28 31.54 -8.31 -45.10
C ASP C 28 30.28 -7.85 -45.82
N THR C 29 29.10 -8.25 -45.33
CA THR C 29 27.76 -7.82 -45.82
C THR C 29 26.83 -7.59 -44.63
N VAL C 30 25.85 -6.71 -44.81
CA VAL C 30 24.73 -6.48 -43.85
C VAL C 30 23.48 -7.15 -44.43
N PHE C 31 22.99 -8.19 -43.75
CA PHE C 31 21.85 -9.02 -44.20
C PHE C 31 20.59 -8.15 -44.23
N PRO C 32 19.66 -8.36 -45.19
CA PRO C 32 18.57 -7.42 -45.43
C PRO C 32 17.58 -7.21 -44.28
N HIS C 33 17.52 -8.13 -43.31
CA HIS C 33 16.55 -8.12 -42.18
C HIS C 33 17.11 -7.31 -41.00
N LYS C 34 18.37 -6.89 -41.02
CA LYS C 34 19.00 -6.17 -39.88
C LYS C 34 18.22 -4.89 -39.62
N GLY C 35 17.68 -4.75 -38.41
CA GLY C 35 16.89 -3.58 -37.96
C GLY C 35 15.54 -3.46 -38.67
N SER C 36 15.07 -4.55 -39.29
CA SER C 36 13.79 -4.60 -40.05
C SER C 36 13.04 -5.89 -39.71
N LEU C 37 12.16 -5.83 -38.69
CA LEU C 37 11.24 -6.93 -38.30
C LEU C 37 10.33 -7.27 -39.50
N LYS C 38 9.95 -6.27 -40.30
CA LYS C 38 9.10 -6.47 -41.51
C LYS C 38 9.80 -7.43 -42.47
N VAL C 39 11.05 -7.15 -42.84
CA VAL C 39 11.87 -7.99 -43.76
C VAL C 39 12.10 -9.36 -43.11
N LEU C 40 12.35 -9.40 -41.80
CA LEU C 40 12.55 -10.67 -41.04
C LEU C 40 11.31 -11.55 -41.20
N TRP C 41 10.12 -10.98 -40.97
CA TRP C 41 8.83 -11.70 -41.11
C TRP C 41 8.61 -12.07 -42.59
N GLU C 42 8.70 -11.09 -43.49
CA GLU C 42 8.36 -11.24 -44.94
C GLU C 42 9.30 -12.25 -45.61
N SER C 43 10.60 -12.24 -45.28
CA SER C 43 11.66 -13.00 -46.01
C SER C 43 11.98 -14.34 -45.34
N ARG C 44 11.77 -14.49 -44.03
CA ARG C 44 12.27 -15.67 -43.25
C ARG C 44 11.18 -16.24 -42.34
N TRP C 45 10.72 -15.46 -41.35
CA TRP C 45 9.99 -15.97 -40.17
C TRP C 45 8.56 -16.42 -40.55
N LYS C 46 7.89 -15.69 -41.45
CA LYS C 46 6.54 -16.05 -41.95
C LYS C 46 6.58 -17.49 -42.49
N PHE C 47 7.61 -17.81 -43.29
CA PHE C 47 7.83 -19.13 -43.93
CA PHE C 47 7.78 -19.14 -43.93
C PHE C 47 8.09 -20.19 -42.85
N ALA C 48 8.98 -19.87 -41.90
CA ALA C 48 9.34 -20.74 -40.76
C ALA C 48 8.10 -21.01 -39.90
N CYS C 49 7.26 -19.99 -39.70
CA CYS C 49 6.00 -20.11 -38.92
C CYS C 49 5.01 -21.04 -39.63
N SER C 50 4.82 -20.87 -40.94
CA SER C 50 3.92 -21.73 -41.77
C SER C 50 4.32 -23.19 -41.63
N LYS C 51 5.62 -23.49 -41.74
CA LYS C 51 6.20 -24.87 -41.71
C LYS C 51 6.24 -25.42 -40.28
N SER C 52 5.98 -24.56 -39.27
CA SER C 52 6.07 -24.90 -37.83
CA SER C 52 6.07 -24.90 -37.83
C SER C 52 7.48 -25.46 -37.53
N VAL C 53 8.52 -24.77 -38.00
CA VAL C 53 9.94 -25.11 -37.73
C VAL C 53 10.57 -23.98 -36.92
N TYR C 54 11.71 -24.25 -36.28
CA TYR C 54 12.40 -23.33 -35.35
C TYR C 54 12.46 -21.92 -35.93
N PRO C 55 12.14 -20.84 -35.16
CA PRO C 55 11.77 -20.93 -33.74
C PRO C 55 10.28 -21.14 -33.45
N PHE C 56 9.48 -21.48 -34.48
CA PHE C 56 8.00 -21.56 -34.41
C PHE C 56 7.51 -23.00 -34.27
N HIS C 57 8.44 -23.89 -33.90
CA HIS C 57 8.09 -25.32 -33.73
C HIS C 57 7.01 -25.41 -32.68
N ASP C 58 5.96 -26.22 -32.91
CA ASP C 58 4.73 -26.47 -32.10
C ASP C 58 3.71 -25.33 -32.29
N GLY C 59 4.05 -24.33 -33.11
CA GLY C 59 3.27 -23.11 -33.31
C GLY C 59 2.40 -23.16 -34.53
N SER C 60 1.45 -22.24 -34.57
CA SER C 60 0.47 -22.11 -35.69
C SER C 60 0.52 -20.69 -36.26
N ILE C 61 0.60 -20.57 -37.59
CA ILE C 61 0.64 -19.27 -38.34
C ILE C 61 -0.59 -18.42 -37.97
N GLU C 62 -1.76 -19.02 -37.73
CA GLU C 62 -3.01 -18.29 -37.43
C GLU C 62 -2.82 -17.43 -36.16
N ASP C 63 -1.96 -17.88 -35.23
CA ASP C 63 -1.68 -17.17 -33.96
C ASP C 63 -0.75 -15.97 -34.20
N PHE C 64 0.18 -16.07 -35.16
CA PHE C 64 1.31 -15.10 -35.32
C PHE C 64 1.04 -14.06 -36.41
N GLU C 65 0.31 -14.41 -37.48
CA GLU C 65 0.11 -13.49 -38.63
C GLU C 65 -0.49 -12.18 -38.13
N PRO C 66 -1.54 -12.19 -37.27
CA PRO C 66 -2.11 -10.95 -36.74
C PRO C 66 -1.10 -10.14 -35.90
N ILE C 67 -0.25 -10.82 -35.11
CA ILE C 67 0.72 -10.14 -34.20
C ILE C 67 1.78 -9.43 -35.05
N PHE C 68 2.37 -10.11 -36.03
CA PHE C 68 3.44 -9.55 -36.89
C PHE C 68 2.86 -8.45 -37.79
N ASN C 69 1.61 -8.62 -38.26
CA ASN C 69 0.88 -7.56 -39.01
C ASN C 69 0.76 -6.32 -38.13
N HIS C 70 0.37 -6.48 -36.86
CA HIS C 70 0.29 -5.39 -35.85
C HIS C 70 1.67 -4.74 -35.71
N LEU C 71 2.71 -5.54 -35.46
CA LEU C 71 4.11 -5.07 -35.25
C LEU C 71 4.59 -4.26 -36.47
N ILE C 72 4.35 -4.76 -37.68
CA ILE C 72 4.74 -4.11 -38.97
C ILE C 72 3.93 -2.83 -39.16
N SER C 73 2.63 -2.86 -38.82
CA SER C 73 1.69 -1.72 -38.89
C SER C 73 2.16 -0.58 -37.97
N LYS C 74 2.64 -0.93 -36.77
CA LYS C 74 3.07 0.04 -35.72
C LYS C 74 4.56 0.40 -35.89
N ASN C 75 5.24 -0.20 -36.88
CA ASN C 75 6.65 0.07 -37.24
C ASN C 75 7.57 -0.25 -36.04
N ILE C 76 7.31 -1.36 -35.35
CA ILE C 76 8.15 -1.89 -34.23
C ILE C 76 9.20 -2.83 -34.80
N ASN C 77 10.48 -2.59 -34.51
CA ASN C 77 11.64 -3.36 -35.04
C ASN C 77 12.46 -3.98 -33.90
N ASP C 78 12.66 -3.26 -32.79
CA ASP C 78 13.49 -3.70 -31.64
C ASP C 78 12.73 -4.78 -30.85
N ALA C 79 13.22 -6.02 -30.87
CA ALA C 79 12.65 -7.17 -30.14
C ALA C 79 12.80 -6.95 -28.62
N ALA C 80 13.81 -6.19 -28.20
CA ALA C 80 14.12 -5.90 -26.77
C ALA C 80 13.03 -5.02 -26.15
N SER C 81 12.31 -4.23 -26.96
CA SER C 81 11.30 -3.23 -26.50
C SER C 81 10.06 -3.94 -25.94
N ASP C 82 9.44 -3.34 -24.92
CA ASP C 82 8.19 -3.85 -24.27
C ASP C 82 7.06 -3.87 -25.31
N GLU C 83 7.05 -2.89 -26.22
CA GLU C 83 6.07 -2.78 -27.34
C GLU C 83 6.02 -4.11 -28.11
N TYR C 84 7.19 -4.72 -28.36
CA TYR C 84 7.34 -6.01 -29.07
C TYR C 84 6.67 -7.12 -28.25
N THR C 85 7.15 -7.36 -27.03
CA THR C 85 6.72 -8.50 -26.17
C THR C 85 5.22 -8.43 -25.91
N GLN C 86 4.69 -7.25 -25.57
CA GLN C 86 3.28 -7.08 -25.13
C GLN C 86 2.30 -7.32 -26.29
N ALA C 87 2.76 -7.22 -27.54
CA ALA C 87 1.94 -7.45 -28.75
C ALA C 87 1.47 -8.91 -28.81
N PHE C 88 2.18 -9.82 -28.11
CA PHE C 88 1.94 -11.28 -28.13
C PHE C 88 0.99 -11.71 -27.01
N LEU C 89 0.90 -10.92 -25.93
CA LEU C 89 0.27 -11.36 -24.65
C LEU C 89 -1.24 -11.56 -24.81
N PRO C 90 -2.00 -10.65 -25.46
CA PRO C 90 -3.44 -10.86 -25.67
C PRO C 90 -3.77 -12.21 -26.33
N THR C 91 -3.03 -12.57 -27.40
CA THR C 91 -3.18 -13.83 -28.17
C THR C 91 -2.97 -15.02 -27.23
N ALA C 92 -1.90 -15.00 -26.44
CA ALA C 92 -1.53 -16.04 -25.46
C ALA C 92 -2.69 -16.26 -24.46
N SER C 93 -3.21 -15.18 -23.89
CA SER C 93 -4.37 -15.18 -22.95
C SER C 93 -5.57 -15.87 -23.62
N ALA C 94 -5.92 -15.45 -24.84
CA ALA C 94 -7.07 -15.97 -25.63
C ALA C 94 -6.92 -17.48 -25.83
N LEU C 95 -5.71 -17.95 -26.14
CA LEU C 95 -5.43 -19.40 -26.34
C LEU C 95 -5.59 -20.12 -24.99
N GLU C 96 -5.10 -19.53 -23.89
CA GLU C 96 -5.25 -20.12 -22.53
C GLU C 96 -6.75 -20.25 -22.20
N GLU C 97 -7.57 -19.27 -22.57
CA GLU C 97 -9.03 -19.29 -22.32
C GLU C 97 -9.69 -20.38 -23.19
N LYS C 98 -9.29 -20.48 -24.46
CA LYS C 98 -9.78 -21.53 -25.40
C LYS C 98 -9.44 -22.91 -24.84
N ALA C 99 -8.26 -23.07 -24.24
CA ALA C 99 -7.77 -24.33 -23.64
C ALA C 99 -8.63 -24.69 -22.42
N ALA C 100 -8.95 -23.70 -21.58
CA ALA C 100 -9.82 -23.85 -20.38
C ALA C 100 -11.22 -24.33 -20.80
N GLN C 101 -11.75 -23.79 -21.90
CA GLN C 101 -13.08 -24.17 -22.46
C GLN C 101 -13.00 -25.62 -22.97
N ALA C 102 -11.95 -25.96 -23.71
CA ALA C 102 -11.68 -27.32 -24.23
C ALA C 102 -11.61 -28.31 -23.05
N LEU C 103 -10.86 -27.95 -22.00
CA LEU C 103 -10.69 -28.78 -20.76
C LEU C 103 -12.05 -29.01 -20.09
N GLN C 104 -12.90 -27.97 -20.06
CA GLN C 104 -14.26 -28.01 -19.48
C GLN C 104 -15.12 -29.05 -20.21
N ALA C 105 -14.96 -29.16 -21.53
CA ALA C 105 -15.73 -30.05 -22.42
C ALA C 105 -15.09 -31.44 -22.49
N GLY C 106 -13.98 -31.67 -21.75
CA GLY C 106 -13.28 -32.96 -21.67
C GLY C 106 -12.47 -33.25 -22.92
N LYS C 107 -12.11 -32.22 -23.70
CA LYS C 107 -11.29 -32.32 -24.93
C LYS C 107 -9.83 -32.06 -24.56
N HIS C 108 -9.15 -33.07 -24.00
CA HIS C 108 -7.79 -32.98 -23.40
C HIS C 108 -6.75 -32.69 -24.50
N GLU C 109 -6.84 -33.38 -25.65
CA GLU C 109 -5.91 -33.22 -26.80
C GLU C 109 -6.01 -31.80 -27.35
N GLU C 110 -7.23 -31.27 -27.47
CA GLU C 110 -7.50 -29.88 -27.95
C GLU C 110 -6.87 -28.88 -26.98
N ALA C 111 -7.12 -29.05 -25.67
CA ALA C 111 -6.59 -28.18 -24.59
C ALA C 111 -5.06 -28.15 -24.67
N SER C 112 -4.43 -29.31 -24.80
CA SER C 112 -2.96 -29.50 -24.90
C SER C 112 -2.41 -28.71 -26.11
N ASN C 113 -3.03 -28.88 -27.29
CA ASN C 113 -2.62 -28.20 -28.55
C ASN C 113 -2.66 -26.67 -28.35
N LEU C 114 -3.73 -26.17 -27.73
CA LEU C 114 -3.95 -24.71 -27.53
C LEU C 114 -2.92 -24.15 -26.54
N LEU C 115 -2.61 -24.91 -25.49
CA LEU C 115 -1.60 -24.49 -24.47
C LEU C 115 -0.20 -24.54 -25.09
N CYS C 116 0.12 -25.56 -25.89
CA CYS C 116 1.39 -25.64 -26.66
C CYS C 116 1.51 -24.42 -27.58
N ARG C 117 0.40 -24.03 -28.22
CA ARG C 117 0.36 -22.86 -29.14
C ARG C 117 0.60 -21.57 -28.34
N ALA C 118 -0.03 -21.44 -27.16
CA ALA C 118 0.18 -20.32 -26.23
C ALA C 118 1.66 -20.25 -25.84
N ALA C 119 2.29 -21.39 -25.51
CA ALA C 119 3.71 -21.50 -25.14
C ALA C 119 4.60 -20.95 -26.26
N VAL C 120 4.27 -21.22 -27.53
CA VAL C 120 5.08 -20.74 -28.69
C VAL C 120 4.90 -19.22 -28.81
N VAL C 121 3.68 -18.71 -28.60
CA VAL C 121 3.39 -17.25 -28.63
C VAL C 121 4.28 -16.57 -27.57
N TYR C 122 4.33 -17.11 -26.35
CA TYR C 122 5.22 -16.60 -25.26
C TYR C 122 6.69 -16.71 -25.68
N ARG C 123 7.09 -17.86 -26.26
CA ARG C 123 8.48 -18.10 -26.73
C ARG C 123 8.94 -16.96 -27.64
N ILE C 124 8.16 -16.64 -28.68
CA ILE C 124 8.56 -15.63 -29.71
C ILE C 124 8.56 -14.23 -29.08
N SER C 125 7.66 -13.97 -28.12
CA SER C 125 7.53 -12.67 -27.42
C SER C 125 8.81 -12.35 -26.63
N ARG C 126 9.53 -13.37 -26.14
CA ARG C 126 10.74 -13.22 -25.30
C ARG C 126 12.01 -13.40 -26.14
N PHE C 127 11.89 -13.55 -27.47
CA PHE C 127 13.04 -13.64 -28.40
C PHE C 127 13.76 -12.30 -28.40
N PRO C 128 15.12 -12.25 -28.45
CA PRO C 128 15.97 -13.44 -28.43
C PRO C 128 16.44 -13.93 -27.06
N TYR C 129 16.29 -13.12 -26.01
CA TYR C 129 16.98 -13.36 -24.72
C TYR C 129 16.20 -12.78 -23.54
N VAL C 130 15.94 -13.61 -22.53
CA VAL C 130 15.47 -13.18 -21.19
C VAL C 130 16.69 -12.67 -20.40
N ASP C 131 16.75 -11.38 -20.13
CA ASP C 131 17.86 -10.73 -19.37
C ASP C 131 17.81 -11.26 -17.93
N ILE C 132 18.75 -12.14 -17.58
CA ILE C 132 18.88 -12.81 -16.24
C ILE C 132 19.10 -11.76 -15.14
N THR C 133 19.45 -10.51 -15.48
CA THR C 133 19.69 -9.41 -14.51
C THR C 133 18.42 -8.55 -14.34
N LYS C 134 17.33 -8.85 -15.06
CA LYS C 134 16.09 -8.03 -15.07
C LYS C 134 14.88 -8.92 -14.77
N PRO C 135 14.66 -9.32 -13.50
CA PRO C 135 13.55 -10.20 -13.14
C PRO C 135 12.14 -9.56 -13.28
N ASN C 136 12.07 -8.24 -13.47
CA ASN C 136 10.79 -7.50 -13.70
C ASN C 136 10.53 -7.31 -15.21
N SER C 137 11.46 -7.73 -16.07
CA SER C 137 11.35 -7.57 -17.54
C SER C 137 10.10 -8.29 -18.03
N ILE C 138 9.45 -7.76 -19.08
CA ILE C 138 8.23 -8.37 -19.68
C ILE C 138 8.62 -9.73 -20.30
N LYS C 139 9.85 -9.87 -20.81
CA LYS C 139 10.33 -11.15 -21.41
C LYS C 139 10.40 -12.22 -20.31
N ARG C 140 10.84 -11.87 -19.10
CA ARG C 140 10.83 -12.80 -17.94
C ARG C 140 9.38 -13.20 -17.62
N VAL C 141 8.46 -12.23 -17.58
CA VAL C 141 7.01 -12.50 -17.33
C VAL C 141 6.52 -13.51 -18.37
N ALA C 142 6.83 -13.29 -19.65
CA ALA C 142 6.42 -14.16 -20.78
C ALA C 142 6.98 -15.58 -20.58
N PHE C 143 8.24 -15.69 -20.18
CA PHE C 143 8.93 -16.99 -19.96
C PHE C 143 8.23 -17.74 -18.81
N GLU C 144 7.94 -17.06 -17.70
CA GLU C 144 7.22 -17.66 -16.54
C GLU C 144 5.87 -18.22 -17.03
N ARG C 145 5.12 -17.42 -17.79
CA ARG C 145 3.79 -17.81 -18.33
C ARG C 145 3.97 -18.97 -19.31
N GLN C 146 5.03 -18.96 -20.12
CA GLN C 146 5.33 -20.05 -21.08
C GLN C 146 5.45 -21.37 -20.34
N LYS C 147 6.24 -21.39 -19.26
CA LYS C 147 6.57 -22.62 -18.48
C LYS C 147 5.29 -23.20 -17.88
N GLN C 148 4.44 -22.34 -17.29
CA GLN C 148 3.14 -22.73 -16.68
C GLN C 148 2.26 -23.40 -17.74
N ALA C 149 2.08 -22.75 -18.89
CA ALA C 149 1.25 -23.21 -20.04
C ALA C 149 1.78 -24.53 -20.59
N TYR C 150 3.11 -24.64 -20.73
CA TYR C 150 3.80 -25.83 -21.31
C TYR C 150 3.61 -27.04 -20.39
N LEU C 151 3.81 -26.88 -19.08
CA LEU C 151 3.65 -27.99 -18.09
C LEU C 151 2.18 -28.46 -18.09
N LYS C 152 1.23 -27.53 -18.19
CA LYS C 152 -0.22 -27.86 -18.23
C LYS C 152 -0.50 -28.66 -19.51
N ALA C 153 0.04 -28.22 -20.65
CA ALA C 153 -0.10 -28.88 -21.98
C ALA C 153 0.42 -30.33 -21.93
N THR C 154 1.60 -30.53 -21.31
CA THR C 154 2.38 -31.80 -21.36
C THR C 154 1.98 -32.72 -20.19
N SER C 155 1.26 -32.20 -19.20
CA SER C 155 0.76 -32.98 -18.03
C SER C 155 -0.23 -34.05 -18.51
N LEU C 156 -0.85 -33.84 -19.67
CA LEU C 156 -1.90 -34.72 -20.25
C LEU C 156 -1.25 -35.89 -21.01
N TRP C 157 -0.08 -35.67 -21.63
CA TRP C 157 0.65 -36.67 -22.44
C TRP C 157 0.78 -37.99 -21.67
N THR C 158 0.66 -39.13 -22.36
CA THR C 158 0.78 -40.49 -21.77
C THR C 158 2.11 -40.58 -21.02
N GLN C 159 3.19 -40.10 -21.64
CA GLN C 159 4.53 -39.92 -21.01
C GLN C 159 4.74 -38.43 -20.78
N PRO C 160 4.28 -37.86 -19.62
CA PRO C 160 4.29 -36.42 -19.43
C PRO C 160 5.71 -35.86 -19.24
N ILE C 161 5.90 -34.59 -19.55
CA ILE C 161 7.11 -33.81 -19.14
C ILE C 161 6.92 -33.43 -17.67
N ARG C 162 7.87 -33.82 -16.82
CA ARG C 162 7.88 -33.49 -15.37
C ARG C 162 9.06 -32.55 -15.12
N GLU C 163 8.83 -31.47 -14.37
CA GLU C 163 9.90 -30.58 -13.87
C GLU C 163 10.42 -31.14 -12.54
N VAL C 164 11.74 -31.18 -12.38
CA VAL C 164 12.44 -31.48 -11.11
C VAL C 164 13.36 -30.30 -10.80
N THR C 165 13.33 -29.79 -9.57
CA THR C 165 14.28 -28.76 -9.08
C THR C 165 15.42 -29.50 -8.37
N VAL C 166 16.53 -29.71 -9.06
CA VAL C 166 17.74 -30.39 -8.51
C VAL C 166 18.46 -29.41 -7.59
N PRO C 167 18.69 -29.77 -6.31
CA PRO C 167 19.48 -28.92 -5.43
C PRO C 167 20.90 -28.84 -5.99
N HIS C 168 21.47 -27.64 -6.10
CA HIS C 168 22.84 -27.43 -6.64
C HIS C 168 23.87 -27.63 -5.51
N THR C 169 24.08 -28.88 -5.12
CA THR C 169 24.98 -29.22 -3.99
C THR C 169 26.43 -28.79 -4.29
N TYR C 170 26.79 -28.82 -5.56
CA TYR C 170 28.17 -28.49 -6.06
C TYR C 170 28.35 -26.98 -6.24
N ARG C 171 27.35 -26.17 -5.88
CA ARG C 171 27.40 -24.69 -5.99
C ARG C 171 28.60 -24.13 -5.22
N THR C 172 29.25 -23.08 -5.74
CA THR C 172 30.27 -22.25 -5.06
C THR C 172 30.15 -20.81 -5.54
N GLY C 173 30.80 -19.87 -4.84
CA GLY C 173 30.86 -18.45 -5.23
C GLY C 173 29.47 -17.85 -5.41
N ASN C 174 29.21 -17.29 -6.60
CA ASN C 174 27.96 -16.54 -6.91
C ASN C 174 26.84 -17.50 -7.37
N ASP C 175 27.12 -18.80 -7.47
CA ASP C 175 26.15 -19.84 -7.94
C ASP C 175 24.87 -19.77 -7.11
N GLY C 176 23.72 -20.02 -7.74
CA GLY C 176 22.39 -20.17 -7.09
C GLY C 176 22.18 -21.57 -6.57
N ALA C 177 21.03 -21.81 -5.92
CA ALA C 177 20.73 -23.01 -5.10
C ALA C 177 20.03 -24.10 -5.92
N HIS C 178 19.31 -23.74 -6.98
CA HIS C 178 18.29 -24.61 -7.63
C HIS C 178 18.52 -24.74 -9.15
N ILE C 179 18.51 -25.97 -9.66
CA ILE C 179 18.61 -26.30 -11.12
C ILE C 179 17.28 -26.93 -11.55
N PRO C 180 16.36 -26.16 -12.15
CA PRO C 180 15.13 -26.73 -12.71
C PRO C 180 15.42 -27.41 -14.05
N ILE C 181 15.07 -28.70 -14.16
CA ILE C 181 15.23 -29.50 -15.42
C ILE C 181 13.88 -30.16 -15.76
N TYR C 182 13.66 -30.42 -17.05
CA TYR C 182 12.53 -31.26 -17.53
C TYR C 182 13.04 -32.68 -17.73
N ILE C 183 12.28 -33.67 -17.27
CA ILE C 183 12.54 -35.11 -17.53
C ILE C 183 11.28 -35.71 -18.17
N ARG C 184 11.48 -36.51 -19.21
CA ARG C 184 10.44 -37.32 -19.88
C ARG C 184 10.98 -38.73 -20.07
N THR C 185 10.26 -39.73 -19.57
CA THR C 185 10.68 -41.16 -19.58
C THR C 185 9.74 -41.97 -20.47
N PRO C 186 10.28 -42.91 -21.28
CA PRO C 186 9.44 -43.76 -22.14
C PRO C 186 8.65 -44.78 -21.31
N ALA C 187 7.56 -45.30 -21.88
CA ALA C 187 6.72 -46.36 -21.27
C ALA C 187 7.62 -47.56 -20.92
N GLY C 188 7.53 -48.06 -19.69
CA GLY C 188 8.19 -49.30 -19.24
C GLY C 188 9.52 -49.07 -18.56
N ALA C 189 10.03 -47.83 -18.57
CA ALA C 189 11.27 -47.42 -17.88
C ALA C 189 11.11 -47.62 -16.36
N ASP C 190 11.88 -48.56 -15.80
CA ASP C 190 11.84 -48.93 -14.35
C ASP C 190 13.24 -49.35 -13.91
N GLN C 191 13.41 -49.65 -12.61
CA GLN C 191 14.70 -50.11 -12.02
C GLN C 191 15.16 -51.40 -12.69
N SER C 192 14.21 -52.24 -13.12
CA SER C 192 14.44 -53.54 -13.79
C SER C 192 14.95 -53.32 -15.22
N ASN C 193 14.36 -52.36 -15.94
CA ASN C 193 14.71 -52.02 -17.35
C ASN C 193 15.08 -50.55 -17.45
N PRO C 194 16.25 -50.12 -16.91
CA PRO C 194 16.66 -48.72 -16.99
C PRO C 194 17.03 -48.33 -18.43
N VAL C 195 16.76 -47.09 -18.83
CA VAL C 195 16.83 -46.62 -20.24
C VAL C 195 18.00 -45.65 -20.39
N PRO C 196 18.63 -45.59 -21.59
CA PRO C 196 19.61 -44.55 -21.90
C PRO C 196 19.04 -43.14 -21.75
N ILE C 197 19.92 -42.15 -21.61
CA ILE C 197 19.59 -40.72 -21.33
C ILE C 197 20.17 -39.85 -22.45
N VAL C 198 19.34 -38.97 -23.03
CA VAL C 198 19.83 -37.85 -23.88
C VAL C 198 19.57 -36.56 -23.09
N LEU C 199 20.64 -35.90 -22.62
CA LEU C 199 20.56 -34.61 -21.89
C LEU C 199 20.73 -33.47 -22.90
N ILE C 200 19.66 -32.71 -23.10
CA ILE C 200 19.64 -31.51 -24.00
C ILE C 200 20.13 -30.32 -23.17
N MET C 201 21.18 -29.65 -23.65
CA MET C 201 21.65 -28.35 -23.13
C MET C 201 21.18 -27.26 -24.10
N THR C 202 20.30 -26.38 -23.61
CA THR C 202 19.56 -25.39 -24.45
C THR C 202 20.48 -24.18 -24.66
N GLY C 203 19.98 -23.12 -25.31
CA GLY C 203 20.84 -22.02 -25.81
C GLY C 203 20.40 -20.65 -25.32
N LEU C 204 20.68 -19.64 -26.15
CA LEU C 204 20.47 -18.20 -25.82
C LEU C 204 18.97 -17.85 -25.89
N ASP C 205 18.25 -18.40 -26.88
CA ASP C 205 16.82 -18.09 -27.16
C ASP C 205 15.93 -19.31 -26.91
N GLY C 206 16.51 -20.53 -26.88
CA GLY C 206 15.78 -21.78 -26.60
C GLY C 206 16.03 -22.24 -25.18
N TYR C 207 14.97 -22.43 -24.39
CA TYR C 207 15.01 -22.88 -22.97
C TYR C 207 14.25 -24.21 -22.88
N ARG C 208 13.98 -24.72 -21.67
CA ARG C 208 13.58 -26.14 -21.45
C ARG C 208 12.22 -26.43 -22.09
N PRO C 209 11.25 -25.50 -22.20
CA PRO C 209 9.98 -25.80 -22.86
C PRO C 209 10.01 -25.82 -24.40
N ASP C 210 11.17 -25.63 -25.03
CA ASP C 210 11.28 -25.39 -26.49
C ASP C 210 11.85 -26.62 -27.21
N ASN C 211 11.55 -27.85 -26.75
CA ASN C 211 12.23 -29.08 -27.26
C ASN C 211 11.26 -30.25 -27.40
N SER C 212 9.96 -30.00 -27.60
CA SER C 212 8.90 -31.06 -27.62
C SER C 212 9.28 -32.17 -28.61
N GLN C 213 9.49 -31.84 -29.89
CA GLN C 213 9.73 -32.85 -30.97
C GLN C 213 11.00 -33.65 -30.65
N ARG C 214 12.05 -33.01 -30.15
CA ARG C 214 13.29 -33.72 -29.73
C ARG C 214 12.93 -34.77 -28.66
N THR C 215 12.09 -34.42 -27.69
CA THR C 215 11.68 -35.36 -26.60
C THR C 215 10.85 -36.50 -27.23
N HIS C 216 9.97 -36.20 -28.19
CA HIS C 216 9.16 -37.20 -28.94
C HIS C 216 10.09 -38.23 -29.61
N GLU C 217 11.13 -37.74 -30.31
CA GLU C 217 12.07 -38.57 -31.09
C GLU C 217 12.92 -39.43 -30.14
N ILE C 218 13.37 -38.86 -29.03
CA ILE C 218 14.20 -39.55 -28.00
C ILE C 218 13.37 -40.66 -27.36
N LEU C 219 12.13 -40.37 -26.97
CA LEU C 219 11.21 -41.38 -26.36
C LEU C 219 10.85 -42.45 -27.39
N ALA C 220 10.67 -42.07 -28.65
CA ALA C 220 10.30 -42.97 -29.77
C ALA C 220 11.38 -44.07 -29.94
N ARG C 221 12.62 -43.76 -29.54
CA ARG C 221 13.80 -44.68 -29.68
C ARG C 221 14.07 -45.39 -28.35
N GLY C 222 13.21 -45.19 -27.34
CA GLY C 222 13.23 -45.94 -26.07
C GLY C 222 14.15 -45.30 -25.05
N TRP C 223 14.48 -44.02 -25.22
CA TRP C 223 15.41 -43.25 -24.35
C TRP C 223 14.62 -42.22 -23.53
N ALA C 224 15.17 -41.85 -22.37
CA ALA C 224 14.71 -40.71 -21.53
C ALA C 224 15.28 -39.43 -22.12
N ALA C 225 14.49 -38.35 -22.08
CA ALA C 225 14.88 -36.98 -22.45
C ALA C 225 15.00 -36.16 -21.17
N VAL C 226 16.17 -35.54 -20.94
CA VAL C 226 16.40 -34.57 -19.85
C VAL C 226 16.78 -33.23 -20.49
N VAL C 227 16.24 -32.12 -20.00
CA VAL C 227 16.46 -30.77 -20.60
C VAL C 227 16.91 -29.82 -19.49
N ALA C 228 18.06 -29.16 -19.70
CA ALA C 228 18.66 -28.18 -18.76
C ALA C 228 19.14 -26.95 -19.55
N GLU C 229 18.97 -25.77 -18.98
CA GLU C 229 19.45 -24.48 -19.53
C GLU C 229 20.93 -24.31 -19.17
N ILE C 230 21.62 -23.45 -19.93
CA ILE C 230 23.09 -23.23 -19.80
C ILE C 230 23.34 -21.99 -18.95
N PRO C 231 24.58 -21.81 -18.42
CA PRO C 231 24.95 -20.62 -17.67
C PRO C 231 24.62 -19.32 -18.43
N GLY C 232 24.13 -18.31 -17.71
CA GLY C 232 23.82 -16.97 -18.25
C GLY C 232 22.47 -16.91 -18.94
N THR C 233 21.61 -17.92 -18.77
CA THR C 233 20.28 -17.99 -19.42
C THR C 233 19.21 -18.48 -18.44
N ALA C 234 17.96 -18.09 -18.68
CA ALA C 234 16.72 -18.66 -18.12
C ALA C 234 16.86 -18.88 -16.61
N ASP C 235 16.72 -20.12 -16.12
CA ASP C 235 16.71 -20.44 -14.67
C ASP C 235 17.96 -21.22 -14.28
N CYS C 236 19.04 -21.10 -15.06
CA CYS C 236 20.35 -21.74 -14.74
C CYS C 236 20.99 -20.97 -13.59
N PRO C 237 21.31 -21.65 -12.45
CA PRO C 237 21.90 -20.97 -11.29
C PRO C 237 23.43 -20.79 -11.33
N ALA C 238 24.07 -21.28 -12.40
CA ALA C 238 25.54 -21.23 -12.57
C ALA C 238 25.99 -19.77 -12.73
N ASP C 239 27.07 -19.36 -12.03
CA ASP C 239 27.68 -18.03 -12.19
C ASP C 239 28.07 -17.87 -13.65
N PRO C 240 27.40 -16.98 -14.43
CA PRO C 240 27.72 -16.80 -15.84
C PRO C 240 29.18 -16.33 -16.05
N ALA C 241 29.71 -15.59 -15.08
CA ALA C 241 31.04 -14.93 -15.15
C ALA C 241 32.18 -15.87 -14.74
N ASP C 242 31.86 -17.07 -14.21
CA ASP C 242 32.87 -18.10 -13.81
C ASP C 242 32.90 -19.20 -14.88
N PRO C 243 33.97 -19.30 -15.70
CA PRO C 243 34.07 -20.36 -16.71
C PRO C 243 33.96 -21.79 -16.17
N ALA C 244 34.21 -21.99 -14.87
CA ALA C 244 34.18 -23.31 -14.18
C ALA C 244 32.76 -23.66 -13.70
N SER C 245 31.83 -22.70 -13.73
CA SER C 245 30.43 -22.88 -13.21
C SER C 245 29.69 -24.01 -13.93
N PRO C 246 29.80 -24.19 -15.28
CA PRO C 246 29.14 -25.31 -15.94
C PRO C 246 29.59 -26.69 -15.43
N ASP C 247 30.87 -26.83 -15.08
CA ASP C 247 31.45 -28.09 -14.53
C ASP C 247 30.71 -28.47 -13.25
N ARG C 248 30.55 -27.48 -12.35
CA ARG C 248 29.80 -27.62 -11.07
C ARG C 248 28.33 -27.95 -11.37
N LEU C 249 27.75 -27.26 -12.36
CA LEU C 249 26.33 -27.42 -12.79
C LEU C 249 26.09 -28.89 -13.16
N TRP C 250 26.92 -29.45 -14.04
CA TRP C 250 26.71 -30.81 -14.60
C TRP C 250 27.02 -31.86 -13.52
N ASP C 251 27.96 -31.60 -12.62
CA ASP C 251 28.21 -32.47 -11.44
C ASP C 251 26.88 -32.69 -10.71
N SER C 252 26.16 -31.61 -10.40
CA SER C 252 24.85 -31.66 -9.68
C SER C 252 23.83 -32.44 -10.48
N VAL C 253 23.67 -32.13 -11.77
CA VAL C 253 22.63 -32.74 -12.66
C VAL C 253 22.93 -34.23 -12.84
N LEU C 254 24.18 -34.57 -13.21
CA LEU C 254 24.59 -35.98 -13.47
C LEU C 254 24.47 -36.80 -12.17
N SER C 255 24.84 -36.23 -11.03
CA SER C 255 24.76 -36.89 -9.69
C SER C 255 23.30 -37.22 -9.36
N TYR C 256 22.36 -36.34 -9.74
CA TYR C 256 20.90 -36.57 -9.55
C TYR C 256 20.44 -37.73 -10.44
N LEU C 257 20.83 -37.71 -11.73
CA LEU C 257 20.42 -38.73 -12.74
C LEU C 257 21.02 -40.10 -12.36
N ASP C 258 22.24 -40.12 -11.79
CA ASP C 258 22.92 -41.33 -11.28
C ASP C 258 22.02 -42.05 -10.25
N GLN C 259 21.25 -41.29 -9.46
CA GLN C 259 20.44 -41.81 -8.31
C GLN C 259 19.00 -42.12 -8.73
N ARG C 260 18.61 -41.84 -9.99
CA ARG C 260 17.27 -42.22 -10.54
C ARG C 260 17.34 -43.66 -11.03
N PRO C 261 16.63 -44.62 -10.40
CA PRO C 261 16.75 -46.04 -10.73
C PRO C 261 16.37 -46.42 -12.18
N GLU C 262 15.48 -45.65 -12.81
CA GLU C 262 14.92 -45.96 -14.16
C GLU C 262 15.80 -45.39 -15.27
N LEU C 263 16.83 -44.62 -14.92
CA LEU C 263 17.77 -44.00 -15.88
C LEU C 263 19.13 -44.72 -15.78
N ASN C 264 19.71 -45.05 -16.94
CA ASN C 264 21.05 -45.68 -17.06
C ASN C 264 22.04 -44.61 -17.52
N THR C 265 22.81 -44.03 -16.59
CA THR C 265 23.80 -42.95 -16.86
C THR C 265 25.08 -43.55 -17.48
N ALA C 266 25.20 -44.88 -17.55
CA ALA C 266 26.28 -45.59 -18.28
C ALA C 266 26.02 -45.49 -19.79
N LYS C 267 24.79 -45.17 -20.19
CA LYS C 267 24.39 -44.92 -21.60
C LYS C 267 23.79 -43.51 -21.70
N MET C 268 24.63 -42.48 -21.60
CA MET C 268 24.19 -41.07 -21.56
C MET C 268 24.92 -40.28 -22.66
N VAL C 269 24.16 -39.50 -23.44
CA VAL C 269 24.71 -38.56 -24.45
C VAL C 269 24.18 -37.16 -24.12
N VAL C 270 25.00 -36.13 -24.34
CA VAL C 270 24.60 -34.70 -24.15
C VAL C 270 24.38 -34.10 -25.54
N TRP C 271 23.42 -33.20 -25.65
CA TRP C 271 23.01 -32.56 -26.93
C TRP C 271 22.95 -31.05 -26.73
N GLY C 272 23.99 -30.33 -27.14
CA GLY C 272 24.11 -28.87 -27.01
C GLY C 272 23.55 -28.17 -28.23
N LEU C 273 22.54 -27.31 -28.06
CA LEU C 273 21.83 -26.60 -29.15
C LEU C 273 22.28 -25.14 -29.19
N SER C 274 22.96 -24.76 -30.29
CA SER C 274 23.42 -23.38 -30.58
C SER C 274 24.38 -22.92 -29.47
N ALA C 275 24.01 -21.94 -28.63
CA ALA C 275 24.83 -21.50 -27.47
C ALA C 275 25.10 -22.70 -26.56
N GLY C 276 24.18 -23.68 -26.50
CA GLY C 276 24.36 -24.94 -25.77
C GLY C 276 25.50 -25.79 -26.31
N GLY C 277 25.86 -25.63 -27.60
CA GLY C 277 26.93 -26.38 -28.26
C GLY C 277 28.26 -26.27 -27.54
N TYR C 278 28.64 -25.04 -27.14
CA TYR C 278 29.81 -24.76 -26.28
C TYR C 278 29.83 -25.73 -25.08
N TYR C 279 28.69 -25.88 -24.40
CA TYR C 279 28.58 -26.61 -23.10
C TYR C 279 28.63 -28.12 -23.35
N ALA C 280 28.13 -28.60 -24.49
CA ALA C 280 28.26 -30.00 -24.95
C ALA C 280 29.73 -30.33 -25.21
N ILE C 281 30.44 -29.44 -25.92
CA ILE C 281 31.89 -29.60 -26.23
C ILE C 281 32.67 -29.65 -24.90
N ARG C 282 32.46 -28.65 -24.04
CA ARG C 282 33.17 -28.56 -22.74
C ARG C 282 32.93 -29.84 -21.94
N ALA C 283 31.67 -30.26 -21.81
CA ALA C 283 31.26 -31.46 -21.01
C ALA C 283 31.85 -32.73 -21.62
N ALA C 284 31.93 -32.82 -22.96
CA ALA C 284 32.58 -33.93 -23.70
C ALA C 284 34.02 -34.14 -23.18
N HIS C 285 34.69 -33.07 -22.73
CA HIS C 285 36.06 -33.11 -22.15
C HIS C 285 36.00 -33.28 -20.62
N THR C 286 35.29 -32.39 -19.92
CA THR C 286 35.31 -32.30 -18.44
C THR C 286 34.59 -33.50 -17.82
N HIS C 287 33.58 -34.06 -18.49
CA HIS C 287 32.76 -35.20 -17.98
C HIS C 287 32.82 -36.37 -18.96
N ARG C 288 33.99 -36.59 -19.58
CA ARG C 288 34.21 -37.66 -20.58
C ARG C 288 34.05 -39.05 -19.93
N ASP C 289 34.34 -39.18 -18.63
CA ASP C 289 34.27 -40.47 -17.89
C ASP C 289 32.83 -40.79 -17.50
N ARG C 290 31.87 -39.90 -17.81
CA ARG C 290 30.43 -40.04 -17.44
C ARG C 290 29.52 -39.98 -18.68
N LEU C 291 30.08 -39.89 -19.89
CA LEU C 291 29.29 -39.73 -21.14
C LEU C 291 29.79 -40.71 -22.22
N LEU C 292 28.85 -41.29 -22.98
CA LEU C 292 29.14 -42.11 -24.18
C LEU C 292 29.38 -41.19 -25.39
N GLY C 293 28.78 -40.00 -25.39
CA GLY C 293 28.89 -39.08 -26.54
C GLY C 293 28.32 -37.72 -26.26
N ALA C 294 28.65 -36.76 -27.12
CA ALA C 294 28.11 -35.39 -27.13
C ALA C 294 27.84 -34.98 -28.58
N ILE C 295 26.71 -34.32 -28.81
CA ILE C 295 26.41 -33.60 -30.07
C ILE C 295 26.50 -32.10 -29.78
N ALA C 296 27.31 -31.38 -30.55
CA ALA C 296 27.36 -29.89 -30.54
C ALA C 296 26.74 -29.40 -31.86
N HIS C 297 25.54 -28.85 -31.77
CA HIS C 297 24.70 -28.39 -32.90
C HIS C 297 24.86 -26.87 -33.04
N GLY C 298 25.57 -26.42 -34.07
CA GLY C 298 25.91 -24.99 -34.31
C GLY C 298 26.73 -24.38 -33.17
N PRO C 299 27.88 -24.98 -32.80
CA PRO C 299 28.62 -24.54 -31.62
C PRO C 299 29.67 -23.45 -31.86
N GLY C 300 29.87 -22.59 -30.86
CA GLY C 300 31.07 -21.75 -30.69
C GLY C 300 31.95 -22.36 -29.62
N CYS C 301 33.27 -22.12 -29.66
CA CYS C 301 34.21 -22.52 -28.60
C CYS C 301 35.45 -21.62 -28.53
N HIS C 302 35.71 -20.77 -29.53
CA HIS C 302 36.96 -19.97 -29.60
C HIS C 302 36.80 -18.75 -30.52
N TYR C 303 36.70 -18.97 -31.83
CA TYR C 303 36.67 -17.90 -32.85
C TYR C 303 35.38 -17.06 -32.76
N TYR C 304 34.31 -17.57 -32.15
CA TYR C 304 33.03 -16.82 -32.03
C TYR C 304 33.24 -15.61 -31.12
N LEU C 305 34.29 -15.61 -30.31
CA LEU C 305 34.64 -14.51 -29.36
C LEU C 305 35.83 -13.69 -29.90
N ASP C 306 36.32 -13.98 -31.10
CA ASP C 306 37.31 -13.14 -31.83
C ASP C 306 36.70 -11.75 -32.02
N PRO C 307 37.36 -10.66 -31.56
CA PRO C 307 36.83 -9.31 -31.77
C PRO C 307 36.42 -8.99 -33.22
N GLU C 308 37.19 -9.47 -34.21
CA GLU C 308 36.93 -9.28 -35.66
C GLU C 308 35.63 -9.99 -36.05
N TRP C 309 35.34 -11.14 -35.45
CA TRP C 309 34.06 -11.88 -35.66
C TRP C 309 32.91 -11.11 -34.99
N LEU C 310 33.10 -10.71 -33.72
CA LEU C 310 32.08 -10.00 -32.90
C LEU C 310 31.71 -8.66 -33.55
N ALA C 311 32.63 -8.06 -34.31
CA ALA C 311 32.47 -6.76 -35.00
C ALA C 311 31.38 -6.85 -36.08
N LYS C 312 31.17 -8.03 -36.67
CA LYS C 312 30.25 -8.23 -37.82
C LYS C 312 29.12 -9.22 -37.49
N VAL C 313 29.07 -9.77 -36.28
CA VAL C 313 28.14 -10.90 -35.94
C VAL C 313 26.68 -10.40 -35.94
N ASN C 314 26.44 -9.11 -35.68
CA ASN C 314 25.07 -8.53 -35.64
C ASN C 314 24.53 -8.30 -37.05
N ASP C 315 25.37 -8.44 -38.08
CA ASP C 315 25.03 -8.10 -39.48
C ASP C 315 24.61 -9.36 -40.28
N HIS C 316 24.57 -10.53 -39.65
CA HIS C 316 24.32 -11.83 -40.34
C HIS C 316 22.90 -12.34 -40.01
N GLU C 317 22.70 -13.66 -40.00
CA GLU C 317 21.37 -14.31 -40.14
C GLU C 317 20.54 -14.24 -38.84
N TYR C 318 21.15 -13.97 -37.68
CA TYR C 318 20.42 -13.96 -36.39
C TYR C 318 19.32 -12.90 -36.47
N PRO C 319 18.06 -13.22 -36.06
CA PRO C 319 16.92 -12.35 -36.31
C PRO C 319 17.07 -10.90 -35.80
N PHE C 320 17.76 -10.70 -34.68
CA PHE C 320 17.98 -9.37 -34.04
C PHE C 320 19.45 -9.25 -33.62
N GLU C 321 19.82 -8.11 -33.03
CA GLU C 321 21.15 -7.88 -32.40
C GLU C 321 21.39 -8.99 -31.37
N ILE C 322 22.61 -9.55 -31.33
CA ILE C 322 22.96 -10.71 -30.45
C ILE C 322 24.03 -10.33 -29.42
N THR C 323 24.88 -9.33 -29.68
CA THR C 323 26.09 -9.03 -28.86
C THR C 323 25.70 -8.58 -27.45
N ALA C 324 24.59 -7.85 -27.29
CA ALA C 324 24.08 -7.39 -25.97
C ALA C 324 23.71 -8.62 -25.12
N ALA C 325 22.93 -9.54 -25.68
CA ALA C 325 22.52 -10.81 -25.03
C ALA C 325 23.75 -11.66 -24.70
N TRP C 326 24.70 -11.76 -25.64
CA TRP C 326 25.95 -12.53 -25.45
C TRP C 326 26.75 -11.97 -24.27
N ALA C 327 26.91 -10.64 -24.20
CA ALA C 327 27.64 -9.95 -23.11
C ALA C 327 27.05 -10.39 -21.76
N THR C 328 25.73 -10.29 -21.61
CA THR C 328 25.00 -10.63 -20.35
C THR C 328 25.17 -12.13 -20.06
N LYS C 329 25.02 -12.98 -21.08
CA LYS C 329 25.07 -14.47 -20.92
C LYS C 329 26.48 -14.90 -20.47
N HIS C 330 27.52 -14.13 -20.84
CA HIS C 330 28.94 -14.38 -20.45
C HIS C 330 29.27 -13.62 -19.15
N GLY C 331 28.28 -12.99 -18.52
CA GLY C 331 28.39 -12.37 -17.19
C GLY C 331 29.11 -11.03 -17.21
N TYR C 332 29.08 -10.32 -18.34
CA TYR C 332 29.71 -8.98 -18.51
C TYR C 332 28.68 -7.87 -18.31
N LYS C 333 29.08 -6.80 -17.63
CA LYS C 333 28.22 -5.61 -17.34
C LYS C 333 27.99 -4.80 -18.61
N THR C 334 28.95 -4.81 -19.55
CA THR C 334 28.91 -4.03 -20.82
C THR C 334 29.35 -4.89 -22.00
N VAL C 335 28.94 -4.50 -23.22
CA VAL C 335 29.32 -5.14 -24.51
C VAL C 335 30.82 -4.92 -24.75
N GLU C 336 31.31 -3.69 -24.50
CA GLU C 336 32.74 -3.32 -24.71
C GLU C 336 33.64 -4.32 -23.97
N GLU C 337 33.37 -4.58 -22.70
CA GLU C 337 34.21 -5.43 -21.83
C GLU C 337 34.14 -6.88 -22.32
N PHE C 338 32.96 -7.33 -22.76
CA PHE C 338 32.73 -8.67 -23.36
C PHE C 338 33.64 -8.83 -24.59
N VAL C 339 33.58 -7.89 -25.53
CA VAL C 339 34.35 -7.94 -26.81
C VAL C 339 35.85 -7.98 -26.48
N ALA C 340 36.28 -7.18 -25.49
CA ALA C 340 37.70 -7.02 -25.10
C ALA C 340 38.21 -8.29 -24.39
N GLY C 341 37.36 -8.95 -23.59
CA GLY C 341 37.80 -9.89 -22.54
C GLY C 341 37.41 -11.34 -22.77
N ALA C 342 36.32 -11.61 -23.49
CA ALA C 342 35.59 -12.91 -23.48
C ALA C 342 36.46 -14.05 -24.00
N GLN C 343 37.17 -13.85 -25.12
CA GLN C 343 37.86 -14.96 -25.83
C GLN C 343 38.88 -15.61 -24.87
N LYS C 344 39.78 -14.82 -24.28
CA LYS C 344 40.88 -15.36 -23.43
C LYS C 344 40.29 -16.03 -22.19
N LYS C 345 39.09 -15.62 -21.75
CA LYS C 345 38.45 -16.10 -20.49
C LYS C 345 37.65 -17.38 -20.74
N PHE C 346 36.91 -17.46 -21.86
CA PHE C 346 35.91 -18.52 -22.09
C PHE C 346 36.34 -19.49 -23.20
N SER C 347 37.27 -19.11 -24.08
CA SER C 347 37.70 -19.99 -25.21
C SER C 347 38.14 -21.35 -24.66
N LEU C 348 37.57 -22.45 -25.18
CA LEU C 348 37.95 -23.84 -24.81
C LEU C 348 39.35 -24.15 -25.36
N VAL C 349 39.78 -23.41 -26.40
CA VAL C 349 41.13 -23.53 -27.01
C VAL C 349 42.15 -22.77 -26.13
N GLU C 350 41.91 -21.49 -25.87
CA GLU C 350 42.83 -20.60 -25.11
C GLU C 350 43.05 -21.17 -23.70
N THR C 351 42.01 -21.68 -23.05
CA THR C 351 42.05 -22.18 -21.64
C THR C 351 42.52 -23.65 -21.61
N GLY C 352 42.57 -24.32 -22.76
CA GLY C 352 43.22 -25.64 -22.93
C GLY C 352 42.30 -26.82 -22.68
N ILE C 353 41.01 -26.61 -22.48
CA ILE C 353 40.00 -27.70 -22.32
C ILE C 353 40.15 -28.71 -23.48
N VAL C 354 40.34 -28.22 -24.70
CA VAL C 354 40.40 -29.04 -25.95
C VAL C 354 41.65 -29.94 -25.96
N ASP C 355 42.64 -29.65 -25.11
CA ASP C 355 43.92 -30.41 -25.09
C ASP C 355 43.74 -31.67 -24.23
N GLN C 356 42.62 -31.77 -23.49
CA GLN C 356 42.21 -33.01 -22.79
C GLN C 356 41.55 -33.94 -23.80
N PRO C 357 41.50 -35.26 -23.51
CA PRO C 357 40.69 -36.18 -24.31
C PRO C 357 39.20 -35.84 -24.15
N SER C 358 38.35 -36.45 -24.97
CA SER C 358 36.88 -36.27 -24.91
C SER C 358 36.19 -37.59 -25.27
N CYS C 359 34.94 -37.75 -24.84
CA CYS C 359 34.04 -38.80 -25.34
C CYS C 359 33.78 -38.50 -26.82
N ARG C 360 33.14 -39.42 -27.55
CA ARG C 360 32.75 -39.19 -28.97
C ARG C 360 32.01 -37.85 -29.05
N LEU C 361 32.38 -37.00 -30.02
CA LEU C 361 31.81 -35.64 -30.18
C LEU C 361 31.41 -35.42 -31.64
N LEU C 362 30.10 -35.34 -31.91
CA LEU C 362 29.54 -35.02 -33.24
C LEU C 362 29.33 -33.51 -33.32
N LEU C 363 30.01 -32.88 -34.27
CA LEU C 363 29.88 -31.45 -34.62
C LEU C 363 28.99 -31.33 -35.86
N LEU C 364 27.90 -30.57 -35.77
CA LEU C 364 26.96 -30.35 -36.89
C LEU C 364 26.80 -28.84 -37.08
N ASN C 365 26.90 -28.36 -38.32
CA ASN C 365 26.63 -26.93 -38.62
C ASN C 365 26.54 -26.70 -40.12
N GLY C 366 25.95 -25.56 -40.49
CA GLY C 366 26.10 -24.96 -41.84
C GLY C 366 27.49 -24.36 -41.98
N VAL C 367 28.13 -24.56 -43.14
CA VAL C 367 29.48 -24.02 -43.46
C VAL C 367 29.42 -22.48 -43.46
N ASP C 368 28.31 -21.88 -43.90
CA ASP C 368 28.15 -20.41 -44.02
C ASP C 368 27.46 -19.85 -42.78
N ASP C 369 27.75 -20.41 -41.60
CA ASP C 369 27.26 -19.88 -40.31
C ASP C 369 27.88 -18.48 -40.10
N GLY C 370 27.04 -17.46 -39.89
CA GLY C 370 27.48 -16.08 -39.61
C GLY C 370 27.25 -15.68 -38.16
N VAL C 371 26.80 -16.62 -37.32
CA VAL C 371 26.55 -16.39 -35.86
C VAL C 371 27.77 -16.92 -35.10
N VAL C 372 28.12 -18.19 -35.31
CA VAL C 372 29.40 -18.81 -34.84
C VAL C 372 30.12 -19.33 -36.08
N PRO C 373 31.44 -19.10 -36.22
CA PRO C 373 32.15 -19.48 -37.45
C PRO C 373 32.29 -21.00 -37.51
N ILE C 374 32.24 -21.57 -38.73
CA ILE C 374 32.46 -23.03 -38.97
C ILE C 374 33.87 -23.41 -38.49
N GLU C 375 34.80 -22.45 -38.45
CA GLU C 375 36.17 -22.61 -37.90
C GLU C 375 36.11 -23.20 -36.49
N ASP C 376 35.07 -22.93 -35.70
CA ASP C 376 34.96 -23.39 -34.30
C ASP C 376 34.62 -24.88 -34.24
N CYS C 377 34.07 -25.45 -35.33
CA CYS C 377 33.98 -26.93 -35.52
C CYS C 377 35.34 -27.46 -35.99
N LEU C 378 35.90 -26.84 -37.04
CA LEU C 378 37.14 -27.30 -37.73
C LEU C 378 38.33 -27.32 -36.76
N VAL C 379 38.42 -26.33 -35.87
CA VAL C 379 39.60 -26.17 -34.95
C VAL C 379 39.69 -27.40 -34.03
N LEU C 380 38.55 -28.02 -33.68
CA LEU C 380 38.49 -29.11 -32.68
C LEU C 380 39.16 -30.38 -33.22
N PHE C 381 39.33 -30.52 -34.54
CA PHE C 381 40.00 -31.68 -35.19
C PHE C 381 41.52 -31.60 -35.00
N GLU C 382 42.04 -30.45 -34.52
CA GLU C 382 43.50 -30.20 -34.37
C GLU C 382 43.92 -30.32 -32.90
N HIS C 383 43.05 -30.87 -32.04
CA HIS C 383 43.25 -30.97 -30.58
C HIS C 383 42.73 -32.32 -30.07
N GLY C 384 43.40 -32.89 -29.07
CA GLY C 384 42.88 -33.99 -28.22
C GLY C 384 42.45 -35.21 -29.02
N SER C 385 41.29 -35.78 -28.69
CA SER C 385 40.72 -37.01 -29.30
C SER C 385 40.21 -36.69 -30.70
N PRO C 386 40.10 -37.69 -31.61
CA PRO C 386 39.40 -37.50 -32.87
C PRO C 386 37.96 -37.03 -32.62
N LYS C 387 37.46 -36.15 -33.49
CA LYS C 387 36.08 -35.62 -33.43
C LYS C 387 35.26 -36.17 -34.60
N GLU C 388 33.99 -36.03 -34.61
N GLU C 388 33.99 -36.04 -34.61
CA GLU C 388 33.09 -36.43 -35.73
CA GLU C 388 33.09 -36.45 -35.69
C GLU C 388 32.43 -35.15 -36.22
C GLU C 388 32.42 -35.17 -36.21
N GLY C 389 32.14 -35.18 -37.52
CA GLY C 389 31.42 -33.99 -37.98
C GLY C 389 30.77 -34.12 -39.34
N ARG C 390 29.75 -33.29 -39.58
CA ARG C 390 29.04 -33.14 -40.86
C ARG C 390 28.66 -31.67 -41.01
N PHE C 391 29.22 -30.99 -42.00
CA PHE C 391 29.06 -29.53 -42.25
C PHE C 391 28.39 -29.33 -43.61
N TYR C 392 27.36 -28.48 -43.65
CA TYR C 392 26.45 -28.34 -44.82
C TYR C 392 26.85 -27.13 -45.65
N LYS C 393 27.28 -27.38 -46.89
CA LYS C 393 27.67 -26.36 -47.90
C LYS C 393 26.58 -25.29 -48.01
N GLY C 394 26.98 -24.02 -47.97
CA GLY C 394 26.13 -22.85 -48.26
C GLY C 394 24.95 -22.69 -47.32
N LEU C 395 24.97 -23.32 -46.14
CA LEU C 395 23.84 -23.23 -45.17
C LEU C 395 24.26 -22.36 -43.98
N PRO C 396 23.32 -21.56 -43.43
CA PRO C 396 23.60 -20.71 -42.27
C PRO C 396 23.55 -21.48 -40.94
N HIS C 397 23.53 -20.73 -39.84
CA HIS C 397 23.63 -21.30 -38.47
C HIS C 397 22.61 -22.43 -38.29
N MET C 398 23.13 -23.57 -37.79
CA MET C 398 22.50 -24.86 -37.40
C MET C 398 22.39 -25.84 -38.59
N GLY C 399 22.45 -25.33 -39.82
CA GLY C 399 22.33 -26.23 -40.98
C GLY C 399 20.99 -26.95 -41.08
N TYR C 400 19.93 -26.38 -40.52
CA TYR C 400 18.55 -26.96 -40.59
C TYR C 400 18.03 -26.81 -42.01
N PRO C 401 17.14 -27.72 -42.51
CA PRO C 401 16.72 -28.91 -41.76
C PRO C 401 17.65 -30.12 -41.84
N ASN C 402 18.66 -30.06 -42.71
CA ASN C 402 19.56 -31.18 -43.10
C ASN C 402 20.18 -31.84 -41.86
N SER C 403 20.53 -31.05 -40.84
CA SER C 403 21.35 -31.48 -39.67
C SER C 403 20.53 -32.26 -38.64
N LEU C 404 19.20 -32.35 -38.79
CA LEU C 404 18.33 -32.94 -37.74
C LEU C 404 18.32 -34.48 -37.86
N PRO C 405 17.98 -35.09 -39.02
CA PRO C 405 17.91 -36.55 -39.10
C PRO C 405 19.23 -37.28 -38.77
N VAL C 406 20.37 -36.69 -39.16
CA VAL C 406 21.73 -37.27 -38.91
C VAL C 406 21.97 -37.38 -37.39
N SER C 407 21.42 -36.45 -36.59
CA SER C 407 21.54 -36.44 -35.11
C SER C 407 21.01 -37.76 -34.55
N TYR C 408 19.85 -38.21 -35.04
CA TYR C 408 19.16 -39.42 -34.53
C TYR C 408 19.91 -40.68 -35.01
N GLU C 409 20.39 -40.68 -36.27
CA GLU C 409 21.21 -41.79 -36.80
C GLU C 409 22.44 -41.99 -35.90
N TRP C 410 23.09 -40.90 -35.51
CA TRP C 410 24.29 -40.92 -34.64
C TRP C 410 23.92 -41.45 -33.24
N LEU C 411 22.87 -40.90 -32.63
CA LEU C 411 22.40 -41.31 -31.28
C LEU C 411 22.12 -42.82 -31.29
N GLU C 412 21.43 -43.32 -32.31
CA GLU C 412 21.09 -44.76 -32.48
C GLU C 412 22.38 -45.60 -32.47
N GLN C 413 23.43 -45.13 -33.15
CA GLN C 413 24.74 -45.83 -33.22
CA GLN C 413 24.73 -45.84 -33.22
C GLN C 413 25.37 -45.85 -31.82
N VAL C 414 25.51 -44.67 -31.21
CA VAL C 414 26.21 -44.49 -29.91
C VAL C 414 25.46 -45.25 -28.81
N LEU C 415 24.12 -45.19 -28.80
CA LEU C 415 23.29 -45.77 -27.72
C LEU C 415 22.83 -47.20 -28.10
N ALA C 416 23.40 -47.80 -29.14
CA ALA C 416 23.06 -49.16 -29.62
C ALA C 416 23.23 -50.16 -28.48
N SER C 417 22.34 -51.15 -28.39
CA SER C 417 22.38 -52.25 -27.38
C SER C 417 22.98 -53.51 -28.01
N ARG D 20 -25.01 49.55 25.47
CA ARG D 20 -26.36 48.93 25.26
C ARG D 20 -26.45 47.56 25.96
N TRP D 21 -25.33 47.01 26.45
CA TRP D 21 -25.28 45.73 27.20
C TRP D 21 -24.97 46.00 28.67
N ILE D 22 -25.45 45.13 29.57
CA ILE D 22 -25.17 45.18 31.03
C ILE D 22 -23.67 45.06 31.27
N LEU D 23 -22.97 44.27 30.44
CA LEU D 23 -21.48 44.13 30.46
C LEU D 23 -20.85 45.52 30.46
N GLY D 24 -21.50 46.50 29.81
CA GLY D 24 -21.16 47.94 29.89
C GLY D 24 -19.80 48.23 29.29
N ASP D 25 -18.91 48.86 30.06
CA ASP D 25 -17.57 49.34 29.63
C ASP D 25 -16.73 48.18 29.08
N LYS D 26 -16.87 46.97 29.65
CA LYS D 26 -16.04 45.78 29.29
C LYS D 26 -16.39 45.30 27.87
N PHE D 27 -17.59 45.58 27.36
CA PHE D 27 -18.07 45.13 26.03
C PHE D 27 -17.16 45.69 24.93
N ASP D 28 -16.93 47.01 24.93
CA ASP D 28 -16.12 47.72 23.90
C ASP D 28 -14.65 47.77 24.34
N THR D 29 -14.08 46.61 24.67
CA THR D 29 -12.64 46.43 24.96
C THR D 29 -12.15 45.15 24.27
N VAL D 30 -10.84 45.07 24.03
CA VAL D 30 -10.14 43.81 23.62
C VAL D 30 -9.38 43.33 24.85
N PHE D 31 -9.75 42.16 25.40
CA PHE D 31 -9.12 41.56 26.60
C PHE D 31 -7.67 41.22 26.26
N PRO D 32 -6.71 41.42 27.20
CA PRO D 32 -5.29 41.42 26.87
C PRO D 32 -4.70 40.06 26.47
N HIS D 33 -5.46 38.97 26.63
CA HIS D 33 -5.06 37.59 26.23
C HIS D 33 -5.43 37.31 24.77
N LYS D 34 -6.22 38.17 24.11
CA LYS D 34 -6.70 37.92 22.72
C LYS D 34 -5.49 37.76 21.81
N GLY D 35 -5.36 36.59 21.17
CA GLY D 35 -4.28 36.25 20.22
C GLY D 35 -2.93 36.13 20.90
N SER D 36 -2.91 35.96 22.22
CA SER D 36 -1.66 35.86 23.04
C SER D 36 -1.80 34.70 24.05
N LEU D 37 -1.35 33.52 23.66
CA LEU D 37 -1.35 32.30 24.52
C LEU D 37 -0.47 32.56 25.76
N LYS D 38 0.61 33.35 25.63
CA LYS D 38 1.50 33.71 26.76
C LYS D 38 0.67 34.43 27.84
N VAL D 39 -0.06 35.48 27.49
CA VAL D 39 -0.90 36.27 28.44
C VAL D 39 -2.00 35.36 29.00
N LEU D 40 -2.68 34.59 28.14
CA LEU D 40 -3.70 33.59 28.60
C LEU D 40 -3.11 32.75 29.73
N TRP D 41 -1.96 32.12 29.51
CA TRP D 41 -1.30 31.21 30.48
C TRP D 41 -0.92 31.98 31.75
N GLU D 42 -0.14 33.05 31.61
CA GLU D 42 0.54 33.74 32.74
C GLU D 42 -0.48 34.52 33.60
N SER D 43 -1.61 34.93 33.01
CA SER D 43 -2.61 35.82 33.68
C SER D 43 -3.84 35.05 34.19
N ARG D 44 -4.15 33.87 33.65
N ARG D 44 -4.13 33.87 33.66
CA ARG D 44 -5.38 33.11 34.00
CA ARG D 44 -5.41 33.13 33.92
C ARG D 44 -5.11 31.61 34.07
C ARG D 44 -5.18 31.62 34.03
N TRP D 45 -4.73 30.98 32.95
CA TRP D 45 -4.72 29.50 32.82
C TRP D 45 -3.70 28.86 33.76
N LYS D 46 -2.54 29.50 33.99
CA LYS D 46 -1.55 28.98 34.97
C LYS D 46 -2.24 28.80 36.33
N PHE D 47 -3.07 29.77 36.72
CA PHE D 47 -3.72 29.83 38.05
C PHE D 47 -4.85 28.79 38.12
N ALA D 48 -5.66 28.69 37.06
CA ALA D 48 -6.71 27.65 36.92
C ALA D 48 -6.04 26.27 37.04
N CYS D 49 -4.91 26.08 36.37
CA CYS D 49 -4.14 24.81 36.35
C CYS D 49 -3.61 24.50 37.75
N SER D 50 -3.00 25.49 38.42
CA SER D 50 -2.39 25.34 39.77
CA SER D 50 -2.40 25.37 39.77
C SER D 50 -3.47 24.98 40.79
N LYS D 51 -4.69 25.52 40.64
CA LYS D 51 -5.85 25.30 41.54
C LYS D 51 -6.64 24.05 41.12
N SER D 52 -6.30 23.47 39.95
CA SER D 52 -6.98 22.29 39.36
CA SER D 52 -6.98 22.29 39.37
C SER D 52 -8.48 22.59 39.22
N VAL D 53 -8.82 23.74 38.64
CA VAL D 53 -10.22 24.13 38.33
C VAL D 53 -10.38 24.26 36.81
N TYR D 54 -11.62 24.23 36.35
CA TYR D 54 -11.99 24.27 34.92
C TYR D 54 -11.12 25.29 34.19
N PRO D 55 -10.52 24.96 33.02
CA PRO D 55 -10.71 23.68 32.34
C PRO D 55 -9.68 22.60 32.71
N PHE D 56 -8.91 22.82 33.78
CA PHE D 56 -7.80 21.94 34.24
C PHE D 56 -8.24 21.06 35.41
N HIS D 57 -9.55 20.98 35.62
CA HIS D 57 -10.09 20.14 36.71
C HIS D 57 -9.59 18.72 36.45
N ASP D 58 -9.12 18.03 37.50
CA ASP D 58 -8.52 16.66 37.58
C ASP D 58 -7.04 16.70 37.16
N GLY D 59 -6.52 17.87 36.81
CA GLY D 59 -5.18 18.05 36.23
C GLY D 59 -4.15 18.54 37.21
N SER D 60 -2.89 18.40 36.81
CA SER D 60 -1.72 18.78 37.65
CA SER D 60 -1.72 18.78 37.65
C SER D 60 -0.80 19.72 36.86
N ILE D 61 -0.42 20.85 37.48
CA ILE D 61 0.46 21.91 36.89
C ILE D 61 1.77 21.29 36.36
N GLU D 62 2.31 20.26 37.01
CA GLU D 62 3.60 19.65 36.62
C GLU D 62 3.47 19.01 35.22
N ASP D 63 2.25 18.66 34.81
CA ASP D 63 1.97 18.10 33.47
C ASP D 63 1.98 19.22 32.42
N PHE D 64 1.54 20.43 32.78
CA PHE D 64 1.21 21.52 31.81
C PHE D 64 2.33 22.57 31.71
N GLU D 65 3.01 22.89 32.81
CA GLU D 65 4.01 24.00 32.84
C GLU D 65 5.02 23.83 31.70
N PRO D 66 5.61 22.64 31.49
CA PRO D 66 6.55 22.44 30.38
C PRO D 66 5.92 22.65 28.99
N ILE D 67 4.67 22.19 28.80
CA ILE D 67 3.95 22.28 27.50
C ILE D 67 3.74 23.77 27.16
N PHE D 68 3.20 24.55 28.10
CA PHE D 68 2.91 26.00 27.88
C PHE D 68 4.23 26.77 27.69
N ASN D 69 5.28 26.40 28.42
CA ASN D 69 6.63 27.00 28.26
C ASN D 69 7.11 26.76 26.83
N HIS D 70 6.90 25.55 26.30
CA HIS D 70 7.21 25.19 24.88
C HIS D 70 6.38 26.06 23.93
N LEU D 71 5.06 26.09 24.11
CA LEU D 71 4.12 26.85 23.24
C LEU D 71 4.54 28.32 23.20
N ILE D 72 4.89 28.89 24.36
CA ILE D 72 5.24 30.34 24.52
C ILE D 72 6.56 30.62 23.81
N SER D 73 7.58 29.77 24.00
CA SER D 73 8.93 29.91 23.40
C SER D 73 8.83 29.91 21.86
N LYS D 74 7.88 29.14 21.30
CA LYS D 74 7.70 28.99 19.84
C LYS D 74 6.64 29.97 19.32
N ASN D 75 6.06 30.78 20.21
CA ASN D 75 5.03 31.81 19.89
C ASN D 75 3.84 31.16 19.19
N ILE D 76 3.40 30.01 19.69
CA ILE D 76 2.16 29.31 19.23
C ILE D 76 0.99 29.93 20.01
N ASN D 77 0.08 30.61 19.30
CA ASN D 77 -1.08 31.36 19.87
C ASN D 77 -2.41 30.74 19.42
N ASP D 78 -2.45 30.15 18.22
CA ASP D 78 -3.69 29.63 17.60
C ASP D 78 -3.94 28.20 18.10
N ALA D 79 -4.90 28.04 19.03
CA ALA D 79 -5.31 26.74 19.61
C ALA D 79 -5.79 25.79 18.50
N ALA D 80 -6.40 26.34 17.44
CA ALA D 80 -6.99 25.57 16.32
C ALA D 80 -5.90 24.86 15.51
N SER D 81 -4.65 25.33 15.59
CA SER D 81 -3.50 24.83 14.79
C SER D 81 -3.00 23.49 15.35
N ASP D 82 -2.42 22.65 14.48
CA ASP D 82 -1.89 21.31 14.84
C ASP D 82 -0.65 21.46 15.74
N GLU D 83 0.11 22.55 15.58
CA GLU D 83 1.31 22.87 16.40
C GLU D 83 0.91 22.91 17.88
N TYR D 84 -0.19 23.59 18.20
CA TYR D 84 -0.77 23.66 19.56
C TYR D 84 -1.06 22.25 20.07
N THR D 85 -1.91 21.49 19.38
CA THR D 85 -2.42 20.15 19.83
C THR D 85 -1.24 19.19 20.06
N GLN D 86 -0.30 19.12 19.11
CA GLN D 86 0.79 18.10 19.09
C GLN D 86 1.77 18.33 20.25
N ALA D 87 1.85 19.54 20.81
CA ALA D 87 2.75 19.90 21.93
C ALA D 87 2.40 19.12 23.20
N PHE D 88 1.18 18.60 23.29
CA PHE D 88 0.61 17.94 24.50
C PHE D 88 0.80 16.42 24.45
N LEU D 89 0.86 15.85 23.24
CA LEU D 89 0.65 14.39 23.01
C LEU D 89 1.77 13.56 23.64
N PRO D 90 3.05 13.94 23.54
CA PRO D 90 4.13 13.20 24.20
C PRO D 90 3.93 13.06 25.73
N THR D 91 3.55 14.15 26.40
CA THR D 91 3.26 14.18 27.86
C THR D 91 2.16 13.17 28.20
N ALA D 92 1.06 13.19 27.44
CA ALA D 92 -0.10 12.28 27.62
C ALA D 92 0.38 10.83 27.51
N SER D 93 1.20 10.52 26.50
CA SER D 93 1.79 9.18 26.26
C SER D 93 2.61 8.73 27.47
N ALA D 94 3.46 9.62 27.99
CA ALA D 94 4.34 9.36 29.15
C ALA D 94 3.49 9.02 30.38
N LEU D 95 2.38 9.75 30.60
CA LEU D 95 1.45 9.53 31.72
C LEU D 95 0.75 8.16 31.56
N GLU D 96 0.35 7.79 30.34
CA GLU D 96 -0.26 6.47 30.05
C GLU D 96 0.73 5.35 30.41
N GLU D 97 2.02 5.51 30.10
CA GLU D 97 3.06 4.49 30.37
C GLU D 97 3.29 4.41 31.88
N LYS D 98 3.32 5.55 32.58
CA LYS D 98 3.44 5.62 34.07
C LYS D 98 2.27 4.87 34.71
N ALA D 99 1.07 5.03 34.16
CA ALA D 99 -0.18 4.37 34.64
C ALA D 99 -0.04 2.85 34.46
N ALA D 100 0.45 2.40 33.30
CA ALA D 100 0.67 0.98 32.95
C ALA D 100 1.64 0.35 33.96
N GLN D 101 2.71 1.08 34.32
CA GLN D 101 3.72 0.65 35.32
C GLN D 101 3.04 0.55 36.69
N ALA D 102 2.27 1.58 37.06
CA ALA D 102 1.52 1.65 38.36
C ALA D 102 0.56 0.47 38.46
N LEU D 103 -0.18 0.17 37.38
CA LEU D 103 -1.21 -0.91 37.34
C LEU D 103 -0.52 -2.27 37.52
N GLN D 104 0.60 -2.50 36.82
CA GLN D 104 1.41 -3.73 36.89
C GLN D 104 1.82 -4.01 38.35
N ALA D 105 2.18 -2.95 39.09
CA ALA D 105 2.68 -3.00 40.49
C ALA D 105 1.52 -3.11 41.48
N GLY D 106 0.27 -3.18 40.99
CA GLY D 106 -0.94 -3.39 41.82
C GLY D 106 -1.43 -2.10 42.46
N LYS D 107 -0.96 -0.94 41.99
CA LYS D 107 -1.30 0.40 42.55
C LYS D 107 -2.41 1.00 41.69
N HIS D 108 -3.65 0.54 41.90
CA HIS D 108 -4.86 0.85 41.08
C HIS D 108 -5.18 2.35 41.16
N GLU D 109 -5.16 2.94 42.36
CA GLU D 109 -5.51 4.36 42.61
C GLU D 109 -4.48 5.27 41.91
N GLU D 110 -3.20 4.92 41.99
CA GLU D 110 -2.08 5.66 41.35
C GLU D 110 -2.28 5.66 39.83
N ALA D 111 -2.60 4.48 39.25
CA ALA D 111 -2.86 4.28 37.81
C ALA D 111 -4.03 5.17 37.37
N SER D 112 -5.14 5.15 38.11
CA SER D 112 -6.36 5.95 37.84
C SER D 112 -6.01 7.44 37.77
N ASN D 113 -5.27 7.95 38.77
CA ASN D 113 -4.91 9.39 38.90
C ASN D 113 -4.05 9.80 37.70
N LEU D 114 -3.12 8.93 37.28
CA LEU D 114 -2.20 9.20 36.13
C LEU D 114 -2.99 9.23 34.83
N LEU D 115 -3.94 8.28 34.66
CA LEU D 115 -4.80 8.20 33.45
C LEU D 115 -5.74 9.42 33.41
N CYS D 116 -6.27 9.84 34.55
CA CYS D 116 -7.12 11.06 34.66
C CYS D 116 -6.27 12.28 34.27
N ARG D 117 -5.02 12.34 34.73
CA ARG D 117 -4.07 13.43 34.37
C ARG D 117 -3.83 13.41 32.86
N ALA D 118 -3.60 12.22 32.27
CA ALA D 118 -3.41 12.06 30.81
C ALA D 118 -4.66 12.59 30.09
N ALA D 119 -5.85 12.30 30.62
CA ALA D 119 -7.15 12.73 30.05
C ALA D 119 -7.24 14.26 30.03
N VAL D 120 -6.74 14.94 31.06
CA VAL D 120 -6.78 16.43 31.14
C VAL D 120 -5.81 16.99 30.09
N VAL D 121 -4.66 16.35 29.92
CA VAL D 121 -3.63 16.77 28.92
C VAL D 121 -4.28 16.72 27.53
N TYR D 122 -4.98 15.64 27.21
CA TYR D 122 -5.71 15.50 25.92
C TYR D 122 -6.80 16.57 25.83
N ARG D 123 -7.53 16.80 26.93
CA ARG D 123 -8.63 17.79 27.01
C ARG D 123 -8.12 19.17 26.58
N ILE D 124 -7.03 19.64 27.20
CA ILE D 124 -6.47 21.00 26.89
C ILE D 124 -5.98 21.01 25.43
N SER D 125 -5.39 19.91 24.96
CA SER D 125 -4.82 19.79 23.58
C SER D 125 -5.92 20.02 22.52
N ARG D 126 -7.18 19.68 22.81
CA ARG D 126 -8.30 19.74 21.84
C ARG D 126 -9.16 20.98 22.09
N PHE D 127 -8.74 21.88 23.01
CA PHE D 127 -9.45 23.15 23.30
C PHE D 127 -9.31 24.07 22.08
N PRO D 128 -10.35 24.82 21.65
CA PRO D 128 -11.67 24.84 22.28
C PRO D 128 -12.75 23.95 21.65
N TYR D 129 -12.44 23.22 20.58
CA TYR D 129 -13.48 22.56 19.74
C TYR D 129 -12.86 21.45 18.88
N VAL D 130 -13.43 20.25 18.96
CA VAL D 130 -13.22 19.15 17.97
C VAL D 130 -14.14 19.43 16.78
N ASP D 131 -13.56 19.74 15.61
CA ASP D 131 -14.34 20.02 14.37
C ASP D 131 -15.01 18.72 13.93
N ILE D 132 -16.33 18.65 14.10
CA ILE D 132 -17.18 17.45 13.79
C ILE D 132 -17.15 17.12 12.29
N THR D 133 -16.66 18.03 11.44
CA THR D 133 -16.56 17.86 9.97
C THR D 133 -15.14 17.45 9.54
N LYS D 134 -14.23 17.24 10.50
CA LYS D 134 -12.81 16.90 10.21
C LYS D 134 -12.42 15.67 11.01
N PRO D 135 -12.85 14.46 10.58
CA PRO D 135 -12.62 13.23 11.34
C PRO D 135 -11.14 12.83 11.46
N ASN D 136 -10.28 13.36 10.59
CA ASN D 136 -8.82 13.08 10.56
C ASN D 136 -8.04 14.13 11.34
N SER D 137 -8.73 15.14 11.90
CA SER D 137 -8.09 16.27 12.64
C SER D 137 -7.39 15.71 13.89
N ILE D 138 -6.28 16.34 14.29
CA ILE D 138 -5.46 15.87 15.45
C ILE D 138 -6.28 16.03 16.75
N LYS D 139 -7.15 17.04 16.83
CA LYS D 139 -8.01 17.26 18.02
C LYS D 139 -8.99 16.09 18.17
N ARG D 140 -9.52 15.56 17.06
CA ARG D 140 -10.38 14.34 17.08
C ARG D 140 -9.55 13.17 17.62
N VAL D 141 -8.32 13.00 17.11
CA VAL D 141 -7.38 11.93 17.59
C VAL D 141 -7.21 12.09 19.11
N ALA D 142 -6.98 13.32 19.58
CA ALA D 142 -6.77 13.65 21.01
C ALA D 142 -8.03 13.27 21.81
N PHE D 143 -9.22 13.58 21.29
CA PHE D 143 -10.51 13.27 21.96
C PHE D 143 -10.67 11.76 22.09
N GLU D 144 -10.37 11.00 21.02
CA GLU D 144 -10.47 9.51 21.03
C GLU D 144 -9.54 8.95 22.11
N ARG D 145 -8.30 9.45 22.19
CA ARG D 145 -7.30 8.99 23.21
C ARG D 145 -7.80 9.39 24.61
N GLN D 146 -8.38 10.57 24.76
CA GLN D 146 -8.91 11.05 26.08
C GLN D 146 -9.95 10.05 26.60
N LYS D 147 -10.90 9.68 25.74
CA LYS D 147 -12.03 8.79 26.10
C LYS D 147 -11.47 7.42 26.51
N GLN D 148 -10.51 6.88 25.76
CA GLN D 148 -9.85 5.59 26.05
C GLN D 148 -9.22 5.67 27.44
N ALA D 149 -8.44 6.72 27.70
CA ALA D 149 -7.69 6.95 28.96
C ALA D 149 -8.67 7.12 30.12
N TYR D 150 -9.74 7.90 29.91
CA TYR D 150 -10.73 8.24 30.95
C TYR D 150 -11.51 6.99 31.37
N LEU D 151 -12.01 6.21 30.41
CA LEU D 151 -12.78 4.95 30.69
C LEU D 151 -11.89 3.98 31.46
N LYS D 152 -10.62 3.85 31.08
CA LYS D 152 -9.63 2.99 31.79
C LYS D 152 -9.49 3.49 33.23
N ALA D 153 -9.36 4.81 33.41
CA ALA D 153 -9.16 5.48 34.71
C ALA D 153 -10.34 5.22 35.66
N THR D 154 -11.56 5.31 35.13
CA THR D 154 -12.83 5.27 35.91
C THR D 154 -13.35 3.83 36.03
N SER D 155 -12.79 2.88 35.28
CA SER D 155 -13.13 1.43 35.37
C SER D 155 -12.71 0.88 36.74
N LEU D 156 -11.74 1.54 37.39
CA LEU D 156 -11.15 1.13 38.68
C LEU D 156 -12.00 1.66 39.85
N TRP D 157 -12.87 2.64 39.61
CA TRP D 157 -13.75 3.24 40.64
C TRP D 157 -14.75 2.19 41.15
N THR D 158 -15.07 2.24 42.45
CA THR D 158 -16.06 1.35 43.12
C THR D 158 -17.39 1.41 42.35
N GLN D 159 -17.83 2.63 42.01
CA GLN D 159 -18.97 2.91 41.11
C GLN D 159 -18.39 3.44 39.81
N PRO D 160 -18.07 2.57 38.83
CA PRO D 160 -17.39 3.00 37.63
C PRO D 160 -18.26 3.80 36.67
N ILE D 161 -17.62 4.66 35.88
CA ILE D 161 -18.34 5.36 34.79
C ILE D 161 -18.44 4.31 33.69
N ARG D 162 -19.63 4.13 33.10
CA ARG D 162 -19.79 3.14 32.02
C ARG D 162 -20.29 3.87 30.78
N GLU D 163 -19.78 3.50 29.61
CA GLU D 163 -20.29 4.05 28.33
C GLU D 163 -21.39 3.12 27.83
N VAL D 164 -22.53 3.70 27.45
CA VAL D 164 -23.63 3.00 26.72
C VAL D 164 -23.80 3.70 25.37
N THR D 165 -23.89 2.94 24.29
CA THR D 165 -24.22 3.44 22.93
C THR D 165 -25.73 3.28 22.76
N VAL D 166 -26.49 4.35 23.02
CA VAL D 166 -27.97 4.35 23.00
C VAL D 166 -28.42 4.39 21.53
N PRO D 167 -29.26 3.46 21.07
CA PRO D 167 -29.76 3.52 19.71
C PRO D 167 -30.62 4.79 19.57
N HIS D 168 -30.37 5.57 18.52
CA HIS D 168 -31.16 6.80 18.26
C HIS D 168 -32.43 6.40 17.51
N THR D 169 -33.38 5.83 18.24
CA THR D 169 -34.64 5.30 17.65
C THR D 169 -35.46 6.40 16.99
N TYR D 170 -35.34 7.64 17.49
CA TYR D 170 -36.10 8.83 17.03
C TYR D 170 -35.30 9.60 15.98
N ARG D 171 -34.19 9.04 15.48
CA ARG D 171 -33.37 9.67 14.41
C ARG D 171 -34.26 9.92 13.18
N THR D 172 -34.11 11.08 12.54
CA THR D 172 -34.71 11.40 11.21
C THR D 172 -33.69 12.20 10.40
N GLY D 173 -33.93 12.32 9.08
CA GLY D 173 -33.11 13.11 8.16
C GLY D 173 -31.63 12.77 8.27
N ASN D 174 -30.79 13.76 8.60
CA ASN D 174 -29.31 13.66 8.59
C ASN D 174 -28.77 13.21 9.95
N ASP D 175 -29.64 12.84 10.90
CA ASP D 175 -29.25 12.34 12.25
C ASP D 175 -28.46 11.03 12.12
N GLY D 176 -27.38 10.89 12.88
CA GLY D 176 -26.63 9.62 13.05
C GLY D 176 -27.43 8.60 13.84
N ALA D 177 -26.91 7.38 13.99
CA ALA D 177 -27.64 6.20 14.50
C ALA D 177 -27.39 5.99 16.00
N HIS D 178 -26.32 6.55 16.55
CA HIS D 178 -25.73 6.13 17.86
C HIS D 178 -25.50 7.35 18.76
N ILE D 179 -25.99 7.28 20.00
CA ILE D 179 -25.78 8.32 21.05
C ILE D 179 -24.94 7.71 22.15
N PRO D 180 -23.60 7.91 22.14
CA PRO D 180 -22.74 7.42 23.22
C PRO D 180 -22.90 8.33 24.45
N ILE D 181 -23.29 7.75 25.59
CA ILE D 181 -23.48 8.48 26.88
C ILE D 181 -22.65 7.79 27.96
N TYR D 182 -22.25 8.54 28.99
CA TYR D 182 -21.69 8.00 30.25
C TYR D 182 -22.82 7.89 31.27
N ILE D 183 -22.89 6.76 31.96
CA ILE D 183 -23.81 6.54 33.11
C ILE D 183 -22.95 6.12 34.31
N ARG D 184 -23.27 6.70 35.47
CA ARG D 184 -22.66 6.33 36.77
C ARG D 184 -23.79 6.20 37.79
N THR D 185 -23.88 5.07 38.48
CA THR D 185 -24.99 4.76 39.40
C THR D 185 -24.43 4.61 40.81
N PRO D 186 -25.13 5.14 41.84
CA PRO D 186 -24.66 5.02 43.22
C PRO D 186 -24.83 3.59 43.72
N ALA D 187 -24.07 3.23 44.76
CA ALA D 187 -24.21 1.96 45.51
C ALA D 187 -25.67 1.79 45.96
N GLY D 188 -26.26 0.62 45.71
CA GLY D 188 -27.60 0.26 46.20
C GLY D 188 -28.70 0.58 45.20
N ALA D 189 -28.36 1.21 44.06
CA ALA D 189 -29.31 1.45 42.94
C ALA D 189 -29.65 0.11 42.27
N ASP D 190 -30.93 -0.27 42.29
CA ASP D 190 -31.43 -1.51 41.63
C ASP D 190 -32.92 -1.35 41.30
N GLN D 191 -33.50 -2.36 40.65
CA GLN D 191 -34.91 -2.38 40.19
C GLN D 191 -35.87 -2.22 41.38
N SER D 192 -35.46 -2.60 42.60
CA SER D 192 -36.30 -2.54 43.83
C SER D 192 -36.23 -1.15 44.46
N ASN D 193 -35.12 -0.43 44.26
CA ASN D 193 -34.87 0.91 44.84
C ASN D 193 -34.22 1.78 43.77
N PRO D 194 -34.99 2.16 42.72
CA PRO D 194 -34.45 2.98 41.62
C PRO D 194 -34.15 4.40 42.10
N VAL D 195 -33.14 5.04 41.51
CA VAL D 195 -32.60 6.33 41.99
C VAL D 195 -32.96 7.44 41.00
N PRO D 196 -33.07 8.69 41.48
CA PRO D 196 -33.21 9.84 40.58
C PRO D 196 -32.04 9.95 39.60
N ILE D 197 -32.24 10.74 38.53
CA ILE D 197 -31.29 10.93 37.41
C ILE D 197 -30.95 12.42 37.34
N VAL D 198 -29.66 12.74 37.25
CA VAL D 198 -29.18 14.08 36.81
C VAL D 198 -28.51 13.89 35.45
N LEU D 199 -29.12 14.42 34.39
CA LEU D 199 -28.61 14.34 33.00
C LEU D 199 -27.80 15.61 32.71
N ILE D 200 -26.49 15.46 32.57
CA ILE D 200 -25.57 16.59 32.23
C ILE D 200 -25.48 16.69 30.71
N MET D 201 -25.82 17.86 30.18
CA MET D 201 -25.66 18.22 28.75
C MET D 201 -24.40 19.10 28.64
N THR D 202 -23.37 18.60 27.96
CA THR D 202 -22.03 19.22 27.93
C THR D 202 -22.05 20.36 26.90
N GLY D 203 -20.88 20.97 26.64
CA GLY D 203 -20.78 22.25 25.92
C GLY D 203 -19.87 22.19 24.69
N LEU D 204 -19.34 23.34 24.30
CA LEU D 204 -18.50 23.51 23.08
C LEU D 204 -17.14 22.85 23.30
N ASP D 205 -16.54 23.00 24.49
CA ASP D 205 -15.15 22.58 24.80
C ASP D 205 -15.12 21.46 25.85
N GLY D 206 -16.21 21.26 26.60
CA GLY D 206 -16.35 20.16 27.58
C GLY D 206 -17.26 19.08 27.04
N TYR D 207 -16.80 17.82 27.03
CA TYR D 207 -17.55 16.64 26.53
C TYR D 207 -17.68 15.63 27.69
N ARG D 208 -18.12 14.40 27.40
CA ARG D 208 -18.60 13.47 28.45
C ARG D 208 -17.49 13.10 29.44
N PRO D 209 -16.18 13.01 29.07
CA PRO D 209 -15.12 12.73 30.05
C PRO D 209 -14.71 13.88 30.99
N ASP D 210 -15.32 15.07 30.88
CA ASP D 210 -14.85 16.32 31.55
C ASP D 210 -15.71 16.67 32.77
N ASN D 211 -16.31 15.69 33.46
CA ASN D 211 -17.36 15.96 34.48
C ASN D 211 -17.19 15.08 35.73
N SER D 212 -15.97 14.63 36.03
CA SER D 212 -15.69 13.69 37.15
C SER D 212 -16.33 14.20 38.45
N GLN D 213 -16.00 15.42 38.87
CA GLN D 213 -16.40 15.96 40.20
C GLN D 213 -17.93 16.08 40.28
N ARG D 214 -18.57 16.53 39.19
CA ARG D 214 -20.06 16.59 39.13
C ARG D 214 -20.63 15.19 39.39
N THR D 215 -20.09 14.13 38.78
CA THR D 215 -20.60 12.75 38.97
C THR D 215 -20.39 12.34 40.44
N HIS D 216 -19.25 12.70 41.05
CA HIS D 216 -18.95 12.43 42.48
C HIS D 216 -20.06 13.03 43.36
N GLU D 217 -20.38 14.31 43.12
CA GLU D 217 -21.37 15.08 43.91
C GLU D 217 -22.78 14.48 43.72
N ILE D 218 -23.11 14.08 42.49
CA ILE D 218 -24.46 13.52 42.15
C ILE D 218 -24.62 12.17 42.86
N LEU D 219 -23.63 11.28 42.74
CA LEU D 219 -23.64 9.94 43.40
C LEU D 219 -23.65 10.09 44.93
N ALA D 220 -22.90 11.06 45.46
CA ALA D 220 -22.82 11.34 46.92
C ALA D 220 -24.22 11.59 47.51
N ARG D 221 -25.11 12.17 46.71
CA ARG D 221 -26.49 12.56 47.09
C ARG D 221 -27.48 11.45 46.69
N GLY D 222 -26.98 10.29 46.25
CA GLY D 222 -27.76 9.07 46.01
C GLY D 222 -28.48 9.08 44.68
N TRP D 223 -27.97 9.86 43.71
CA TRP D 223 -28.55 10.01 42.34
C TRP D 223 -27.61 9.39 41.31
N ALA D 224 -28.15 8.97 40.17
CA ALA D 224 -27.39 8.53 38.99
C ALA D 224 -27.00 9.77 38.18
N ALA D 225 -25.78 9.77 37.65
CA ALA D 225 -25.27 10.79 36.72
C ALA D 225 -25.29 10.20 35.31
N VAL D 226 -25.94 10.89 34.38
CA VAL D 226 -25.91 10.56 32.92
C VAL D 226 -25.29 11.77 32.22
N VAL D 227 -24.36 11.54 31.30
CA VAL D 227 -23.62 12.64 30.61
C VAL D 227 -23.78 12.44 29.09
N ALA D 228 -24.28 13.47 28.40
CA ALA D 228 -24.56 13.46 26.96
C ALA D 228 -24.02 14.75 26.33
N GLU D 229 -23.41 14.63 25.15
CA GLU D 229 -22.93 15.81 24.37
C GLU D 229 -24.11 16.40 23.60
N ILE D 230 -23.98 17.67 23.23
CA ILE D 230 -25.05 18.47 22.57
C ILE D 230 -24.85 18.45 21.06
N PRO D 231 -25.90 18.76 20.28
CA PRO D 231 -25.79 18.86 18.83
C PRO D 231 -24.59 19.69 18.38
N GLY D 232 -23.89 19.20 17.36
CA GLY D 232 -22.76 19.90 16.72
C GLY D 232 -21.47 19.81 17.52
N THR D 233 -21.37 18.87 18.46
CA THR D 233 -20.14 18.60 19.23
C THR D 233 -19.84 17.10 19.28
N ALA D 234 -18.57 16.76 19.46
CA ALA D 234 -18.07 15.46 19.95
C ALA D 234 -18.75 14.31 19.18
N ASP D 235 -19.48 13.43 19.87
CA ASP D 235 -20.07 12.19 19.27
C ASP D 235 -21.59 12.29 19.24
N CYS D 236 -22.15 13.51 19.33
CA CYS D 236 -23.61 13.73 19.23
C CYS D 236 -24.06 13.48 17.79
N PRO D 237 -25.04 12.57 17.57
CA PRO D 237 -25.52 12.25 16.22
C PRO D 237 -26.63 13.16 15.70
N ALA D 238 -27.12 14.10 16.53
CA ALA D 238 -28.16 15.08 16.18
C ALA D 238 -27.66 15.94 15.00
N ASP D 239 -28.53 16.20 14.03
CA ASP D 239 -28.23 17.10 12.88
C ASP D 239 -28.00 18.51 13.42
N PRO D 240 -26.76 19.04 13.37
CA PRO D 240 -26.46 20.35 13.97
C PRO D 240 -27.25 21.48 13.29
N ALA D 241 -27.56 21.30 12.00
CA ALA D 241 -28.24 22.30 11.14
C ALA D 241 -29.76 22.32 11.39
N ASP D 242 -30.30 21.31 12.08
CA ASP D 242 -31.77 21.16 12.32
C ASP D 242 -32.07 21.55 13.77
N PRO D 243 -32.74 22.70 14.02
CA PRO D 243 -33.04 23.13 15.39
C PRO D 243 -33.92 22.16 16.19
N ALA D 244 -34.66 21.27 15.50
CA ALA D 244 -35.52 20.24 16.11
C ALA D 244 -34.71 19.00 16.54
N SER D 245 -33.46 18.86 16.07
CA SER D 245 -32.63 17.65 16.28
C SER D 245 -32.43 17.33 17.77
N PRO D 246 -32.19 18.30 18.69
CA PRO D 246 -32.05 17.98 20.11
C PRO D 246 -33.32 17.33 20.71
N ASP D 247 -34.51 17.74 20.24
CA ASP D 247 -35.81 17.20 20.70
C ASP D 247 -35.82 15.68 20.45
N ARG D 248 -35.41 15.25 19.25
CA ARG D 248 -35.36 13.82 18.85
C ARG D 248 -34.29 13.10 19.69
N LEU D 249 -33.15 13.76 19.92
CA LEU D 249 -32.03 13.21 20.72
C LEU D 249 -32.51 12.84 22.13
N TRP D 250 -33.18 13.77 22.84
CA TRP D 250 -33.64 13.55 24.23
C TRP D 250 -34.78 12.51 24.24
N ASP D 251 -35.61 12.45 23.19
CA ASP D 251 -36.64 11.39 23.05
C ASP D 251 -35.97 10.01 23.14
N SER D 252 -34.88 9.81 22.40
CA SER D 252 -34.13 8.52 22.36
C SER D 252 -33.48 8.25 23.72
N VAL D 253 -32.85 9.26 24.31
CA VAL D 253 -32.15 9.14 25.62
C VAL D 253 -33.19 8.76 26.69
N LEU D 254 -34.31 9.50 26.77
CA LEU D 254 -35.38 9.26 27.78
C LEU D 254 -35.99 7.88 27.59
N SER D 255 -36.19 7.43 26.34
CA SER D 255 -36.71 6.07 26.02
C SER D 255 -35.77 5.02 26.61
N TYR D 256 -34.46 5.22 26.45
CA TYR D 256 -33.41 4.29 26.98
C TYR D 256 -33.47 4.27 28.51
N LEU D 257 -33.44 5.46 29.13
CA LEU D 257 -33.43 5.60 30.62
C LEU D 257 -34.72 4.98 31.18
N ASP D 258 -35.85 5.14 30.48
CA ASP D 258 -37.16 4.53 30.83
C ASP D 258 -36.99 3.02 31.02
N GLN D 259 -36.16 2.38 30.19
CA GLN D 259 -36.01 0.89 30.13
C GLN D 259 -34.88 0.41 31.06
N ARG D 260 -34.22 1.33 31.77
CA ARG D 260 -33.23 0.99 32.83
C ARG D 260 -33.98 0.86 34.16
N PRO D 261 -34.11 -0.35 34.74
CA PRO D 261 -34.94 -0.54 35.94
C PRO D 261 -34.44 0.18 37.20
N GLU D 262 -33.14 0.48 37.29
CA GLU D 262 -32.49 1.08 38.49
C GLU D 262 -32.52 2.61 38.42
N LEU D 263 -32.99 3.20 37.31
CA LEU D 263 -33.09 4.66 37.12
C LEU D 263 -34.56 5.09 37.16
N ASN D 264 -34.87 6.11 37.96
CA ASN D 264 -36.23 6.66 38.14
C ASN D 264 -36.39 7.91 37.28
N THR D 265 -36.96 7.78 36.08
CA THR D 265 -37.18 8.88 35.10
C THR D 265 -38.31 9.80 35.58
N ALA D 266 -39.09 9.37 36.59
CA ALA D 266 -40.10 10.22 37.28
C ALA D 266 -39.41 11.28 38.16
N LYS D 267 -38.11 11.09 38.48
CA LYS D 267 -37.32 12.03 39.31
C LYS D 267 -36.03 12.39 38.57
N MET D 268 -36.14 13.28 37.58
CA MET D 268 -35.06 13.55 36.61
C MET D 268 -34.89 15.07 36.44
N VAL D 269 -33.64 15.51 36.46
CA VAL D 269 -33.25 16.93 36.23
C VAL D 269 -32.19 16.95 35.13
N VAL D 270 -32.18 17.99 34.31
CA VAL D 270 -31.15 18.22 33.26
C VAL D 270 -30.25 19.36 33.72
N TRP D 271 -28.96 19.29 33.38
CA TRP D 271 -27.92 20.26 33.81
C TRP D 271 -27.08 20.65 32.60
N GLY D 272 -27.40 21.80 31.99
CA GLY D 272 -26.73 22.31 30.78
C GLY D 272 -25.54 23.19 31.15
N LEU D 273 -24.35 22.83 30.67
CA LEU D 273 -23.07 23.53 30.98
C LEU D 273 -22.64 24.36 29.77
N SER D 274 -22.60 25.68 29.94
CA SER D 274 -22.12 26.66 28.94
C SER D 274 -22.97 26.53 27.66
N ALA D 275 -22.41 26.04 26.55
CA ALA D 275 -23.19 25.78 25.30
C ALA D 275 -24.33 24.79 25.59
N GLY D 276 -24.17 23.91 26.57
CA GLY D 276 -25.21 22.97 27.03
C GLY D 276 -26.41 23.69 27.64
N GLY D 277 -26.20 24.88 28.21
CA GLY D 277 -27.24 25.72 28.83
C GLY D 277 -28.44 25.89 27.91
N TYR D 278 -28.18 26.23 26.65
CA TYR D 278 -29.20 26.39 25.57
C TYR D 278 -30.12 25.15 25.54
N TYR D 279 -29.53 23.94 25.64
CA TYR D 279 -30.25 22.65 25.47
C TYR D 279 -31.03 22.30 26.73
N ALA D 280 -30.52 22.67 27.91
CA ALA D 280 -31.24 22.52 29.19
C ALA D 280 -32.48 23.44 29.18
N ILE D 281 -32.32 24.70 28.74
CA ILE D 281 -33.45 25.66 28.62
C ILE D 281 -34.47 25.07 27.64
N ARG D 282 -34.03 24.64 26.47
CA ARG D 282 -34.93 24.09 25.41
C ARG D 282 -35.66 22.86 25.95
N ALA D 283 -34.95 21.93 26.59
CA ALA D 283 -35.49 20.67 27.16
C ALA D 283 -36.52 21.00 28.25
N ALA D 284 -36.25 22.03 29.05
CA ALA D 284 -37.14 22.53 30.13
C ALA D 284 -38.53 22.86 29.56
N HIS D 285 -38.61 23.27 28.29
CA HIS D 285 -39.87 23.56 27.56
C HIS D 285 -40.38 22.31 26.84
N THR D 286 -39.55 21.69 25.98
CA THR D 286 -39.97 20.63 25.03
C THR D 286 -40.30 19.33 25.78
N HIS D 287 -39.64 19.07 26.92
CA HIS D 287 -39.79 17.83 27.73
C HIS D 287 -40.20 18.19 29.17
N ARG D 288 -40.95 19.28 29.34
CA ARG D 288 -41.42 19.76 30.66
C ARG D 288 -42.17 18.65 31.41
N ASP D 289 -42.93 17.81 30.69
CA ASP D 289 -43.78 16.73 31.27
C ASP D 289 -42.93 15.55 31.74
N ARG D 290 -41.62 15.52 31.41
CA ARG D 290 -40.70 14.39 31.72
C ARG D 290 -39.64 14.80 32.76
N LEU D 291 -39.57 16.08 33.12
CA LEU D 291 -38.48 16.64 33.98
C LEU D 291 -39.08 17.33 35.21
N LEU D 292 -38.42 17.18 36.37
CA LEU D 292 -38.73 17.92 37.62
C LEU D 292 -38.03 19.27 37.59
N GLY D 293 -36.94 19.40 36.84
CA GLY D 293 -36.13 20.63 36.85
C GLY D 293 -35.05 20.62 35.79
N ALA D 294 -34.50 21.81 35.52
CA ALA D 294 -33.36 22.04 34.61
C ALA D 294 -32.48 23.13 35.21
N ILE D 295 -31.16 22.94 35.19
CA ILE D 295 -30.18 24.02 35.47
C ILE D 295 -29.52 24.42 34.15
N ALA D 296 -29.50 25.72 33.83
CA ALA D 296 -28.76 26.27 32.67
C ALA D 296 -27.63 27.15 33.21
N HIS D 297 -26.39 26.69 33.04
CA HIS D 297 -25.16 27.24 33.65
C HIS D 297 -24.37 27.99 32.57
N GLY D 298 -24.33 29.33 32.66
CA GLY D 298 -23.76 30.21 31.62
C GLY D 298 -24.46 30.04 30.28
N PRO D 299 -25.80 30.19 30.21
CA PRO D 299 -26.54 29.90 28.97
C PRO D 299 -26.65 31.08 28.00
N GLY D 300 -26.64 30.78 26.70
CA GLY D 300 -27.16 31.64 25.62
C GLY D 300 -28.46 31.05 25.10
N CYS D 301 -29.42 31.90 24.70
CA CYS D 301 -30.69 31.43 24.07
C CYS D 301 -31.20 32.41 23.01
N HIS D 302 -30.65 33.63 22.88
CA HIS D 302 -31.20 34.66 21.96
C HIS D 302 -30.13 35.69 21.57
N TYR D 303 -29.76 36.56 22.50
CA TYR D 303 -28.84 37.71 22.27
C TYR D 303 -27.40 37.23 22.00
N TYR D 304 -27.04 35.99 22.34
CA TYR D 304 -25.67 35.46 22.07
C TYR D 304 -25.46 35.36 20.55
N LEU D 305 -26.54 35.31 19.77
CA LEU D 305 -26.50 35.22 18.29
C LEU D 305 -26.82 36.59 17.65
N ASP D 306 -27.05 37.63 18.46
CA ASP D 306 -27.21 39.03 17.96
C ASP D 306 -25.93 39.40 17.22
N PRO D 307 -26.01 39.80 15.93
CA PRO D 307 -24.82 40.23 15.17
C PRO D 307 -23.93 41.24 15.91
N GLU D 308 -24.52 42.13 16.72
CA GLU D 308 -23.78 43.15 17.50
C GLU D 308 -22.98 42.48 18.62
N TRP D 309 -23.53 41.42 19.22
CA TRP D 309 -22.83 40.60 20.24
C TRP D 309 -21.70 39.79 19.58
N LEU D 310 -22.01 39.13 18.45
CA LEU D 310 -21.05 38.28 17.69
C LEU D 310 -19.90 39.13 17.13
N ALA D 311 -20.11 40.43 16.93
CA ALA D 311 -19.09 41.40 16.46
C ALA D 311 -17.94 41.49 17.48
N LYS D 312 -18.22 41.35 18.77
CA LYS D 312 -17.25 41.61 19.86
C LYS D 312 -16.94 40.34 20.68
N VAL D 313 -17.61 39.21 20.42
CA VAL D 313 -17.56 38.02 21.31
C VAL D 313 -16.14 37.42 21.34
N ASN D 314 -15.36 37.55 20.26
CA ASN D 314 -13.98 37.01 20.18
C ASN D 314 -13.00 37.87 21.00
N ASP D 315 -13.46 38.99 21.55
CA ASP D 315 -12.60 40.02 22.20
C ASP D 315 -12.68 39.93 23.74
N HIS D 316 -13.47 39.01 24.30
CA HIS D 316 -13.74 38.94 25.76
C HIS D 316 -13.01 37.73 26.35
N GLU D 317 -13.55 37.09 27.39
CA GLU D 317 -12.78 36.24 28.33
C GLU D 317 -12.54 34.85 27.74
N TYR D 318 -13.23 34.43 26.67
CA TYR D 318 -13.00 33.08 26.10
C TYR D 318 -11.54 32.98 25.68
N PRO D 319 -10.81 31.89 26.05
CA PRO D 319 -9.37 31.81 25.86
C PRO D 319 -8.87 31.99 24.42
N PHE D 320 -9.68 31.60 23.43
CA PHE D 320 -9.37 31.70 21.98
C PHE D 320 -10.61 32.15 21.21
N GLU D 321 -10.45 32.39 19.92
CA GLU D 321 -11.55 32.74 18.99
C GLU D 321 -12.64 31.66 19.13
N ILE D 322 -13.91 32.08 19.25
CA ILE D 322 -15.06 31.15 19.50
C ILE D 322 -15.99 31.09 18.27
N THR D 323 -16.05 32.12 17.42
CA THR D 323 -17.06 32.27 16.34
C THR D 323 -16.90 31.15 15.29
N ALA D 324 -15.66 30.78 14.93
CA ALA D 324 -15.39 29.69 13.94
C ALA D 324 -16.00 28.39 14.46
N ALA D 325 -15.73 28.04 15.72
CA ALA D 325 -16.28 26.85 16.41
C ALA D 325 -17.80 26.92 16.47
N TRP D 326 -18.35 28.07 16.86
CA TRP D 326 -19.81 28.29 17.00
C TRP D 326 -20.50 28.06 15.65
N ALA D 327 -19.94 28.59 14.57
CA ALA D 327 -20.47 28.43 13.19
C ALA D 327 -20.66 26.93 12.90
N THR D 328 -19.61 26.13 13.13
CA THR D 328 -19.58 24.67 12.86
C THR D 328 -20.60 23.97 13.76
N LYS D 329 -20.60 24.31 15.05
CA LYS D 329 -21.49 23.70 16.09
C LYS D 329 -22.97 23.96 15.73
N HIS D 330 -23.25 25.09 15.07
CA HIS D 330 -24.62 25.49 14.62
C HIS D 330 -24.92 24.98 13.21
N GLY D 331 -24.04 24.14 12.64
CA GLY D 331 -24.26 23.44 11.36
C GLY D 331 -24.04 24.33 10.14
N TYR D 332 -23.29 25.42 10.29
CA TYR D 332 -23.02 26.39 9.19
C TYR D 332 -21.68 26.07 8.51
N LYS D 333 -21.66 26.20 7.18
CA LYS D 333 -20.47 25.91 6.33
C LYS D 333 -19.46 27.06 6.46
N THR D 334 -19.93 28.29 6.68
CA THR D 334 -19.09 29.51 6.84
C THR D 334 -19.56 30.31 8.07
N VAL D 335 -18.67 31.14 8.62
CA VAL D 335 -18.95 32.02 9.80
C VAL D 335 -19.87 33.17 9.33
N GLU D 336 -19.73 33.59 8.07
CA GLU D 336 -20.57 34.67 7.46
C GLU D 336 -22.05 34.24 7.50
N GLU D 337 -22.35 33.00 7.09
CA GLU D 337 -23.71 32.41 7.12
C GLU D 337 -24.23 32.37 8.56
N PHE D 338 -23.38 31.93 9.49
CA PHE D 338 -23.69 31.82 10.94
C PHE D 338 -24.13 33.20 11.47
N VAL D 339 -23.29 34.22 11.25
CA VAL D 339 -23.53 35.61 11.76
C VAL D 339 -24.83 36.15 11.16
N ALA D 340 -25.08 35.86 9.88
CA ALA D 340 -26.23 36.38 9.10
C ALA D 340 -27.55 35.75 9.57
N GLY D 341 -27.57 34.44 9.83
CA GLY D 341 -28.80 33.63 9.88
C GLY D 341 -29.06 32.92 11.19
N ALA D 342 -28.08 32.78 12.09
CA ALA D 342 -28.14 31.89 13.27
C ALA D 342 -29.23 32.35 14.24
N GLN D 343 -29.33 33.65 14.54
CA GLN D 343 -30.28 34.16 15.57
C GLN D 343 -31.72 33.80 15.17
N LYS D 344 -32.15 34.17 13.97
CA LYS D 344 -33.52 33.90 13.45
C LYS D 344 -33.79 32.39 13.49
N LYS D 345 -32.77 31.56 13.22
CA LYS D 345 -32.91 30.09 13.09
C LYS D 345 -32.94 29.40 14.46
N PHE D 346 -32.08 29.79 15.40
CA PHE D 346 -31.78 29.01 16.64
C PHE D 346 -32.27 29.71 17.91
N SER D 347 -32.47 31.03 17.92
CA SER D 347 -32.98 31.76 19.11
C SER D 347 -34.23 31.04 19.64
N LEU D 348 -34.26 30.70 20.93
CA LEU D 348 -35.43 30.09 21.59
C LEU D 348 -36.53 31.14 21.77
N VAL D 349 -36.17 32.42 21.72
CA VAL D 349 -37.12 33.58 21.76
C VAL D 349 -37.75 33.76 20.37
N GLU D 350 -36.92 33.91 19.33
CA GLU D 350 -37.37 34.18 17.93
C GLU D 350 -38.26 33.03 17.44
N THR D 351 -37.90 31.78 17.77
CA THR D 351 -38.59 30.57 17.26
C THR D 351 -39.81 30.25 18.14
N GLY D 352 -39.93 30.88 19.31
CA GLY D 352 -41.15 30.84 20.15
C GLY D 352 -41.15 29.70 21.15
N ILE D 353 -40.03 29.00 21.33
CA ILE D 353 -39.89 27.89 22.31
C ILE D 353 -40.25 28.41 23.71
N VAL D 354 -39.80 29.62 24.04
CA VAL D 354 -39.92 30.26 25.40
C VAL D 354 -41.39 30.62 25.70
N ASP D 355 -42.27 30.65 24.69
CA ASP D 355 -43.68 31.07 24.86
C ASP D 355 -44.53 29.87 25.33
N GLN D 356 -43.91 28.71 25.52
CA GLN D 356 -44.53 27.50 26.13
C GLN D 356 -44.20 27.50 27.62
N PRO D 357 -44.97 26.77 28.47
CA PRO D 357 -44.56 26.54 29.84
C PRO D 357 -43.26 25.72 29.89
N SER D 358 -42.65 25.66 31.07
CA SER D 358 -41.42 24.85 31.31
C SER D 358 -41.48 24.24 32.72
N CYS D 359 -40.71 23.18 32.96
CA CYS D 359 -40.43 22.68 34.33
C CYS D 359 -39.63 23.77 35.05
N ARG D 360 -39.38 23.59 36.35
CA ARG D 360 -38.51 24.53 37.13
C ARG D 360 -37.19 24.68 36.37
N LEU D 361 -36.76 25.93 36.16
CA LEU D 361 -35.53 26.26 35.40
C LEU D 361 -34.69 27.21 36.24
N LEU D 362 -33.51 26.76 36.69
CA LEU D 362 -32.53 27.58 37.43
C LEU D 362 -31.48 28.12 36.44
N LEU D 363 -31.34 29.44 36.39
CA LEU D 363 -30.38 30.17 35.53
C LEU D 363 -29.24 30.68 36.40
N LEU D 364 -28.00 30.27 36.11
CA LEU D 364 -26.80 30.67 36.88
C LEU D 364 -25.78 31.26 35.90
N ASN D 365 -25.20 32.41 36.23
CA ASN D 365 -24.14 33.04 35.41
C ASN D 365 -23.54 34.24 36.13
N GLY D 366 -22.33 34.62 35.73
CA GLY D 366 -21.74 35.93 36.05
C GLY D 366 -22.47 37.01 35.31
N VAL D 367 -22.70 38.16 35.95
CA VAL D 367 -23.39 39.34 35.34
C VAL D 367 -22.53 39.89 34.20
N ASP D 368 -21.20 39.82 34.35
CA ASP D 368 -20.23 40.42 33.39
C ASP D 368 -19.73 39.35 32.41
N ASP D 369 -20.60 38.43 32.00
CA ASP D 369 -20.31 37.40 30.96
C ASP D 369 -20.12 38.11 29.62
N GLY D 370 -18.97 37.91 28.98
CA GLY D 370 -18.62 38.46 27.66
C GLY D 370 -18.65 37.40 26.56
N VAL D 371 -19.06 36.18 26.88
CA VAL D 371 -19.19 35.05 25.91
C VAL D 371 -20.66 34.93 25.52
N VAL D 372 -21.55 34.82 26.51
CA VAL D 372 -23.03 34.92 26.31
C VAL D 372 -23.55 36.02 27.24
N PRO D 373 -24.47 36.88 26.78
CA PRO D 373 -24.85 38.06 27.56
C PRO D 373 -25.75 37.64 28.73
N ILE D 374 -25.62 38.30 29.88
CA ILE D 374 -26.52 38.05 31.05
C ILE D 374 -27.98 38.30 30.62
N GLU D 375 -28.19 39.15 29.62
CA GLU D 375 -29.53 39.43 29.03
C GLU D 375 -30.23 38.11 28.61
N ASP D 376 -29.48 37.06 28.26
CA ASP D 376 -30.05 35.77 27.80
C ASP D 376 -30.62 34.98 28.99
N CYS D 377 -30.18 35.27 30.21
CA CYS D 377 -30.87 34.81 31.44
C CYS D 377 -32.09 35.70 31.70
N LEU D 378 -31.91 37.03 31.64
CA LEU D 378 -32.93 38.03 32.07
C LEU D 378 -34.18 37.93 31.18
N VAL D 379 -33.99 37.77 29.87
CA VAL D 379 -35.11 37.74 28.87
C VAL D 379 -36.08 36.61 29.23
N LEU D 380 -35.60 35.51 29.82
CA LEU D 380 -36.43 34.30 30.08
C LEU D 380 -37.47 34.58 31.17
N PHE D 381 -37.29 35.62 31.97
CA PHE D 381 -38.27 36.04 33.03
C PHE D 381 -39.50 36.70 32.39
N GLU D 382 -39.42 37.06 31.11
CA GLU D 382 -40.48 37.83 30.38
C GLU D 382 -41.28 36.91 29.45
N HIS D 383 -41.15 35.58 29.61
CA HIS D 383 -41.84 34.57 28.77
C HIS D 383 -42.29 33.39 29.63
N GLY D 384 -43.38 32.74 29.23
CA GLY D 384 -43.82 31.43 29.75
C GLY D 384 -43.90 31.38 31.26
N SER D 385 -43.36 30.32 31.86
CA SER D 385 -43.43 30.02 33.32
C SER D 385 -42.43 30.91 34.07
N PRO D 386 -42.64 31.15 35.39
CA PRO D 386 -41.63 31.79 36.20
C PRO D 386 -40.30 31.00 36.08
N LYS D 387 -39.18 31.71 36.06
CA LYS D 387 -37.83 31.12 36.06
C LYS D 387 -37.18 31.41 37.42
N GLU D 388 -36.14 30.64 37.76
CA GLU D 388 -35.31 30.88 38.97
C GLU D 388 -33.90 31.30 38.52
N GLY D 389 -33.22 32.12 39.33
CA GLY D 389 -31.92 32.68 38.93
C GLY D 389 -31.08 33.13 40.11
N ARG D 390 -29.78 33.00 39.96
CA ARG D 390 -28.76 33.68 40.79
C ARG D 390 -27.66 34.15 39.83
N PHE D 391 -27.42 35.45 39.79
CA PHE D 391 -26.44 36.10 38.88
C PHE D 391 -25.40 36.81 39.74
N TYR D 392 -24.12 36.63 39.42
CA TYR D 392 -22.97 36.98 40.29
C TYR D 392 -22.34 38.29 39.80
N LYS D 393 -22.48 39.34 40.61
CA LYS D 393 -21.95 40.69 40.34
C LYS D 393 -20.48 40.59 39.91
N GLY D 394 -20.15 41.22 38.79
CA GLY D 394 -18.76 41.47 38.35
C GLY D 394 -18.03 40.24 37.85
N LEU D 395 -18.67 39.06 37.83
CA LEU D 395 -18.02 37.79 37.43
C LEU D 395 -18.24 37.54 35.94
N PRO D 396 -17.24 36.93 35.25
CA PRO D 396 -17.35 36.57 33.85
C PRO D 396 -18.11 35.25 33.63
N HIS D 397 -18.04 34.71 32.41
CA HIS D 397 -18.79 33.50 31.95
C HIS D 397 -18.75 32.40 33.02
N MET D 398 -19.93 31.92 33.44
CA MET D 398 -20.19 30.77 34.35
C MET D 398 -20.25 31.22 35.82
N GLY D 399 -19.62 32.34 36.17
CA GLY D 399 -19.62 32.87 37.56
C GLY D 399 -18.97 31.90 38.54
N TYR D 400 -17.97 31.14 38.10
CA TYR D 400 -17.18 30.20 38.95
C TYR D 400 -16.25 31.01 39.83
N PRO D 401 -15.88 30.52 41.04
CA PRO D 401 -16.39 29.25 41.59
C PRO D 401 -17.74 29.39 42.31
N ASN D 402 -18.21 30.63 42.49
CA ASN D 402 -19.37 31.00 43.33
C ASN D 402 -20.60 30.18 42.93
N SER D 403 -20.81 29.95 41.63
CA SER D 403 -22.06 29.40 41.03
C SER D 403 -22.17 27.88 41.22
N LEU D 404 -21.11 27.20 41.67
CA LEU D 404 -21.10 25.70 41.71
C LEU D 404 -21.92 25.19 42.88
N PRO D 405 -21.65 25.58 44.15
CA PRO D 405 -22.34 25.00 45.30
C PRO D 405 -23.87 25.16 45.30
N VAL D 406 -24.39 26.31 44.85
CA VAL D 406 -25.86 26.60 44.83
C VAL D 406 -26.55 25.59 43.91
N SER D 407 -25.86 25.09 42.87
CA SER D 407 -26.37 24.05 41.95
C SER D 407 -26.87 22.84 42.76
N TYR D 408 -26.05 22.36 43.71
CA TYR D 408 -26.35 21.13 44.50
C TYR D 408 -27.45 21.41 45.52
N GLU D 409 -27.44 22.59 46.16
CA GLU D 409 -28.51 23.03 47.09
C GLU D 409 -29.86 22.95 46.36
N TRP D 410 -29.91 23.44 45.11
CA TRP D 410 -31.13 23.48 44.28
C TRP D 410 -31.55 22.07 43.86
N LEU D 411 -30.60 21.24 43.39
CA LEU D 411 -30.88 19.82 43.03
C LEU D 411 -31.50 19.09 44.24
N GLU D 412 -30.94 19.29 45.43
CA GLU D 412 -31.40 18.65 46.69
C GLU D 412 -32.86 19.06 46.94
N GLN D 413 -33.19 20.33 46.73
CA GLN D 413 -34.57 20.86 46.94
CA GLN D 413 -34.56 20.87 46.94
C GLN D 413 -35.52 20.19 45.95
N VAL D 414 -35.15 20.15 44.66
CA VAL D 414 -36.01 19.68 43.54
C VAL D 414 -36.19 18.15 43.62
N LEU D 415 -35.14 17.40 43.99
CA LEU D 415 -35.17 15.91 44.04
C LEU D 415 -35.49 15.41 45.45
N ALA D 416 -35.98 16.29 46.33
CA ALA D 416 -36.25 16.02 47.76
C ALA D 416 -37.36 14.96 47.89
N SER D 417 -37.14 13.96 48.75
CA SER D 417 -38.12 12.89 49.09
C SER D 417 -39.12 13.41 50.12
#